data_7L86
#
_entry.id   7L86
#
loop_
_entity.id
_entity.type
_entity.pdbx_description
1 polymer 'Rh.32034 pAbC-1 - Heavy Chain'
2 polymer 'Rh.32034 pAbC-1 - Light Chain'
3 polymer 'BG505 SOSIP MD39 - gp120'
4 polymer 'BG505 SOSIP MD39 - gp41'
5 branched 2-acetamido-2-deoxy-beta-D-glucopyranose-(1-4)-2-acetamido-2-deoxy-beta-D-glucopyranose
6 branched alpha-D-mannopyranose-(1-3)-[alpha-D-mannopyranose-(1-6)]beta-D-mannopyranose-(1-4)-2-acetamido-2-deoxy-beta-D-glucopyranose-(1-4)-2-acetamido-2-deoxy-beta-D-glucopyranose
7 non-polymer 2-acetamido-2-deoxy-beta-D-glucopyranose
#
loop_
_entity_poly.entity_id
_entity_poly.type
_entity_poly.pdbx_seq_one_letter_code
_entity_poly.pdbx_strand_id
1 'polypeptide(L)'
;(UNK)(UNK)(UNK)(UNK)(UNK)(UNK)(UNK)(UNK)(UNK)(UNK)(UNK)(UNK)(UNK)(UNK)(UNK)(UNK)
(UNK)(UNK)(UNK)(UNK)(UNK)(UNK)(UNK)(UNK)(UNK)(UNK)(UNK)(UNK)(UNK)(UNK)(UNK)(UNK)
(UNK)(UNK)(UNK)(UNK)(UNK)(UNK)(UNK)(UNK)(UNK)(UNK)(UNK)(UNK)(UNK)(UNK)(UNK)(UNK)
(UNK)(UNK)(UNK)(UNK)(UNK)(UNK)(UNK)(UNK)(UNK)(UNK)(UNK)(UNK)(UNK)(UNK)(UNK)(UNK)
(UNK)(UNK)(UNK)(UNK)(UNK)(UNK)(UNK)(UNK)(UNK)(UNK)(UNK)(UNK)(UNK)(UNK)(UNK)(UNK)
(UNK)(UNK)(UNK)(UNK)(UNK)(UNK)(UNK)(UNK)(UNK)(UNK)(UNK)(UNK)(UNK)(UNK)(UNK)(UNK)
(UNK)(UNK)(UNK)(UNK)(UNK)(UNK)(UNK)(UNK)(UNK)(UNK)(UNK)(UNK)(UNK)(UNK)(UNK)(UNK)
(UNK)(UNK)(UNK)(UNK)(UNK)(UNK)(UNK)
;
H
2 'polypeptide(L)'
;(UNK)(UNK)(UNK)(UNK)(UNK)(UNK)(UNK)(UNK)(UNK)(UNK)(UNK)(UNK)(UNK)(UNK)(UNK)(UNK)
(UNK)(UNK)(UNK)(UNK)(UNK)(UNK)(UNK)(UNK)(UNK)(UNK)(UNK)(UNK)(UNK)(UNK)(UNK)(UNK)
(UNK)(UNK)(UNK)(UNK)(UNK)(UNK)(UNK)(UNK)(UNK)(UNK)(UNK)(UNK)(UNK)(UNK)(UNK)(UNK)
(UNK)(UNK)(UNK)(UNK)(UNK)(UNK)(UNK)(UNK)(UNK)(UNK)(UNK)(UNK)(UNK)(UNK)(UNK)(UNK)
(UNK)(UNK)(UNK)(UNK)(UNK)(UNK)(UNK)(UNK)(UNK)(UNK)(UNK)(UNK)(UNK)(UNK)(UNK)(UNK)
(UNK)(UNK)(UNK)(UNK)(UNK)(UNK)(UNK)(UNK)(UNK)(UNK)(UNK)(UNK)(UNK)(UNK)(UNK)(UNK)
(UNK)(UNK)(UNK)(UNK)(UNK)(UNK)(UNK)(UNK)(UNK)
;
L
3 'polypeptide(L)'
;MGILPSPGMPALLSLVSLLMGCVAETGAENLWVTVYYGVPVWKDAETTLFCASDAKAYETKKHNVWATHCCVPTDPNPQE
IHLENVTEEFNMWKNNMVEQMHEDIISLWDQSLKPCVKLTPLCVTLQCTNVTNNITDDMRGELKNCSFNMTTELRDKKQK
VYSLFYRLDVVQINENQGNRSNNSNKEYRLINCNTSAITQACPKVSFEPIPIHYCAPAGFAILKCKDKKFNGTGPCPSVS
TVQCTHGIKPVVSTQLLLNGSLAEEEVIIRSENITNNAKNILVQLNTPVQINCTRPNNNTVKSIRIGPGQWFYYTGDIIG
DIRQAHCNVSKATWNETLGKVVKQLRKHFGNNTIIRFAQSSGGDLEVTTHSFNCGGEFFYCNTSGLFNSTWISNTSVQGS
NSTGSNDSITLPCRIKQIINMWQRIGQAMYAPPIQGVIRCVSNITGLILTRDGGSTNSTTETFRPGGGDMRDNWRSELYK
YKVVKIEPLGVAPTRCKRRV
;
E,C,A
4 'polypeptide(L)'
;SLGFLGAAGSTMGAASMTLTVQARNLLSGIVQQQSNLLRAPEPQQHLLKDTHWGIKQLQARVLAVEHYLRDQQLLGIWGC
SGKLICCTNVPWNSSWSNRNLSEIWDNMTWLQWDKEISNYTQIIYGLLEESQNQQEKNEQDLLALD
;
F,D,B
#
loop_
_chem_comp.id
_chem_comp.type
_chem_comp.name
_chem_comp.formula
BMA D-saccharide, beta linking beta-D-mannopyranose 'C6 H12 O6'
MAN D-saccharide, alpha linking alpha-D-mannopyranose 'C6 H12 O6'
NAG D-saccharide, beta linking 2-acetamido-2-deoxy-beta-D-glucopyranose 'C8 H15 N O6'
#
# COMPACT_ATOMS: atom_id res chain seq x y z
N UNK A 1 -34.38 -54.58 1.26
CA UNK A 1 -35.74 -54.04 1.34
C UNK A 1 -36.57 -54.69 0.23
N UNK A 2 -37.87 -54.93 0.53
CA UNK A 2 -38.85 -55.52 -0.39
C UNK A 2 -40.23 -55.00 -0.08
N UNK A 3 -41.13 -55.07 -1.07
CA UNK A 3 -42.50 -54.68 -0.84
C UNK A 3 -43.42 -55.45 -1.77
N UNK A 4 -44.68 -55.56 -1.36
CA UNK A 4 -45.68 -56.23 -2.19
C UNK A 4 -47.05 -55.62 -2.01
N UNK A 5 -47.88 -55.75 -3.06
CA UNK A 5 -49.24 -55.25 -3.02
C UNK A 5 -50.27 -56.37 -3.07
N UNK A 6 -51.40 -56.12 -2.40
CA UNK A 6 -52.56 -56.99 -2.35
C UNK A 6 -53.71 -56.34 -3.10
N UNK A 7 -54.40 -57.15 -3.89
CA UNK A 7 -55.52 -56.74 -4.72
C UNK A 7 -56.87 -56.64 -4.04
N UNK A 8 -57.72 -55.89 -4.72
CA UNK A 8 -59.14 -55.70 -4.48
C UNK A 8 -59.69 -55.68 -5.90
N UNK A 9 -60.88 -56.21 -6.18
CA UNK A 9 -61.28 -56.21 -7.58
C UNK A 9 -62.79 -56.32 -7.83
N UNK A 10 -63.16 -55.90 -9.04
CA UNK A 10 -64.48 -55.98 -9.65
C UNK A 10 -65.59 -55.29 -8.88
N UNK A 11 -65.30 -54.16 -8.27
CA UNK A 11 -66.34 -53.42 -7.58
C UNK A 11 -67.04 -52.56 -8.60
N UNK A 12 -67.74 -53.19 -9.52
CA UNK A 12 -68.27 -52.44 -10.62
C UNK A 12 -69.15 -51.34 -10.10
N UNK A 13 -68.82 -50.13 -10.53
CA UNK A 13 -69.54 -48.93 -10.14
C UNK A 13 -69.72 -48.83 -8.62
N UNK A 14 -68.74 -49.23 -7.82
CA UNK A 14 -68.90 -49.17 -6.38
C UNK A 14 -67.58 -49.00 -5.65
N UNK A 15 -67.59 -48.43 -4.47
CA UNK A 15 -66.32 -48.33 -3.81
C UNK A 15 -65.73 -49.71 -3.59
N UNK A 16 -64.46 -49.82 -3.92
CA UNK A 16 -63.68 -51.03 -3.76
C UNK A 16 -63.10 -51.17 -2.38
N UNK A 17 -62.84 -52.41 -2.05
CA UNK A 17 -62.16 -52.74 -0.82
C UNK A 17 -60.80 -52.12 -0.89
N UNK A 18 -60.28 -51.71 0.25
CA UNK A 18 -58.99 -51.09 0.23
C UNK A 18 -57.93 -51.98 -0.30
N UNK A 19 -57.07 -51.39 -1.11
CA UNK A 19 -55.91 -52.05 -1.62
C UNK A 19 -54.94 -52.06 -0.50
N UNK A 20 -53.99 -52.96 -0.50
CA UNK A 20 -53.06 -52.93 0.61
C UNK A 20 -51.68 -53.29 0.19
N UNK A 21 -50.73 -52.92 1.02
CA UNK A 21 -49.35 -53.23 0.74
C UNK A 21 -48.57 -53.40 2.02
N UNK A 22 -47.46 -54.09 1.92
CA UNK A 22 -46.64 -54.27 3.09
C UNK A 22 -45.20 -54.24 2.74
N UNK A 23 -44.42 -53.83 3.74
CA UNK A 23 -42.99 -53.70 3.63
C UNK A 23 -42.28 -54.82 4.33
N UNK A 24 -41.07 -55.08 3.86
CA UNK A 24 -40.19 -56.02 4.48
C UNK A 24 -38.76 -55.53 4.42
N UNK A 25 -37.98 -55.85 5.44
CA UNK A 25 -36.56 -55.49 5.50
C UNK A 25 -36.37 -53.97 5.31
N UNK A 26 -37.27 -53.20 5.92
CA UNK A 26 -37.24 -51.76 5.87
C UNK A 26 -37.96 -51.21 7.09
N UNK A 27 -37.64 -49.99 7.50
CA UNK A 27 -38.38 -49.37 8.59
C UNK A 27 -39.51 -48.55 8.01
N UNK A 28 -40.75 -48.98 8.18
CA UNK A 28 -41.87 -48.27 7.57
C UNK A 28 -41.97 -46.84 8.11
N UNK A 29 -41.61 -46.65 9.36
CA UNK A 29 -41.71 -45.35 10.00
C UNK A 29 -40.70 -44.33 9.46
N UNK A 30 -39.68 -44.80 8.75
CA UNK A 30 -38.63 -43.94 8.24
C UNK A 30 -38.93 -43.36 6.85
N UNK A 31 -40.03 -43.75 6.24
CA UNK A 31 -40.26 -43.26 4.88
C UNK A 31 -41.69 -42.90 4.63
N UNK A 32 -41.88 -41.97 3.74
CA UNK A 32 -43.21 -41.61 3.35
C UNK A 32 -43.70 -42.68 2.41
N UNK A 33 -44.97 -42.98 2.49
CA UNK A 33 -45.60 -43.91 1.57
C UNK A 33 -46.03 -43.16 0.35
N UNK A 34 -46.05 -43.82 -0.78
CA UNK A 34 -46.55 -43.19 -1.98
C UNK A 34 -47.28 -44.20 -2.83
N UNK A 35 -48.23 -43.71 -3.62
CA UNK A 35 -48.95 -44.58 -4.52
C UNK A 35 -49.15 -43.93 -5.85
N UNK A 36 -49.11 -44.77 -6.88
CA UNK A 36 -49.35 -44.38 -8.25
C UNK A 36 -49.90 -45.57 -8.96
N UNK A 37 -50.56 -45.35 -10.07
CA UNK A 37 -51.07 -46.51 -10.79
C UNK A 37 -50.98 -46.34 -12.28
N UNK A 38 -50.79 -47.45 -12.98
CA UNK A 38 -50.72 -47.48 -14.42
C UNK A 38 -52.07 -47.70 -15.03
N UNK A 39 -52.64 -46.62 -15.52
CA UNK A 39 -53.97 -46.68 -16.06
C UNK A 39 -53.96 -47.50 -17.30
N UNK A 40 -55.03 -48.28 -17.47
CA UNK A 40 -55.22 -49.09 -18.66
C UNK A 40 -53.90 -49.75 -19.04
N UNK A 41 -53.46 -49.46 -20.25
CA UNK A 41 -52.20 -49.91 -20.75
C UNK A 41 -51.60 -48.70 -21.41
N UNK A 42 -51.68 -47.59 -20.66
CA UNK A 42 -51.25 -46.29 -21.14
C UNK A 42 -50.18 -45.60 -20.30
N UNK A 43 -50.50 -45.23 -19.05
CA UNK A 43 -49.49 -44.46 -18.30
C UNK A 43 -49.66 -44.46 -16.80
N UNK A 44 -48.54 -44.28 -16.10
CA UNK A 44 -48.53 -44.13 -14.66
C UNK A 44 -48.87 -42.73 -14.22
N UNK A 45 -49.59 -42.63 -13.11
CA UNK A 45 -49.84 -41.34 -12.52
C UNK A 45 -50.00 -41.43 -11.02
N UNK A 46 -49.60 -40.36 -10.33
CA UNK A 46 -49.70 -40.28 -8.89
C UNK A 46 -51.12 -40.42 -8.44
N UNK A 47 -51.31 -41.14 -7.35
CA UNK A 47 -52.60 -41.34 -6.75
C UNK A 47 -52.69 -40.76 -5.34
N UNK A 48 -51.63 -40.96 -4.55
CA UNK A 48 -51.67 -40.57 -3.14
C UNK A 48 -50.31 -40.52 -2.46
N UNK A 49 -50.31 -39.94 -1.27
CA UNK A 49 -49.13 -39.98 -0.42
C UNK A 49 -49.51 -39.94 1.05
N UNK A 50 -48.63 -40.47 1.89
CA UNK A 50 -48.82 -40.39 3.32
C UNK A 50 -47.46 -40.23 3.96
N UNK A 51 -47.29 -39.15 4.69
CA UNK A 51 -46.00 -38.83 5.27
C UNK A 51 -45.63 -39.79 6.37
N UNK A 52 -44.31 -39.83 6.64
CA UNK A 52 -43.70 -40.66 7.65
C UNK A 52 -44.26 -40.21 8.97
N UNK A 53 -44.02 -40.97 10.03
CA UNK A 53 -44.64 -40.66 11.32
C UNK A 53 -44.40 -39.23 11.79
N UNK A 54 -43.23 -38.66 11.51
CA UNK A 54 -43.00 -37.31 11.98
C UNK A 54 -43.81 -36.36 11.13
N UNK A 55 -44.76 -35.71 11.80
CA UNK A 55 -45.74 -34.83 11.17
C UNK A 55 -46.54 -35.58 10.13
N UNK A 56 -46.89 -36.84 10.40
CA UNK A 56 -47.63 -37.62 9.42
C UNK A 56 -48.94 -36.95 9.02
N UNK A 57 -49.18 -36.95 7.73
CA UNK A 57 -50.38 -36.40 7.13
C UNK A 57 -50.58 -37.00 5.75
N UNK A 58 -51.82 -37.01 5.29
CA UNK A 58 -52.11 -37.52 3.96
C UNK A 58 -52.17 -36.41 2.93
N UNK A 59 -51.98 -36.81 1.68
CA UNK A 59 -52.07 -35.97 0.52
C UNK A 59 -52.67 -36.82 -0.59
N UNK A 60 -53.24 -36.17 -1.61
CA UNK A 60 -53.88 -36.95 -2.66
C UNK A 60 -53.82 -36.26 -4.01
N UNK A 61 -53.97 -37.06 -5.04
CA UNK A 61 -54.00 -36.61 -6.41
C UNK A 61 -55.28 -35.86 -6.66
N UNK A 62 -55.41 -35.27 -7.86
CA UNK A 62 -56.59 -34.50 -8.20
C UNK A 62 -57.87 -35.30 -8.03
N UNK A 63 -57.83 -36.62 -8.26
CA UNK A 63 -59.03 -37.45 -8.05
C UNK A 63 -59.15 -37.77 -6.56
N UNK A 64 -59.38 -36.72 -5.80
CA UNK A 64 -59.46 -36.71 -4.36
C UNK A 64 -60.83 -37.15 -3.91
N UNK A 65 -60.91 -37.65 -2.68
CA UNK A 65 -62.16 -38.08 -2.05
C UNK A 65 -62.85 -39.15 -2.87
N UNK A 66 -62.04 -39.93 -3.56
CA UNK A 66 -62.46 -41.03 -4.36
C UNK A 66 -61.73 -42.18 -3.77
N UNK A 67 -60.75 -41.81 -2.95
CA UNK A 67 -59.87 -42.72 -2.27
C UNK A 67 -59.21 -42.03 -1.08
N UNK A 68 -58.76 -42.81 -0.10
CA UNK A 68 -57.98 -42.25 1.00
C UNK A 68 -56.94 -43.23 1.54
N UNK A 69 -55.72 -42.72 1.72
CA UNK A 69 -54.59 -43.50 2.24
C UNK A 69 -54.46 -43.43 3.75
N UNK A 70 -53.99 -44.53 4.34
CA UNK A 70 -53.70 -44.62 5.76
C UNK A 70 -52.64 -45.68 5.98
N UNK A 71 -51.93 -45.61 7.11
CA UNK A 71 -50.77 -46.52 7.34
C UNK A 71 -50.83 -47.12 8.74
N UNK A 72 -49.97 -48.09 9.02
CA UNK A 72 -49.95 -48.76 10.36
C UNK A 72 -48.50 -48.93 10.83
N UNK A 73 -48.30 -49.00 12.14
CA UNK A 73 -46.95 -49.21 12.72
C UNK A 73 -46.48 -50.64 12.43
N UNK A 74 -47.43 -51.48 11.98
CA UNK A 74 -47.21 -52.93 11.77
C UNK A 74 -46.63 -53.14 10.36
N UNK A 75 -46.28 -52.06 9.65
CA UNK A 75 -45.69 -52.14 8.30
C UNK A 75 -46.77 -52.43 7.24
N UNK A 76 -48.02 -52.12 7.54
CA UNK A 76 -49.11 -52.29 6.55
C UNK A 76 -49.65 -50.93 6.14
N UNK A 77 -49.79 -50.66 4.84
CA UNK A 77 -50.37 -49.39 4.37
C UNK A 77 -51.45 -49.67 3.32
N UNK A 78 -52.65 -49.08 3.50
CA UNK A 78 -53.78 -49.37 2.65
C UNK A 78 -54.47 -48.13 2.15
N UNK A 79 -55.25 -48.28 1.09
CA UNK A 79 -56.02 -47.15 0.61
C UNK A 79 -57.40 -47.59 0.15
N UNK A 80 -58.40 -47.03 0.80
CA UNK A 80 -59.79 -47.37 0.57
C UNK A 80 -60.34 -46.61 -0.59
N UNK A 81 -61.28 -47.19 -1.32
CA UNK A 81 -61.96 -46.39 -2.30
C UNK A 81 -63.15 -45.78 -1.62
N UNK A 82 -63.43 -44.55 -1.96
CA UNK A 82 -64.61 -43.88 -1.50
C UNK A 82 -65.69 -44.07 -2.52
N UNK A 83 -65.27 -44.17 -3.76
CA UNK A 83 -66.14 -44.30 -4.90
C UNK A 83 -65.36 -44.95 -6.01
N UNK A 84 -66.03 -45.49 -7.00
CA UNK A 84 -65.28 -46.08 -8.09
C UNK A 84 -65.99 -45.84 -9.38
N UNK A 85 -65.22 -45.97 -10.45
CA UNK A 85 -65.71 -45.79 -11.80
C UNK A 85 -64.96 -46.71 -12.72
N UNK A 86 -65.53 -46.98 -13.89
CA UNK A 86 -64.85 -47.80 -14.88
C UNK A 86 -63.52 -47.19 -15.28
N UNK A 87 -63.45 -45.87 -15.17
CA UNK A 87 -62.28 -45.08 -15.48
C UNK A 87 -61.10 -45.46 -14.58
N UNK A 88 -61.38 -45.89 -13.35
CA UNK A 88 -60.36 -46.22 -12.38
C UNK A 88 -59.88 -47.65 -12.56
N UNK A 89 -59.35 -47.91 -13.73
CA UNK A 89 -58.85 -49.22 -14.10
C UNK A 89 -57.36 -49.10 -14.25
N UNK A 90 -56.63 -49.71 -13.34
CA UNK A 90 -55.18 -49.55 -13.34
C UNK A 90 -54.44 -50.61 -12.55
N UNK A 91 -53.17 -50.76 -12.87
CA UNK A 91 -52.29 -51.61 -12.06
C UNK A 91 -51.63 -50.72 -11.02
N UNK A 92 -52.08 -50.80 -9.77
CA UNK A 92 -51.59 -49.89 -8.74
C UNK A 92 -50.42 -50.46 -7.96
N UNK A 93 -49.48 -49.60 -7.55
CA UNK A 93 -48.35 -50.09 -6.77
C UNK A 93 -47.82 -49.09 -5.76
N UNK A 94 -47.26 -49.66 -4.69
CA UNK A 94 -46.62 -48.93 -3.62
C UNK A 94 -45.21 -48.50 -3.96
N UNK A 95 -44.82 -47.36 -3.41
CA UNK A 95 -43.49 -46.77 -3.52
C UNK A 95 -43.22 -45.99 -2.23
N UNK A 96 -41.97 -45.63 -1.97
CA UNK A 96 -41.68 -44.87 -0.74
C UNK A 96 -40.46 -43.98 -0.89
N UNK A 97 -40.32 -43.02 0.02
CA UNK A 97 -39.13 -42.18 0.00
C UNK A 97 -38.64 -41.82 1.37
N UNK A 98 -37.33 -41.79 1.54
CA UNK A 98 -36.78 -41.45 2.83
C UNK A 98 -37.27 -40.09 3.26
N UNK A 99 -37.61 -39.94 4.55
CA UNK A 99 -38.16 -38.67 5.04
C UNK A 99 -37.06 -37.75 5.60
N UNK A 100 -36.09 -38.29 6.34
CA UNK A 100 -35.07 -37.43 7.02
C UNK A 100 -33.78 -38.22 7.27
N UNK A 101 -32.74 -37.55 7.81
CA UNK A 101 -31.42 -38.22 8.01
C UNK A 101 -31.02 -38.79 6.66
N UNK A 102 -31.07 -37.96 5.63
CA UNK A 102 -30.88 -38.45 4.25
C UNK A 102 -29.51 -39.08 3.93
N UNK A 103 -29.53 -40.24 3.27
CA UNK A 103 -28.28 -40.92 2.82
C UNK A 103 -28.65 -42.01 1.81
N UNK A 104 -27.72 -42.42 0.95
CA UNK A 104 -27.86 -43.66 0.13
C UNK A 104 -28.94 -43.53 -0.95
N UNK A 105 -29.28 -42.32 -1.42
CA UNK A 105 -30.22 -42.16 -2.56
C UNK A 105 -31.54 -42.90 -2.33
N UNK A 106 -32.13 -42.80 -1.14
CA UNK A 106 -33.36 -43.55 -0.79
C UNK A 106 -34.60 -43.17 -1.62
N UNK A 107 -34.76 -41.90 -2.03
CA UNK A 107 -36.02 -41.48 -2.67
C UNK A 107 -36.40 -42.34 -3.88
N UNK A 108 -37.66 -42.84 -3.92
CA UNK A 108 -38.17 -43.68 -5.03
C UNK A 108 -37.25 -44.88 -5.26
N UNK A 109 -36.71 -45.48 -4.20
CA UNK A 109 -35.74 -46.59 -4.35
C UNK A 109 -36.35 -47.82 -5.01
N UNK A 110 -37.57 -48.22 -4.62
CA UNK A 110 -38.16 -49.47 -5.17
C UNK A 110 -39.69 -49.38 -5.21
N UNK A 111 -40.29 -49.88 -6.29
CA UNK A 111 -41.72 -50.02 -6.35
C UNK A 111 -42.11 -51.48 -6.25
N UNK A 112 -43.26 -51.70 -5.63
CA UNK A 112 -43.87 -53.01 -5.42
C UNK A 112 -44.46 -53.54 -6.69
N UNK A 113 -44.62 -54.86 -6.76
CA UNK A 113 -45.35 -55.41 -7.88
C UNK A 113 -46.74 -54.84 -7.78
N UNK A 114 -47.35 -54.53 -8.91
CA UNK A 114 -48.69 -53.94 -8.89
C UNK A 114 -49.82 -54.93 -8.73
N UNK A 115 -50.90 -54.44 -8.15
CA UNK A 115 -52.15 -55.16 -7.99
C UNK A 115 -53.18 -54.56 -8.94
N UNK A 116 -53.58 -55.33 -9.94
CA UNK A 116 -54.52 -54.81 -10.93
C UNK A 116 -55.95 -54.88 -10.49
N UNK A 117 -56.69 -53.84 -10.83
CA UNK A 117 -58.11 -53.79 -10.56
C UNK A 117 -58.86 -52.90 -11.55
N UNK A 118 -60.13 -53.18 -11.72
CA UNK A 118 -61.02 -52.34 -12.53
C UNK A 118 -62.44 -52.43 -11.98
N UNK A 119 -63.24 -51.35 -12.19
CA UNK A 119 -64.64 -51.20 -11.77
C UNK A 119 -65.52 -50.89 -12.97
N UNK B 1 -48.67 -28.31 -12.86
CA UNK B 1 -47.65 -29.35 -12.75
C UNK B 1 -46.68 -29.17 -13.92
N UNK B 2 -45.54 -29.90 -13.86
CA UNK B 2 -44.48 -29.89 -14.89
C UNK B 2 -45.00 -30.39 -16.23
N UNK B 3 -45.93 -31.34 -16.23
CA UNK B 3 -46.51 -31.81 -17.48
C UNK B 3 -45.43 -32.14 -18.48
N UNK B 4 -44.41 -32.87 -18.04
CA UNK B 4 -43.32 -33.15 -18.94
C UNK B 4 -43.79 -34.04 -20.06
N UNK B 5 -43.26 -33.78 -21.25
CA UNK B 5 -43.57 -34.58 -22.42
C UNK B 5 -42.38 -35.36 -22.89
N UNK B 6 -42.63 -36.58 -23.35
CA UNK B 6 -41.60 -37.42 -23.94
C UNK B 6 -41.35 -36.91 -25.33
N UNK B 7 -40.12 -37.05 -25.83
CA UNK B 7 -39.84 -36.60 -27.18
C UNK B 7 -40.28 -37.56 -28.28
N UNK B 8 -39.96 -38.85 -28.17
CA UNK B 8 -40.35 -39.77 -29.24
C UNK B 8 -40.21 -41.23 -28.85
N UNK B 9 -41.02 -42.08 -29.49
CA UNK B 9 -40.86 -43.53 -29.42
C UNK B 9 -40.08 -43.94 -30.67
N UNK B 10 -39.23 -44.96 -30.58
CA UNK B 10 -38.48 -45.32 -31.79
C UNK B 10 -37.89 -46.72 -31.78
N UNK B 11 -37.71 -47.26 -33.00
CA UNK B 11 -36.99 -48.51 -33.20
C UNK B 11 -35.58 -48.25 -33.68
N UNK B 12 -34.64 -49.07 -33.22
CA UNK B 12 -33.27 -48.97 -33.69
C UNK B 12 -32.48 -50.26 -33.58
N UNK B 13 -31.42 -50.35 -34.37
CA UNK B 13 -30.46 -51.45 -34.34
C UNK B 13 -29.71 -51.41 -33.02
N UNK B 14 -29.16 -52.54 -32.59
CA UNK B 14 -28.41 -52.51 -31.34
C UNK B 14 -27.25 -51.51 -31.42
N UNK B 15 -26.64 -51.42 -32.59
CA UNK B 15 -25.51 -50.52 -32.81
C UNK B 15 -25.98 -49.11 -33.12
N UNK B 16 -26.59 -48.47 -32.14
CA UNK B 16 -27.13 -47.14 -32.27
C UNK B 16 -27.18 -46.44 -30.93
N UNK B 17 -27.12 -45.10 -30.94
CA UNK B 17 -27.26 -44.33 -29.71
C UNK B 17 -28.73 -44.12 -29.44
N UNK B 18 -29.22 -44.67 -28.36
CA UNK B 18 -30.66 -44.60 -28.11
C UNK B 18 -31.04 -43.29 -27.47
N UNK B 19 -30.96 -42.22 -28.22
CA UNK B 19 -31.06 -40.87 -27.67
C UNK B 19 -32.47 -40.41 -27.36
N UNK B 20 -33.03 -41.02 -26.32
CA UNK B 20 -34.34 -40.69 -25.77
C UNK B 20 -34.25 -39.33 -25.12
N UNK B 21 -35.34 -38.58 -25.12
CA UNK B 21 -35.37 -37.26 -24.49
C UNK B 21 -36.76 -36.89 -24.05
N UNK B 22 -36.85 -35.89 -23.18
CA UNK B 22 -38.11 -35.35 -22.65
C UNK B 22 -37.93 -33.92 -22.11
N UNK B 23 -39.00 -33.17 -21.97
CA UNK B 23 -38.85 -31.84 -21.34
C UNK B 23 -40.09 -31.36 -20.59
N UNK B 24 -39.84 -30.65 -19.49
CA UNK B 24 -40.86 -30.06 -18.60
C UNK B 24 -41.34 -28.68 -19.00
N UNK B 25 -42.53 -28.33 -18.52
CA UNK B 25 -43.17 -27.02 -18.66
C UNK B 25 -42.74 -26.04 -17.57
N UNK B 26 -41.89 -26.51 -16.68
CA UNK B 26 -41.39 -25.77 -15.54
C UNK B 26 -39.98 -26.26 -15.30
N UNK B 27 -39.15 -25.49 -14.63
CA UNK B 27 -37.78 -25.97 -14.53
C UNK B 27 -37.60 -27.31 -13.84
N UNK B 28 -38.28 -27.55 -12.72
CA UNK B 28 -38.07 -28.80 -11.96
C UNK B 28 -36.58 -29.08 -11.91
N UNK B 29 -35.80 -28.07 -11.52
CA UNK B 29 -34.39 -28.18 -11.79
C UNK B 29 -33.71 -29.28 -11.05
N UNK B 30 -33.03 -30.11 -11.84
CA UNK B 30 -32.23 -31.24 -11.39
C UNK B 30 -33.02 -32.14 -10.46
N UNK B 31 -34.32 -32.24 -10.67
CA UNK B 31 -35.13 -33.04 -9.80
C UNK B 31 -36.17 -33.80 -10.57
N UNK B 32 -35.67 -34.56 -11.52
CA UNK B 32 -36.49 -35.41 -12.34
C UNK B 32 -35.62 -36.55 -12.76
N UNK B 33 -36.20 -37.73 -12.92
CA UNK B 33 -35.37 -38.84 -13.35
C UNK B 33 -36.14 -39.92 -14.09
N UNK B 34 -35.41 -40.58 -14.99
CA UNK B 34 -35.87 -41.68 -15.82
C UNK B 34 -35.89 -43.02 -15.14
N UNK B 35 -36.86 -43.82 -15.57
CA UNK B 35 -37.10 -45.20 -15.20
C UNK B 35 -37.73 -45.91 -16.38
N UNK B 36 -37.64 -47.23 -16.42
CA UNK B 36 -38.29 -47.93 -17.54
C UNK B 36 -38.85 -49.28 -17.17
N UNK B 37 -39.86 -49.71 -17.94
CA UNK B 37 -40.46 -51.01 -17.69
C UNK B 37 -40.78 -51.75 -18.96
N UNK B 38 -40.59 -53.06 -18.89
CA UNK B 38 -40.92 -53.96 -19.96
C UNK B 38 -42.06 -54.83 -19.52
N UNK B 39 -42.83 -55.34 -20.47
CA UNK B 39 -43.92 -56.25 -20.16
C UNK B 39 -44.85 -55.66 -19.11
N UNK B 40 -45.03 -56.35 -17.99
CA UNK B 40 -45.91 -55.89 -16.93
C UNK B 40 -45.12 -55.65 -15.65
N UNK B 41 -43.84 -55.39 -15.81
CA UNK B 41 -42.93 -55.12 -14.72
C UNK B 41 -43.14 -53.73 -14.14
N UNK B 42 -42.79 -53.56 -12.87
CA UNK B 42 -42.75 -52.23 -12.29
C UNK B 42 -41.54 -51.57 -12.92
N UNK B 43 -41.57 -50.26 -13.10
CA UNK B 43 -40.40 -49.62 -13.66
C UNK B 43 -39.26 -49.57 -12.68
N UNK B 44 -38.05 -49.67 -13.22
CA UNK B 44 -36.87 -49.54 -12.39
C UNK B 44 -36.14 -48.25 -12.75
N UNK B 45 -35.56 -47.59 -11.75
CA UNK B 45 -34.85 -46.36 -12.04
C UNK B 45 -33.69 -46.63 -12.95
N UNK B 46 -33.51 -45.75 -13.92
CA UNK B 46 -32.40 -45.82 -14.83
C UNK B 46 -31.31 -44.89 -14.36
N UNK B 47 -31.74 -43.79 -13.77
CA UNK B 47 -30.88 -42.74 -13.26
C UNK B 47 -31.62 -42.06 -12.14
N UNK B 48 -30.92 -41.37 -11.27
CA UNK B 48 -31.56 -40.63 -10.19
C UNK B 48 -31.23 -39.19 -10.38
N UNK B 49 -32.11 -38.33 -9.95
CA UNK B 49 -31.90 -36.90 -10.10
C UNK B 49 -31.47 -36.65 -11.53
N UNK B 50 -30.54 -35.73 -11.73
CA UNK B 50 -30.08 -35.50 -13.08
C UNK B 50 -28.83 -36.30 -13.34
N UNK B 51 -29.00 -37.38 -14.07
CA UNK B 51 -27.91 -38.27 -14.44
C UNK B 51 -27.03 -38.84 -13.33
N UNK B 52 -27.58 -39.29 -12.21
CA UNK B 52 -26.75 -39.88 -11.17
C UNK B 52 -26.43 -41.36 -11.38
N UNK B 53 -26.99 -41.96 -12.43
CA UNK B 53 -26.85 -43.38 -12.80
C UNK B 53 -27.40 -44.37 -11.79
N UNK B 54 -28.29 -43.92 -10.94
CA UNK B 54 -29.03 -44.77 -10.02
C UNK B 54 -28.11 -45.75 -9.31
N UNK B 55 -28.46 -47.04 -9.38
CA UNK B 55 -27.67 -48.08 -8.76
C UNK B 55 -27.85 -49.31 -9.61
N UNK B 56 -26.78 -50.04 -9.84
CA UNK B 56 -26.82 -51.24 -10.66
C UNK B 56 -27.40 -50.89 -12.03
N UNK B 57 -27.06 -49.70 -12.52
CA UNK B 57 -27.51 -49.22 -13.81
C UNK B 57 -26.56 -49.71 -14.85
N UNK B 58 -27.02 -49.77 -16.09
CA UNK B 58 -26.12 -50.11 -17.16
C UNK B 58 -25.07 -49.03 -17.30
N UNK B 59 -23.84 -49.42 -17.61
CA UNK B 59 -22.76 -48.47 -17.84
C UNK B 59 -23.04 -47.63 -19.09
N UNK B 60 -23.89 -48.17 -19.94
CA UNK B 60 -24.27 -47.56 -21.19
C UNK B 60 -25.33 -46.50 -21.00
N UNK B 61 -25.88 -46.35 -19.80
CA UNK B 61 -26.96 -45.42 -19.57
C UNK B 61 -26.43 -44.01 -19.41
N UNK B 62 -26.11 -43.37 -20.54
CA UNK B 62 -25.45 -42.08 -20.54
C UNK B 62 -26.44 -40.95 -20.40
N UNK B 63 -27.05 -40.89 -19.23
CA UNK B 63 -28.04 -39.88 -18.90
C UNK B 63 -27.39 -38.52 -18.78
N UNK B 64 -28.11 -37.49 -19.20
CA UNK B 64 -27.65 -36.12 -19.06
C UNK B 64 -28.82 -35.17 -19.15
N UNK B 65 -28.75 -34.00 -18.52
CA UNK B 65 -29.92 -33.10 -18.65
C UNK B 65 -29.66 -31.73 -18.04
N UNK B 66 -30.10 -30.67 -18.75
CA UNK B 66 -29.98 -29.31 -18.18
C UNK B 66 -31.04 -29.19 -17.08
N UNK B 67 -30.86 -28.24 -16.16
CA UNK B 67 -31.79 -28.14 -15.01
C UNK B 67 -33.21 -27.85 -15.50
N UNK B 68 -33.36 -26.99 -16.51
CA UNK B 68 -34.73 -26.59 -16.90
C UNK B 68 -35.14 -27.03 -18.31
N UNK B 69 -36.30 -27.67 -18.43
CA UNK B 69 -36.84 -28.02 -19.76
C UNK B 69 -35.79 -28.81 -20.57
N UNK B 70 -35.06 -29.69 -19.90
CA UNK B 70 -34.04 -30.51 -20.61
C UNK B 70 -34.04 -31.92 -20.02
N UNK B 71 -33.71 -32.90 -20.86
CA UNK B 71 -33.64 -34.31 -20.40
C UNK B 71 -33.23 -35.18 -21.58
N UNK B 72 -32.39 -36.18 -21.32
CA UNK B 72 -31.82 -37.03 -22.34
C UNK B 72 -31.37 -38.32 -21.68
N UNK B 73 -31.40 -39.43 -22.40
CA UNK B 73 -30.92 -40.67 -21.83
C UNK B 73 -30.34 -41.60 -22.84
N UNK B 74 -29.35 -41.18 -23.60
CA UNK B 74 -28.89 -42.07 -24.64
C UNK B 74 -28.22 -43.31 -24.11
N UNK B 75 -28.51 -44.44 -24.75
CA UNK B 75 -27.80 -45.64 -24.41
C UNK B 75 -26.63 -45.75 -25.34
N UNK B 76 -25.46 -46.06 -24.81
CA UNK B 76 -24.27 -46.21 -25.66
C UNK B 76 -24.48 -47.31 -26.67
N UNK B 77 -25.17 -48.38 -26.26
CA UNK B 77 -25.51 -49.49 -27.12
C UNK B 77 -26.72 -50.21 -26.56
N UNK B 78 -27.63 -50.63 -27.41
CA UNK B 78 -28.78 -51.40 -26.93
C UNK B 78 -28.39 -52.85 -26.96
N UNK B 79 -27.43 -53.21 -26.13
CA UNK B 79 -26.86 -54.54 -26.17
C UNK B 79 -27.87 -55.63 -25.88
N UNK B 80 -28.78 -55.39 -24.95
CA UNK B 80 -29.78 -56.38 -24.63
C UNK B 80 -30.93 -55.76 -23.88
N UNK B 81 -32.11 -56.35 -24.03
CA UNK B 81 -33.30 -55.99 -23.25
C UNK B 81 -33.57 -54.49 -23.26
N UNK B 82 -33.37 -53.85 -24.40
CA UNK B 82 -33.57 -52.42 -24.45
C UNK B 82 -34.98 -52.02 -24.81
N UNK B 83 -35.81 -53.00 -25.15
CA UNK B 83 -37.16 -52.68 -25.55
C UNK B 83 -38.02 -52.61 -24.32
N UNK B 84 -38.34 -51.39 -23.95
CA UNK B 84 -39.08 -51.03 -22.76
C UNK B 84 -39.68 -49.67 -23.00
N UNK B 85 -40.67 -49.28 -22.23
CA UNK B 85 -41.16 -47.93 -22.37
C UNK B 85 -40.59 -47.09 -21.25
N UNK B 86 -39.92 -46.01 -21.61
CA UNK B 86 -39.26 -45.21 -20.60
C UNK B 86 -39.95 -43.88 -20.37
N UNK B 87 -39.89 -43.42 -19.13
CA UNK B 87 -40.48 -42.13 -18.75
C UNK B 87 -39.72 -41.55 -17.58
N UNK B 88 -39.82 -40.24 -17.40
CA UNK B 88 -39.22 -39.63 -16.24
C UNK B 88 -40.25 -38.91 -15.44
N UNK B 89 -40.05 -38.85 -14.13
CA UNK B 89 -40.98 -38.11 -13.29
C UNK B 89 -40.37 -36.85 -12.80
N UNK B 90 -41.20 -35.81 -12.63
CA UNK B 90 -40.78 -34.54 -12.07
C UNK B 90 -40.97 -34.54 -10.58
N UNK B 91 -39.88 -34.70 -9.85
CA UNK B 91 -39.92 -34.83 -8.41
C UNK B 91 -40.01 -33.49 -7.68
N UNK B 92 -39.55 -32.41 -8.31
CA UNK B 92 -39.51 -31.11 -7.61
C UNK B 92 -40.84 -30.62 -7.08
N UNK B 93 -41.90 -30.79 -7.84
CA UNK B 93 -43.19 -30.32 -7.41
C UNK B 93 -44.22 -31.15 -8.13
N UNK B 94 -45.41 -31.32 -7.56
CA UNK B 94 -46.53 -32.06 -8.18
C UNK B 94 -46.35 -33.59 -8.21
N UNK B 95 -45.12 -34.05 -8.47
CA UNK B 95 -44.77 -35.45 -8.64
C UNK B 95 -45.51 -36.04 -9.83
N UNK B 96 -45.62 -35.25 -10.87
CA UNK B 96 -46.27 -35.66 -12.10
C UNK B 96 -45.33 -36.47 -12.96
N UNK B 97 -45.77 -37.64 -13.39
CA UNK B 97 -44.97 -38.49 -14.24
C UNK B 97 -45.23 -38.19 -15.71
N UNK B 98 -44.19 -38.24 -16.51
CA UNK B 98 -44.28 -38.08 -17.96
C UNK B 98 -44.85 -39.32 -18.60
N UNK B 99 -45.42 -39.17 -19.78
CA UNK B 99 -45.86 -40.30 -20.57
C UNK B 99 -44.61 -41.03 -21.02
N UNK B 100 -44.71 -42.35 -21.18
CA UNK B 100 -43.55 -43.10 -21.62
C UNK B 100 -43.47 -43.25 -23.12
N UNK B 101 -42.25 -43.33 -23.61
CA UNK B 101 -42.00 -43.58 -25.02
C UNK B 101 -41.37 -44.93 -25.22
N UNK B 102 -42.03 -45.78 -26.00
CA UNK B 102 -41.56 -47.14 -26.26
C UNK B 102 -40.31 -47.21 -27.12
N UNK B 103 -39.44 -48.14 -26.73
CA UNK B 103 -38.25 -48.49 -27.49
C UNK B 103 -38.52 -49.78 -28.24
N UNK B 104 -37.83 -49.96 -29.36
CA UNK B 104 -37.92 -51.19 -30.13
C UNK B 104 -36.60 -51.45 -30.88
N UNK B 105 -36.38 -52.71 -31.32
CA UNK B 105 -35.19 -53.14 -32.09
C UNK B 105 -35.28 -52.70 -33.56
N ASN C 30 -17.96 45.03 -30.21
CA ASN C 30 -17.05 44.59 -31.26
C ASN C 30 -15.74 43.91 -30.76
N LEU C 31 -15.69 43.53 -29.47
CA LEU C 31 -14.55 42.91 -28.80
C LEU C 31 -14.73 41.44 -28.65
N TRP C 32 -13.62 40.72 -28.59
CA TRP C 32 -13.57 39.27 -28.52
C TRP C 32 -12.78 38.76 -27.33
N VAL C 33 -13.14 37.58 -26.88
CA VAL C 33 -12.43 36.95 -25.78
C VAL C 33 -11.10 36.38 -26.24
N THR C 34 -10.02 36.80 -25.59
CA THR C 34 -8.69 36.26 -25.90
C THR C 34 -8.09 35.63 -24.68
N VAL C 35 -7.55 34.44 -24.88
CA VAL C 35 -6.96 33.66 -23.82
C VAL C 35 -5.45 33.83 -23.78
N TYR C 36 -4.93 34.14 -22.61
CA TYR C 36 -3.51 34.33 -22.41
C TYR C 36 -2.93 33.34 -21.40
N TYR C 37 -1.85 32.67 -21.75
CA TYR C 37 -1.24 31.74 -20.83
C TYR C 37 0.16 32.18 -20.50
N GLY C 38 0.44 32.27 -19.21
CA GLY C 38 1.71 32.78 -18.74
C GLY C 38 1.47 34.15 -18.12
N VAL C 39 0.25 34.39 -17.67
CA VAL C 39 -0.11 35.63 -17.05
C VAL C 39 0.45 35.75 -15.64
N PRO C 40 1.18 36.83 -15.30
CA PRO C 40 1.83 37.02 -14.01
C PRO C 40 0.93 37.39 -12.85
N VAL C 41 0.05 36.47 -12.46
CA VAL C 41 -0.83 36.67 -11.33
C VAL C 41 -0.78 35.51 -10.37
N TRP C 42 -1.27 35.74 -9.15
CA TRP C 42 -1.27 34.74 -8.12
C TRP C 42 -2.41 34.86 -7.14
N LYS C 43 -2.63 33.78 -6.38
CA LYS C 43 -3.62 33.74 -5.31
C LYS C 43 -3.03 33.20 -4.05
N ASP C 44 -3.49 33.68 -2.91
CA ASP C 44 -2.96 33.12 -1.69
C ASP C 44 -3.28 31.65 -1.64
N ALA C 45 -2.33 30.83 -1.22
CA ALA C 45 -2.63 29.41 -1.21
C ALA C 45 -1.83 28.65 -0.19
N GLU C 46 -2.36 27.52 0.22
CA GLU C 46 -1.66 26.65 1.11
C GLU C 46 -1.12 25.44 0.39
N THR C 47 0.18 25.23 0.45
CA THR C 47 0.77 24.06 -0.17
C THR C 47 1.78 23.52 0.77
N THR C 48 2.38 22.40 0.41
CA THR C 48 3.42 21.79 1.22
C THR C 48 4.77 22.20 0.72
N LEU C 49 5.57 22.74 1.61
CA LEU C 49 6.90 23.18 1.27
C LEU C 49 7.88 22.10 1.55
N PHE C 50 9.02 22.15 0.91
CA PHE C 50 10.05 21.16 1.18
C PHE C 50 11.29 21.91 1.64
N CYS C 51 12.23 21.25 2.35
CA CYS C 51 13.47 21.90 2.78
C CYS C 51 14.60 21.60 1.82
N ALA C 52 15.43 22.59 1.67
CA ALA C 52 16.60 22.48 0.85
C ALA C 52 17.85 22.57 1.69
N SER C 53 17.85 23.45 2.65
CA SER C 53 19.08 23.63 3.43
C SER C 53 20.27 23.81 2.47
N ASP C 54 21.45 23.39 2.91
CA ASP C 54 22.67 23.53 2.13
C ASP C 54 23.64 22.39 2.50
N ALA C 55 24.82 22.34 1.85
CA ALA C 55 25.88 21.32 2.05
C ALA C 55 27.07 21.95 2.74
N HIS C 63 27.37 14.40 12.68
CA HIS C 63 25.98 14.13 12.42
C HIS C 63 25.18 15.07 13.35
N ASN C 64 24.00 15.54 12.88
CA ASN C 64 23.14 16.53 13.55
C ASN C 64 21.67 16.15 13.48
N VAL C 65 20.95 16.45 14.57
CA VAL C 65 19.53 16.10 14.74
C VAL C 65 18.61 16.76 13.74
N TRP C 66 19.09 17.80 13.08
CA TRP C 66 18.27 18.50 12.12
C TRP C 66 18.15 17.75 10.82
N ALA C 67 18.90 16.64 10.70
CA ALA C 67 18.80 15.76 9.56
C ALA C 67 18.87 16.46 8.26
N THR C 68 19.87 17.26 8.05
CA THR C 68 19.95 18.03 6.84
C THR C 68 20.21 17.16 5.64
N HIS C 69 20.58 15.90 5.85
CA HIS C 69 20.79 14.97 4.76
C HIS C 69 19.44 14.61 4.13
N CYS C 70 18.36 14.89 4.86
CA CYS C 70 17.00 14.66 4.40
C CYS C 70 16.45 15.79 3.47
N CYS C 71 17.19 16.92 3.34
CA CYS C 71 16.86 18.11 2.57
C CYS C 71 17.62 18.05 1.25
N VAL C 72 17.17 18.80 0.27
CA VAL C 72 17.92 18.85 -0.98
C VAL C 72 18.70 20.16 -1.08
N PRO C 73 20.04 20.16 -1.02
CA PRO C 73 20.85 21.37 -0.98
C PRO C 73 20.49 22.28 -2.11
N THR C 74 20.36 23.57 -1.79
CA THR C 74 19.97 24.53 -2.80
C THR C 74 21.11 25.02 -3.64
N ASP C 75 20.74 25.82 -4.64
CA ASP C 75 21.67 26.43 -5.57
C ASP C 75 22.44 27.51 -4.83
N PRO C 76 23.77 27.51 -4.83
CA PRO C 76 24.61 28.51 -4.18
C PRO C 76 24.25 29.96 -4.55
N ASN C 77 23.65 30.15 -5.72
CA ASN C 77 23.25 31.48 -6.18
C ASN C 77 21.73 31.66 -5.98
N PRO C 78 21.27 32.46 -4.99
CA PRO C 78 19.88 32.71 -4.71
C PRO C 78 19.38 33.71 -5.70
N GLN C 79 18.08 33.77 -5.93
CA GLN C 79 17.55 34.85 -6.72
C GLN C 79 16.45 35.54 -5.96
N GLU C 80 16.33 36.83 -6.18
CA GLU C 80 15.28 37.62 -5.62
C GLU C 80 14.85 38.64 -6.65
N ILE C 81 13.57 38.71 -6.88
CA ILE C 81 13.06 39.63 -7.87
C ILE C 81 12.22 40.72 -7.29
N HIS C 82 12.67 41.95 -7.37
CA HIS C 82 11.85 42.99 -6.78
C HIS C 82 10.63 43.21 -7.65
N LEU C 83 9.46 43.39 -7.06
CA LEU C 83 8.30 43.62 -7.89
C LEU C 83 7.94 45.09 -7.86
N GLU C 84 8.32 45.78 -8.90
CA GLU C 84 8.10 47.20 -8.86
C GLU C 84 6.62 47.46 -9.02
N ASN C 85 6.10 48.48 -8.32
CA ASN C 85 4.70 48.92 -8.30
C ASN C 85 3.72 47.84 -7.78
N VAL C 86 4.19 46.89 -6.93
CA VAL C 86 3.32 45.86 -6.34
C VAL C 86 3.20 46.00 -4.85
N THR C 87 1.98 46.11 -4.41
CA THR C 87 1.67 46.20 -3.00
C THR C 87 0.88 44.97 -2.70
N GLU C 88 1.21 44.29 -1.64
CA GLU C 88 0.49 43.08 -1.31
C GLU C 88 0.26 43.02 0.17
N GLU C 89 -0.80 42.33 0.58
CA GLU C 89 -1.13 42.19 1.99
C GLU C 89 -0.57 40.93 2.65
N PHE C 90 0.11 41.14 3.75
CA PHE C 90 0.70 40.06 4.52
C PHE C 90 -0.01 39.93 5.85
N ASN C 91 -0.04 38.72 6.39
CA ASN C 91 -0.61 38.50 7.71
C ASN C 91 0.16 37.41 8.42
N MET C 92 1.09 37.80 9.27
CA MET C 92 1.96 36.85 9.92
C MET C 92 1.24 35.98 10.93
N TRP C 93 0.04 36.38 11.31
CA TRP C 93 -0.67 35.65 12.33
C TRP C 93 -1.52 34.56 11.74
N LYS C 94 -1.57 34.49 10.42
CA LYS C 94 -2.33 33.49 9.71
C LYS C 94 -1.45 33.01 8.58
N ASN C 95 -0.45 32.24 8.94
CA ASN C 95 0.59 31.86 8.02
C ASN C 95 0.95 30.41 8.20
N ASN C 96 0.60 29.59 7.24
CA ASN C 96 0.77 28.15 7.38
C ASN C 96 2.19 27.68 7.21
N MET C 97 3.10 28.60 6.89
CA MET C 97 4.48 28.23 6.80
C MET C 97 4.95 27.92 8.19
N VAL C 98 4.31 28.55 9.19
CA VAL C 98 4.67 28.42 10.58
C VAL C 98 4.25 27.07 11.04
N GLU C 99 3.06 26.67 10.66
CA GLU C 99 2.56 25.38 11.06
C GLU C 99 3.41 24.30 10.47
N GLN C 100 3.86 24.45 9.22
CA GLN C 100 4.70 23.41 8.69
C GLN C 100 6.03 23.39 9.37
N MET C 101 6.61 24.54 9.67
CA MET C 101 7.89 24.50 10.33
C MET C 101 7.76 23.78 11.65
N HIS C 102 6.67 24.02 12.37
CA HIS C 102 6.47 23.38 13.64
C HIS C 102 6.39 21.89 13.47
N GLU C 103 5.57 21.42 12.54
CA GLU C 103 5.42 19.99 12.42
C GLU C 103 6.69 19.29 11.97
N ASP C 104 7.46 19.91 11.08
CA ASP C 104 8.67 19.25 10.64
C ASP C 104 9.70 19.18 11.73
N ILE C 105 9.79 20.20 12.54
CA ILE C 105 10.72 20.17 13.65
C ILE C 105 10.36 19.10 14.65
N ILE C 106 9.07 18.96 14.97
CA ILE C 106 8.72 17.96 15.94
C ILE C 106 9.05 16.61 15.36
N SER C 107 8.72 16.41 14.10
CA SER C 107 8.94 15.14 13.47
C SER C 107 10.39 14.75 13.42
N LEU C 108 11.27 15.66 13.04
CA LEU C 108 12.67 15.30 12.99
C LEU C 108 13.22 15.03 14.35
N TRP C 109 12.76 15.77 15.34
CA TRP C 109 13.25 15.54 16.68
C TRP C 109 12.98 14.09 17.04
N ASP C 110 11.75 13.64 16.83
CA ASP C 110 11.40 12.29 17.19
C ASP C 110 12.14 11.27 16.35
N GLN C 111 12.33 11.55 15.07
CA GLN C 111 13.02 10.61 14.22
C GLN C 111 14.44 10.40 14.67
N SER C 112 15.09 11.47 15.11
CA SER C 112 16.47 11.42 15.54
C SER C 112 16.67 10.45 16.66
N LEU C 113 15.70 10.37 17.56
CA LEU C 113 15.79 9.47 18.69
C LEU C 113 15.39 8.03 18.42
N LYS C 114 14.83 7.72 17.25
CA LYS C 114 14.37 6.37 17.03
C LYS C 114 15.40 5.26 17.21
N PRO C 115 16.63 5.38 16.72
CA PRO C 115 17.65 4.36 16.86
C PRO C 115 18.48 4.41 18.15
N CYS C 116 18.11 5.25 19.15
CA CYS C 116 18.91 5.46 20.36
C CYS C 116 18.43 4.54 21.48
N VAL C 117 19.28 4.35 22.47
CA VAL C 117 19.01 3.47 23.61
C VAL C 117 17.85 3.86 24.49
N LYS C 118 16.97 2.91 24.77
CA LYS C 118 15.83 3.17 25.63
C LYS C 118 16.21 2.83 27.04
N LEU C 119 16.20 3.80 27.92
CA LEU C 119 16.69 3.61 29.27
C LEU C 119 15.60 3.16 30.21
N THR C 120 14.90 2.13 29.82
CA THR C 120 13.85 1.62 30.65
C THR C 120 14.38 0.98 31.92
N PRO C 121 15.57 0.32 31.93
CA PRO C 121 16.14 -0.27 33.10
C PRO C 121 16.49 0.74 34.18
N LEU C 122 16.49 2.05 33.89
CA LEU C 122 16.81 3.01 34.94
C LEU C 122 15.67 3.38 35.87
N CYS C 123 14.42 2.95 35.61
CA CYS C 123 13.31 3.32 36.48
C CYS C 123 13.31 2.36 37.67
N VAL C 124 14.21 2.65 38.58
CA VAL C 124 14.50 1.84 39.77
C VAL C 124 14.49 2.70 40.98
N THR C 125 14.50 2.06 42.14
CA THR C 125 14.61 2.85 43.33
C THR C 125 16.06 3.31 43.42
N LEU C 126 16.27 4.58 43.63
CA LEU C 126 17.59 5.12 43.78
C LEU C 126 17.80 5.43 45.24
N GLN C 127 18.97 5.13 45.77
CA GLN C 127 19.24 5.47 47.16
C GLN C 127 20.25 6.61 47.14
N CYS C 128 19.79 7.84 47.48
CA CYS C 128 20.53 9.08 47.27
C CYS C 128 20.86 9.82 48.56
N THR C 129 21.99 10.49 48.53
CA THR C 129 22.44 11.39 49.56
C THR C 129 22.81 12.71 48.89
N ASN C 130 23.01 13.81 49.65
CA ASN C 130 23.38 15.13 49.15
C ASN C 130 24.86 15.16 48.72
N VAL C 131 25.17 15.97 47.68
CA VAL C 131 26.56 16.26 47.27
C VAL C 131 27.00 17.47 48.06
N THR C 132 27.80 17.25 49.09
CA THR C 132 28.19 18.31 49.99
C THR C 132 29.68 18.54 50.10
N ASN C 133 30.48 17.68 49.49
CA ASN C 133 31.92 17.77 49.72
C ASN C 133 32.66 19.03 49.25
N ASN C 134 32.17 19.68 48.17
CA ASN C 134 32.88 20.88 47.63
C ASN C 134 31.87 21.92 47.12
N ILE C 135 30.76 22.13 47.83
CA ILE C 135 29.69 23.08 47.42
C ILE C 135 29.70 24.45 48.02
N THR C 136 29.46 25.42 47.17
CA THR C 136 29.25 26.76 47.64
C THR C 136 27.75 26.81 47.92
N ASP C 137 27.26 27.85 48.58
CA ASP C 137 25.82 27.91 48.90
C ASP C 137 24.94 27.96 47.66
N ASP C 138 25.55 28.35 46.56
CA ASP C 138 24.91 28.51 45.28
C ASP C 138 24.15 27.27 44.86
N MET C 139 24.66 26.10 45.23
CA MET C 139 24.03 24.86 44.85
C MET C 139 23.83 23.97 46.05
N ARG C 140 23.58 24.57 47.19
CA ARG C 140 23.42 23.70 48.32
C ARG C 140 22.11 22.99 48.24
N GLY C 141 22.19 21.67 48.20
CA GLY C 141 21.03 20.81 48.09
C GLY C 141 20.61 20.53 46.64
N GLU C 142 21.30 21.13 45.68
CA GLU C 142 20.91 20.96 44.30
C GLU C 142 21.39 19.66 43.68
N LEU C 143 22.57 19.19 44.03
CA LEU C 143 23.02 17.96 43.42
C LEU C 143 22.84 16.82 44.38
N LYS C 144 22.51 15.68 43.81
CA LYS C 144 22.32 14.45 44.53
C LYS C 144 23.30 13.39 44.03
N ASN C 145 23.69 12.50 44.93
CA ASN C 145 24.59 11.35 44.65
C ASN C 145 23.81 10.06 44.87
N CYS C 146 23.45 9.36 43.79
CA CYS C 146 22.55 8.20 43.83
C CYS C 146 23.17 6.88 43.44
N SER C 147 22.89 5.85 44.23
CA SER C 147 23.36 4.49 43.94
C SER C 147 22.20 3.59 43.56
N PHE C 148 22.45 2.67 42.64
CA PHE C 148 21.41 1.74 42.21
C PHE C 148 21.92 0.43 41.55
N ASN C 149 21.03 -0.59 41.46
CA ASN C 149 21.26 -1.89 40.80
C ASN C 149 20.84 -1.81 39.33
N MET C 150 21.82 -1.73 38.41
CA MET C 150 21.62 -1.57 36.98
C MET C 150 21.81 -2.91 36.29
N THR C 151 21.18 -3.09 35.15
CA THR C 151 21.33 -4.31 34.40
C THR C 151 22.68 -4.32 33.75
N THR C 152 23.08 -5.48 33.23
CA THR C 152 24.36 -5.66 32.57
C THR C 152 24.16 -6.32 31.22
N GLU C 153 25.26 -6.60 30.54
CA GLU C 153 25.21 -7.24 29.23
C GLU C 153 24.54 -8.59 29.31
N LEU C 154 24.77 -9.34 30.40
CA LEU C 154 24.16 -10.65 30.52
C LEU C 154 22.89 -10.56 31.34
N ARG C 155 21.88 -11.31 30.93
CA ARG C 155 20.60 -11.32 31.61
C ARG C 155 20.69 -11.77 33.05
N ASP C 156 21.61 -12.65 33.36
CA ASP C 156 21.72 -13.17 34.70
C ASP C 156 22.68 -12.42 35.64
N LYS C 157 23.18 -11.24 35.23
CA LYS C 157 24.08 -10.48 36.10
C LYS C 157 23.64 -9.03 36.29
N LYS C 158 23.91 -8.50 37.49
CA LYS C 158 23.61 -7.11 37.86
C LYS C 158 24.88 -6.39 38.27
N GLN C 159 24.86 -5.06 38.20
CA GLN C 159 26.01 -4.28 38.66
C GLN C 159 25.55 -3.12 39.52
N LYS C 160 26.36 -2.75 40.49
CA LYS C 160 26.01 -1.59 41.30
C LYS C 160 26.80 -0.41 40.83
N VAL C 161 26.09 0.65 40.49
CA VAL C 161 26.69 1.85 39.97
C VAL C 161 26.19 3.06 40.71
N TYR C 162 26.87 4.18 40.54
CA TYR C 162 26.34 5.39 41.11
C TYR C 162 26.59 6.52 40.15
N SER C 163 25.79 7.57 40.28
CA SER C 163 25.89 8.72 39.43
C SER C 163 25.37 9.98 40.07
N LEU C 164 25.69 11.12 39.48
CA LEU C 164 25.17 12.35 40.03
C LEU C 164 23.97 12.88 39.23
N PHE C 165 23.02 13.44 39.95
CA PHE C 165 21.82 14.02 39.39
C PHE C 165 21.61 15.45 39.85
N TYR C 166 20.83 16.21 39.11
CA TYR C 166 20.59 17.64 39.37
C TYR C 166 19.34 18.01 40.15
N ARG C 167 18.71 17.06 40.83
CA ARG C 167 17.50 17.28 41.65
C ARG C 167 16.24 17.52 40.86
N LEU C 168 16.27 18.38 39.89
CA LEU C 168 15.08 18.66 39.12
C LEU C 168 14.58 17.40 38.39
N ASP C 169 15.47 16.44 38.18
CA ASP C 169 15.17 15.20 37.51
C ASP C 169 14.78 14.05 38.43
N VAL C 170 14.84 14.26 39.74
CA VAL C 170 14.64 13.20 40.71
C VAL C 170 13.60 13.53 41.77
N VAL C 171 12.67 12.62 42.01
CA VAL C 171 11.66 12.89 43.03
C VAL C 171 11.65 11.87 44.12
N GLN C 172 11.33 12.32 45.30
CA GLN C 172 11.31 11.47 46.47
C GLN C 172 10.12 10.56 46.44
N ILE C 173 10.33 9.30 46.81
CA ILE C 173 9.28 8.30 46.86
C ILE C 173 8.48 8.29 48.17
N ASN C 174 9.18 8.28 49.33
CA ASN C 174 8.60 8.20 50.67
C ASN C 174 8.63 9.60 51.31
N LYS C 186 15.38 8.90 51.89
CA LYS C 186 16.53 8.76 50.97
C LYS C 186 16.22 7.99 49.64
N GLU C 187 14.99 7.44 49.49
CA GLU C 187 14.57 6.70 48.28
C GLU C 187 13.86 7.59 47.30
N TYR C 188 14.44 7.63 46.11
CA TYR C 188 14.04 8.46 44.99
C TYR C 188 13.82 7.69 43.70
N ARG C 189 13.08 8.27 42.80
CA ARG C 189 12.89 7.72 41.47
C ARG C 189 13.07 8.81 40.46
N LEU C 190 13.27 8.46 39.21
CA LEU C 190 13.38 9.53 38.23
C LEU C 190 12.03 10.13 37.99
N ILE C 191 12.00 11.42 37.69
CA ILE C 191 10.76 12.16 37.48
C ILE C 191 9.82 11.57 36.45
N ASN C 192 10.34 10.97 35.42
CA ASN C 192 9.49 10.40 34.37
C ASN C 192 8.86 9.02 34.62
N CYS C 193 9.16 8.32 35.75
CA CYS C 193 8.69 6.95 35.98
C CYS C 193 7.19 6.77 35.96
N ASN C 194 6.44 7.76 36.36
CA ASN C 194 5.00 7.55 36.36
C ASN C 194 4.29 8.14 35.12
N THR C 195 5.02 8.66 34.09
CA THR C 195 4.41 9.23 32.88
C THR C 195 4.99 8.74 31.55
N SER C 196 6.27 8.38 31.50
CA SER C 196 6.89 8.08 30.22
C SER C 196 8.15 7.23 30.24
N ALA C 197 8.52 6.74 29.07
CA ALA C 197 9.80 6.08 28.89
C ALA C 197 10.82 7.14 28.52
N ILE C 198 12.10 6.89 28.78
CA ILE C 198 13.10 7.89 28.40
C ILE C 198 14.03 7.33 27.35
N THR C 199 14.19 8.05 26.25
CA THR C 199 15.13 7.61 25.24
C THR C 199 16.39 8.44 25.38
N GLN C 200 17.55 7.82 25.40
CA GLN C 200 18.79 8.58 25.53
C GLN C 200 19.12 9.23 24.23
N ALA C 201 19.47 10.48 24.25
CA ALA C 201 19.89 11.09 23.02
C ALA C 201 21.19 10.45 22.61
N CYS C 202 21.42 10.17 21.30
CA CYS C 202 22.67 9.59 20.81
C CYS C 202 23.81 10.61 20.99
N PRO C 203 24.90 10.28 21.73
CA PRO C 203 26.03 11.13 22.07
C PRO C 203 26.78 11.73 20.91
N LYS C 204 26.68 11.09 19.75
CA LYS C 204 27.38 11.55 18.59
C LYS C 204 26.60 12.54 17.76
N VAL C 205 25.34 12.81 18.11
CA VAL C 205 24.56 13.67 17.25
C VAL C 205 24.33 15.03 17.88
N SER C 206 24.80 16.08 17.21
CA SER C 206 24.70 17.44 17.69
C SER C 206 23.31 18.04 17.65
N PHE C 207 23.02 18.93 18.60
CA PHE C 207 21.73 19.63 18.62
C PHE C 207 21.82 21.01 18.01
N GLU C 208 23.02 21.41 17.62
CA GLU C 208 23.26 22.75 17.14
C GLU C 208 22.39 23.06 15.91
N PRO C 209 21.60 24.14 15.92
CA PRO C 209 20.75 24.57 14.84
C PRO C 209 21.54 24.79 13.57
N ILE C 210 20.98 24.35 12.45
CA ILE C 210 21.53 24.53 11.13
C ILE C 210 20.50 25.31 10.36
N PRO C 211 20.83 26.41 9.68
CA PRO C 211 19.87 27.17 8.93
C PRO C 211 19.15 26.30 7.91
N ILE C 212 17.84 26.37 7.88
CA ILE C 212 17.08 25.62 6.93
C ILE C 212 16.40 26.54 5.96
N HIS C 213 16.57 26.27 4.69
CA HIS C 213 15.93 27.07 3.67
C HIS C 213 14.69 26.33 3.24
N TYR C 214 13.52 26.98 3.30
CA TYR C 214 12.25 26.37 2.89
C TYR C 214 11.94 26.83 1.50
N CYS C 215 11.63 25.89 0.58
CA CYS C 215 11.42 26.16 -0.83
C CYS C 215 10.04 25.73 -1.30
N ALA C 216 9.46 26.57 -2.15
CA ALA C 216 8.17 26.29 -2.73
C ALA C 216 8.30 25.29 -3.87
N PRO C 217 7.29 24.46 -4.11
CA PRO C 217 7.17 23.55 -5.22
C PRO C 217 6.92 24.30 -6.49
N ALA C 218 7.23 23.70 -7.62
CA ALA C 218 6.97 24.40 -8.85
C ALA C 218 5.50 24.69 -8.95
N GLY C 219 5.18 25.89 -9.45
CA GLY C 219 3.82 26.35 -9.62
C GLY C 219 3.42 27.31 -8.51
N PHE C 220 4.27 27.39 -7.50
CA PHE C 220 4.10 28.26 -6.35
C PHE C 220 5.27 29.20 -6.22
N ALA C 221 5.09 30.26 -5.45
CA ALA C 221 6.15 31.22 -5.23
C ALA C 221 6.05 31.79 -3.84
N ILE C 222 7.17 32.26 -3.30
CA ILE C 222 7.12 32.85 -1.99
C ILE C 222 7.31 34.35 -2.12
N LEU C 223 6.39 35.11 -1.59
CA LEU C 223 6.56 36.54 -1.69
C LEU C 223 7.14 37.01 -0.38
N LYS C 224 8.09 37.93 -0.45
CA LYS C 224 8.75 38.49 0.71
C LYS C 224 8.46 39.98 0.84
N CYS C 225 8.25 40.47 2.08
CA CYS C 225 8.02 41.88 2.41
C CYS C 225 9.34 42.58 2.75
N LYS C 226 9.67 43.65 2.01
CA LYS C 226 10.91 44.39 2.20
C LYS C 226 10.76 45.71 2.94
N ASP C 227 9.58 45.96 3.45
CA ASP C 227 9.33 47.19 4.18
C ASP C 227 9.92 47.09 5.58
N LYS C 228 10.93 47.91 5.83
CA LYS C 228 11.70 47.91 7.06
C LYS C 228 10.87 48.24 8.29
N LYS C 229 9.73 48.87 8.09
CA LYS C 229 8.87 49.23 9.20
C LYS C 229 7.65 48.34 9.31
N PHE C 230 7.58 47.27 8.52
CA PHE C 230 6.39 46.44 8.54
C PHE C 230 6.27 45.63 9.83
N ASN C 231 5.07 45.69 10.45
CA ASN C 231 4.73 45.09 11.73
C ASN C 231 4.02 43.71 11.61
N GLY C 232 4.07 43.08 10.44
CA GLY C 232 3.48 41.75 10.17
C GLY C 232 2.05 41.75 9.65
N THR C 233 1.32 42.86 9.73
CA THR C 233 -0.05 42.83 9.24
C THR C 233 -0.40 43.98 8.34
N GLY C 234 -1.02 43.68 7.21
CA GLY C 234 -1.51 44.69 6.32
C GLY C 234 -0.64 44.84 5.09
N PRO C 235 -0.93 45.82 4.24
CA PRO C 235 -0.25 46.09 2.99
C PRO C 235 1.23 46.36 3.22
N CYS C 236 2.07 45.84 2.33
CA CYS C 236 3.51 45.99 2.27
C CYS C 236 3.82 46.56 0.87
N PRO C 237 4.15 47.86 0.79
CA PRO C 237 4.46 48.63 -0.42
C PRO C 237 5.65 48.15 -1.25
N SER C 238 6.53 47.36 -0.68
CA SER C 238 7.67 46.91 -1.43
C SER C 238 7.89 45.45 -1.16
N VAL C 239 7.68 44.64 -2.19
CA VAL C 239 7.77 43.20 -2.05
C VAL C 239 8.66 42.64 -3.13
N SER C 240 9.10 41.41 -2.94
CA SER C 240 9.90 40.70 -3.91
C SER C 240 9.57 39.22 -3.94
N THR C 241 9.98 38.55 -5.01
CA THR C 241 9.73 37.13 -5.14
C THR C 241 10.95 36.29 -5.03
N VAL C 242 10.86 35.25 -4.23
CA VAL C 242 11.95 34.31 -4.06
C VAL C 242 11.40 32.91 -4.23
N GLN C 243 12.27 31.95 -4.48
CA GLN C 243 11.79 30.56 -4.50
C GLN C 243 11.97 29.86 -3.13
N CYS C 244 13.01 30.28 -2.36
CA CYS C 244 13.42 29.75 -1.07
C CYS C 244 13.56 30.90 -0.08
N THR C 245 13.29 30.62 1.18
CA THR C 245 13.45 31.57 2.27
C THR C 245 14.91 31.65 2.62
N HIS C 246 15.28 32.61 3.45
CA HIS C 246 16.64 32.68 3.92
C HIS C 246 16.82 31.51 4.83
N GLY C 247 18.04 31.19 5.23
CA GLY C 247 18.11 30.05 6.11
C GLY C 247 17.60 30.47 7.47
N ILE C 248 16.78 29.64 8.07
CA ILE C 248 16.28 29.92 9.40
C ILE C 248 16.79 28.92 10.38
N LYS C 249 17.43 29.40 11.43
CA LYS C 249 17.94 28.48 12.41
C LYS C 249 16.83 28.12 13.39
N PRO C 250 16.52 26.84 13.61
CA PRO C 250 15.49 26.38 14.51
C PRO C 250 15.98 26.44 15.93
N VAL C 251 16.19 27.64 16.42
CA VAL C 251 16.69 27.84 17.76
C VAL C 251 15.54 27.68 18.72
N VAL C 252 15.75 26.90 19.75
CA VAL C 252 14.70 26.73 20.73
C VAL C 252 15.02 27.50 21.98
N SER C 253 14.12 28.40 22.35
CA SER C 253 14.29 29.20 23.54
C SER C 253 12.92 29.59 24.07
N THR C 254 12.82 29.93 25.37
CA THR C 254 11.49 30.30 25.86
C THR C 254 11.14 31.74 26.20
N GLN C 255 12.06 32.64 26.56
CA GLN C 255 11.55 33.99 26.85
C GLN C 255 12.15 35.01 25.97
N LEU C 256 13.42 34.85 25.70
CA LEU C 256 14.11 35.76 24.83
C LEU C 256 14.35 35.02 23.55
N LEU C 257 14.38 35.74 22.47
CA LEU C 257 14.65 35.11 21.20
C LEU C 257 16.12 35.27 20.95
N LEU C 258 16.76 34.15 20.68
CA LEU C 258 18.18 34.15 20.46
C LEU C 258 18.51 33.87 19.00
N ASN C 259 19.61 34.47 18.51
CA ASN C 259 20.26 34.28 17.21
C ASN C 259 19.30 34.42 16.00
N GLY C 260 18.35 35.38 16.03
CA GLY C 260 17.40 35.65 14.94
C GLY C 260 17.83 36.87 14.15
N SER C 261 16.90 37.40 13.40
CA SER C 261 17.17 38.57 12.60
C SER C 261 16.95 39.84 13.42
N LEU C 262 17.73 40.86 13.14
CA LEU C 262 17.54 42.15 13.78
C LEU C 262 16.74 43.06 12.88
N ALA C 263 16.02 43.99 13.49
CA ALA C 263 15.28 44.99 12.74
C ALA C 263 16.27 46.02 12.23
N GLU C 264 16.04 46.52 11.03
CA GLU C 264 16.90 47.51 10.36
C GLU C 264 16.93 48.93 10.91
N GLU C 265 15.78 49.48 11.33
CA GLU C 265 15.75 50.88 11.74
C GLU C 265 15.32 51.20 13.16
N GLU C 266 14.30 50.51 13.65
CA GLU C 266 13.73 50.81 14.96
C GLU C 266 13.22 49.54 15.58
N VAL C 267 12.98 49.54 16.87
CA VAL C 267 12.43 48.35 17.50
C VAL C 267 11.03 48.14 16.98
N ILE C 268 10.69 46.93 16.58
CA ILE C 268 9.37 46.72 16.05
C ILE C 268 8.51 45.88 16.96
N ILE C 269 7.35 46.42 17.28
CA ILE C 269 6.40 45.73 18.14
C ILE C 269 5.40 45.04 17.24
N ARG C 270 5.23 43.74 17.39
CA ARG C 270 4.27 43.02 16.56
C ARG C 270 3.33 42.21 17.41
N SER C 271 2.07 42.22 17.07
CA SER C 271 1.10 41.43 17.79
C SER C 271 -0.08 41.18 16.90
N GLU C 272 -0.91 40.20 17.22
CA GLU C 272 -2.11 40.01 16.43
C GLU C 272 -3.16 41.11 16.68
N ASN C 273 -3.35 41.48 17.96
CA ASN C 273 -4.27 42.49 18.46
C ASN C 273 -3.69 43.03 19.78
N ILE C 274 -2.92 44.17 19.73
CA ILE C 274 -2.16 44.71 20.89
C ILE C 274 -3.05 45.11 22.06
N THR C 275 -4.28 45.43 21.72
CA THR C 275 -5.35 45.78 22.61
C THR C 275 -5.71 44.65 23.56
N ASN C 276 -5.68 43.43 23.07
CA ASN C 276 -6.09 42.27 23.82
C ASN C 276 -4.95 41.73 24.66
N ASN C 277 -5.07 41.81 25.98
CA ASN C 277 -3.97 41.39 26.85
C ASN C 277 -3.80 39.87 26.89
N ALA C 278 -4.65 39.15 26.19
CA ALA C 278 -4.54 37.72 26.10
C ALA C 278 -3.50 37.29 25.07
N LYS C 279 -2.99 38.22 24.28
CA LYS C 279 -2.04 37.88 23.24
C LYS C 279 -0.60 38.22 23.61
N ASN C 280 0.35 37.51 23.02
CA ASN C 280 1.76 37.85 23.25
C ASN C 280 2.20 38.94 22.31
N ILE C 281 3.20 39.68 22.72
CA ILE C 281 3.82 40.71 21.93
C ILE C 281 5.21 40.28 21.53
N LEU C 282 5.51 40.32 20.26
CA LEU C 282 6.84 39.97 19.84
C LEU C 282 7.62 41.23 19.60
N VAL C 283 8.82 41.29 20.10
CA VAL C 283 9.61 42.47 19.92
C VAL C 283 10.88 42.18 19.17
N GLN C 284 11.10 42.89 18.08
CA GLN C 284 12.33 42.71 17.32
C GLN C 284 13.31 43.85 17.59
N LEU C 285 14.52 43.52 18.00
CA LEU C 285 15.50 44.52 18.39
C LEU C 285 16.41 45.00 17.30
N ASN C 286 17.02 46.19 17.48
CA ASN C 286 17.94 46.76 16.50
C ASN C 286 19.40 46.52 16.82
N THR C 287 19.65 45.84 17.90
CA THR C 287 21.01 45.60 18.31
C THR C 287 20.96 44.29 19.04
N PRO C 288 21.96 43.43 18.93
CA PRO C 288 21.99 42.23 19.68
C PRO C 288 22.35 42.60 21.07
N VAL C 289 21.85 41.87 22.02
CA VAL C 289 22.38 42.06 23.36
C VAL C 289 23.18 40.82 23.60
N GLN C 290 24.46 40.96 23.87
CA GLN C 290 25.23 39.74 23.98
C GLN C 290 25.11 39.13 25.33
N ILE C 291 24.77 37.85 25.34
CA ILE C 291 24.63 37.11 26.58
C ILE C 291 25.66 35.96 26.63
N ASN C 292 26.41 35.92 27.74
CA ASN C 292 27.45 34.88 27.98
C ASN C 292 26.92 33.91 29.05
N CYS C 293 26.78 32.63 28.68
CA CYS C 293 26.24 31.59 29.56
C CYS C 293 27.25 30.49 29.81
N THR C 294 27.28 30.01 31.04
CA THR C 294 28.23 28.98 31.38
C THR C 294 27.85 28.03 32.50
N ARG C 295 28.44 26.84 32.44
CA ARG C 295 28.40 25.85 33.48
C ARG C 295 29.84 25.67 33.90
N PRO C 296 30.29 26.29 34.99
CA PRO C 296 31.66 26.34 35.43
C PRO C 296 32.21 25.02 35.93
N ASN C 297 31.32 24.10 36.24
CA ASN C 297 31.74 22.84 36.81
C ASN C 297 32.35 21.97 35.73
N ASN C 298 33.47 21.30 36.08
CA ASN C 298 34.19 20.36 35.22
C ASN C 298 33.71 18.94 35.48
N ASN C 299 32.82 18.42 34.61
CA ASN C 299 32.20 17.10 34.80
C ASN C 299 32.98 16.03 34.09
N THR C 300 33.16 14.91 34.76
CA THR C 300 33.81 13.74 34.18
C THR C 300 32.73 12.75 33.88
N VAL C 301 32.65 12.33 32.63
CA VAL C 301 31.60 11.43 32.18
C VAL C 301 32.04 9.99 32.05
N LYS C 302 31.26 9.12 32.64
CA LYS C 302 31.50 7.70 32.65
C LYS C 302 30.45 6.97 31.84
N SER C 303 30.76 5.75 31.45
CA SER C 303 29.84 4.95 30.67
C SER C 303 29.80 3.52 31.12
N ILE C 304 28.60 2.98 31.23
CA ILE C 304 28.43 1.60 31.62
C ILE C 304 27.64 0.86 30.59
N ARG C 305 27.83 -0.44 30.57
CA ARG C 305 27.10 -1.26 29.64
C ARG C 305 25.81 -1.60 30.31
N ILE C 306 24.69 -1.50 29.61
CA ILE C 306 23.43 -1.83 30.26
C ILE C 306 22.75 -3.00 29.61
N GLY C 307 23.21 -3.38 28.43
CA GLY C 307 22.62 -4.52 27.75
C GLY C 307 23.43 -4.72 26.51
N PRO C 308 23.22 -5.77 25.73
CA PRO C 308 24.00 -6.04 24.57
C PRO C 308 23.93 -4.90 23.60
N GLY C 309 25.07 -4.36 23.29
CA GLY C 309 25.14 -3.28 22.31
C GLY C 309 24.66 -1.92 22.87
N GLN C 310 24.39 -1.83 24.17
CA GLN C 310 23.87 -0.58 24.72
C GLN C 310 24.65 -0.07 25.90
N TRP C 311 24.72 1.26 25.99
CA TRP C 311 25.39 1.91 27.11
C TRP C 311 24.72 3.20 27.50
N PHE C 312 24.88 3.50 28.78
CA PHE C 312 24.35 4.68 29.44
C PHE C 312 25.46 5.63 29.85
N TYR C 313 25.25 6.91 29.58
CA TYR C 313 26.26 7.91 29.96
C TYR C 313 25.81 8.73 31.13
N TYR C 314 26.71 8.96 32.06
CA TYR C 314 26.35 9.71 33.24
C TYR C 314 27.50 10.47 33.87
N THR C 315 27.18 11.45 34.70
CA THR C 315 28.24 12.16 35.36
C THR C 315 28.78 11.29 36.44
N GLY C 316 30.08 11.09 36.40
CA GLY C 316 30.80 10.26 37.32
C GLY C 316 31.19 11.10 38.52
N ASP C 317 31.88 12.17 38.23
CA ASP C 317 32.34 13.07 39.28
C ASP C 317 32.50 14.49 38.78
N ILE C 318 32.84 15.38 39.71
CA ILE C 318 33.11 16.77 39.43
C ILE C 318 34.49 17.14 39.93
N ILE C 319 35.26 17.75 39.07
CA ILE C 319 36.59 18.18 39.39
C ILE C 319 36.57 19.63 39.82
N GLY C 320 37.13 19.89 40.98
CA GLY C 320 37.15 21.23 41.53
C GLY C 320 35.88 21.50 42.31
N ASP C 321 35.66 22.76 42.63
CA ASP C 321 34.53 23.19 43.42
C ASP C 321 33.25 23.21 42.61
N ILE C 322 32.11 23.18 43.30
CA ILE C 322 30.82 23.18 42.68
C ILE C 322 30.07 24.51 42.78
N ARG C 323 29.86 25.12 41.63
CA ARG C 323 29.21 26.42 41.51
C ARG C 323 28.06 26.41 40.51
N GLN C 324 27.13 27.32 40.66
CA GLN C 324 25.98 27.38 39.75
C GLN C 324 26.28 27.89 38.37
N ALA C 325 25.50 27.38 37.42
CA ALA C 325 25.53 27.88 36.06
C ALA C 325 24.88 29.22 36.10
N HIS C 326 25.32 30.09 35.21
CA HIS C 326 24.79 31.44 35.15
C HIS C 326 25.00 32.11 33.80
N CYS C 327 24.27 33.22 33.53
CA CYS C 327 24.42 34.06 32.33
C CYS C 327 24.66 35.53 32.67
N ASN C 328 25.57 36.14 31.94
CA ASN C 328 25.91 37.55 32.11
C ASN C 328 25.42 38.42 30.94
N VAL C 329 24.67 39.49 31.29
CA VAL C 329 24.12 40.50 30.36
C VAL C 329 24.64 41.89 30.77
N SER C 330 25.30 42.61 29.87
CA SER C 330 25.81 43.93 30.28
C SER C 330 24.66 44.82 30.69
N LYS C 331 24.76 45.47 31.84
CA LYS C 331 23.65 46.28 32.30
C LYS C 331 23.32 47.43 31.42
N ALA C 332 24.32 48.19 31.00
CA ALA C 332 24.01 49.37 30.22
C ALA C 332 23.37 49.03 28.89
N THR C 333 23.84 47.96 28.24
CA THR C 333 23.29 47.62 26.95
C THR C 333 21.86 47.19 27.15
N TRP C 334 21.63 46.39 28.19
CA TRP C 334 20.28 45.98 28.46
C TRP C 334 19.36 47.17 28.73
N ASN C 335 19.81 48.15 29.55
CA ASN C 335 19.03 49.34 29.93
C ASN C 335 18.66 50.20 28.71
N GLU C 336 19.60 50.37 27.73
CA GLU C 336 19.36 51.10 26.49
C GLU C 336 18.32 50.40 25.66
N THR C 337 18.48 49.09 25.57
CA THR C 337 17.60 48.28 24.78
C THR C 337 16.20 48.34 25.33
N LEU C 338 16.08 48.23 26.64
CA LEU C 338 14.77 48.22 27.23
C LEU C 338 14.14 49.59 27.10
N GLY C 339 14.92 50.66 27.23
CA GLY C 339 14.34 51.99 27.07
C GLY C 339 13.74 52.16 25.67
N LYS C 340 14.41 51.61 24.65
CA LYS C 340 13.89 51.69 23.29
C LYS C 340 12.57 50.94 23.16
N VAL C 341 12.48 49.81 23.86
CA VAL C 341 11.25 49.04 23.84
C VAL C 341 10.14 49.86 24.45
N VAL C 342 10.44 50.55 25.55
CA VAL C 342 9.43 51.35 26.20
C VAL C 342 8.94 52.46 25.29
N LYS C 343 9.84 53.14 24.56
CA LYS C 343 9.35 54.20 23.68
C LYS C 343 8.38 53.68 22.66
N GLN C 344 8.67 52.52 22.10
CA GLN C 344 7.77 51.99 21.09
C GLN C 344 6.48 51.53 21.71
N LEU C 345 6.50 51.04 22.94
CA LEU C 345 5.26 50.63 23.59
C LEU C 345 4.40 51.86 23.85
N ARG C 346 5.01 52.99 24.21
CA ARG C 346 4.23 54.20 24.48
C ARG C 346 3.43 54.60 23.26
N LYS C 347 3.94 54.33 22.06
CA LYS C 347 3.18 54.67 20.87
C LYS C 347 1.79 54.01 20.81
N HIS C 348 1.60 52.91 21.51
CA HIS C 348 0.30 52.24 21.52
C HIS C 348 -0.47 52.45 22.81
N PHE C 349 0.22 52.82 23.90
CA PHE C 349 -0.49 52.96 25.19
C PHE C 349 -0.65 54.40 25.69
N GLY C 350 0.10 55.33 25.13
CA GLY C 350 0.05 56.74 25.52
C GLY C 350 1.32 57.22 26.22
N ASN C 351 1.70 58.49 25.94
CA ASN C 351 2.90 59.16 26.44
C ASN C 351 2.91 59.37 27.97
N ASN C 352 1.71 59.40 28.59
CA ASN C 352 1.48 59.63 30.01
C ASN C 352 1.20 58.33 30.76
N THR C 353 1.46 57.19 30.14
CA THR C 353 1.26 55.92 30.80
C THR C 353 2.60 55.34 31.21
N ILE C 354 2.67 54.92 32.47
CA ILE C 354 3.87 54.36 33.03
C ILE C 354 4.02 52.92 32.63
N ILE C 355 5.20 52.54 32.18
CA ILE C 355 5.43 51.15 31.82
C ILE C 355 6.34 50.44 32.79
N ARG C 356 5.83 49.38 33.36
CA ARG C 356 6.59 48.64 34.34
C ARG C 356 6.84 47.22 33.91
N PHE C 357 8.06 46.78 34.15
CA PHE C 357 8.43 45.41 33.87
C PHE C 357 8.52 44.62 35.13
N ALA C 358 8.07 43.38 35.04
CA ALA C 358 8.04 42.46 36.15
C ALA C 358 8.35 41.05 35.71
N GLN C 359 8.74 40.22 36.66
CA GLN C 359 9.06 38.82 36.45
C GLN C 359 7.81 37.99 36.23
N SER C 360 7.96 36.83 35.59
CA SER C 360 6.85 35.91 35.38
C SER C 360 6.26 35.44 36.69
N SER C 361 4.93 35.39 36.74
CA SER C 361 4.20 35.05 37.95
C SER C 361 4.07 33.57 38.29
N GLY C 362 4.19 32.68 37.33
CA GLY C 362 4.01 31.28 37.66
C GLY C 362 3.83 30.41 36.42
N GLY C 363 3.84 29.11 36.64
CA GLY C 363 3.73 28.15 35.55
C GLY C 363 4.90 27.17 35.65
N ASP C 364 5.03 26.31 34.65
CA ASP C 364 6.11 25.33 34.65
C ASP C 364 7.43 26.03 34.50
N LEU C 365 8.51 25.40 34.94
CA LEU C 365 9.82 25.99 34.82
C LEU C 365 10.13 26.35 33.36
N GLU C 366 9.65 25.54 32.42
CA GLU C 366 9.86 25.78 31.01
C GLU C 366 9.26 27.11 30.56
N VAL C 367 8.24 27.58 31.26
CA VAL C 367 7.55 28.79 30.92
C VAL C 367 8.07 29.99 31.72
N THR C 368 8.32 29.79 33.03
CA THR C 368 8.71 30.88 33.90
C THR C 368 10.16 31.29 33.79
N THR C 369 11.00 30.41 33.29
CA THR C 369 12.40 30.75 33.09
C THR C 369 12.77 30.71 31.63
N HIS C 370 13.95 31.25 31.33
CA HIS C 370 14.47 31.26 30.00
C HIS C 370 15.27 30.01 29.77
N SER C 371 14.69 29.13 29.00
CA SER C 371 15.19 27.83 28.72
C SER C 371 15.86 27.77 27.38
N PHE C 372 17.05 27.20 27.35
CA PHE C 372 17.80 27.03 26.10
C PHE C 372 18.85 25.92 26.17
N ASN C 373 19.29 25.46 25.01
CA ASN C 373 20.34 24.44 24.90
C ASN C 373 21.72 25.08 24.65
N CYS C 374 22.62 25.03 25.66
CA CYS C 374 23.96 25.65 25.70
C CYS C 374 25.04 24.58 25.67
N GLY C 375 25.65 24.37 24.52
CA GLY C 375 26.71 23.39 24.42
C GLY C 375 26.21 21.97 24.41
N GLY C 376 24.89 21.81 24.38
CA GLY C 376 24.23 20.51 24.44
C GLY C 376 23.54 20.30 25.79
N GLU C 377 23.77 21.17 26.77
CA GLU C 377 23.11 21.04 28.07
C GLU C 377 21.85 21.90 28.09
N PHE C 378 20.87 21.55 28.92
CA PHE C 378 19.65 22.36 29.00
C PHE C 378 19.57 23.22 30.25
N PHE C 379 19.66 24.53 30.04
CA PHE C 379 19.67 25.56 31.07
C PHE C 379 18.31 26.18 31.28
N TYR C 380 17.99 26.52 32.53
CA TYR C 380 16.77 27.22 32.94
C TYR C 380 17.10 28.48 33.77
N CYS C 381 17.23 29.64 33.11
CA CYS C 381 17.75 30.89 33.67
C CYS C 381 16.66 31.82 34.18
N ASN C 382 16.88 32.35 35.35
CA ASN C 382 15.93 33.25 35.98
C ASN C 382 16.19 34.69 35.51
N THR C 383 15.23 35.26 34.74
CA THR C 383 15.25 36.57 34.06
C THR C 383 14.65 37.71 34.85
N SER C 384 14.37 37.49 36.13
CA SER C 384 13.83 38.54 37.00
C SER C 384 14.80 39.70 37.13
N GLY C 385 16.06 39.44 36.84
CA GLY C 385 17.09 40.45 36.89
C GLY C 385 17.08 41.34 35.65
N LEU C 386 16.33 40.95 34.63
CA LEU C 386 16.25 41.73 33.41
C LEU C 386 14.94 42.51 33.35
N PHE C 387 13.90 41.96 33.96
CA PHE C 387 12.57 42.58 33.89
C PHE C 387 12.06 43.03 35.25
N ASN C 388 12.77 44.00 35.83
CA ASN C 388 12.49 44.58 37.15
C ASN C 388 12.80 46.08 37.09
N SER C 389 11.85 46.88 36.51
CA SER C 389 12.05 48.33 36.27
C SER C 389 10.78 49.11 35.97
N THR C 390 10.68 50.33 36.51
CA THR C 390 9.52 51.17 36.19
C THR C 390 9.96 52.39 35.42
N TRP C 391 9.38 52.57 34.24
CA TRP C 391 9.71 53.66 33.35
C TRP C 391 8.65 54.75 33.36
N ILE C 392 9.01 55.93 33.83
CA ILE C 392 8.07 57.01 33.99
C ILE C 392 8.35 58.17 33.01
N SER C 393 7.28 58.64 32.32
CA SER C 393 7.22 59.72 31.32
C SER C 393 8.33 60.79 31.47
N SER C 405 30.68 50.61 33.18
CA SER C 405 32.07 50.19 33.38
C SER C 405 32.10 48.68 33.78
N ASN C 406 31.69 47.82 32.82
CA ASN C 406 31.60 46.34 32.89
C ASN C 406 30.73 45.87 34.05
N ASP C 407 29.65 46.58 34.30
CA ASP C 407 28.72 46.25 35.34
C ASP C 407 27.64 45.39 34.72
N SER C 408 27.65 44.09 35.02
CA SER C 408 26.74 43.15 34.40
C SER C 408 25.67 42.63 35.33
N ILE C 409 24.60 42.12 34.74
CA ILE C 409 23.50 41.50 35.43
C ILE C 409 23.72 40.01 35.39
N THR C 410 23.67 39.35 36.53
CA THR C 410 23.88 37.91 36.52
C THR C 410 22.60 37.15 36.77
N LEU C 411 22.31 36.23 35.88
CA LEU C 411 21.13 35.40 35.97
C LEU C 411 21.57 33.99 36.40
N PRO C 412 21.12 33.44 37.52
CA PRO C 412 21.47 32.09 37.93
C PRO C 412 20.71 31.20 36.99
N CYS C 413 21.23 29.98 36.68
CA CYS C 413 20.59 29.00 35.78
C CYS C 413 20.65 27.57 36.37
N ARG C 414 19.54 26.85 36.31
CA ARG C 414 19.52 25.46 36.75
C ARG C 414 19.65 24.55 35.55
N ILE C 415 20.07 23.32 35.76
CA ILE C 415 20.23 22.37 34.65
C ILE C 415 19.42 21.10 34.81
N LYS C 416 18.79 20.66 33.71
CA LYS C 416 18.02 19.41 33.75
C LYS C 416 18.51 18.43 32.72
N GLN C 417 18.45 17.13 33.01
CA GLN C 417 18.77 16.11 32.04
C GLN C 417 17.57 15.40 31.46
N ILE C 418 16.44 15.36 32.16
CA ILE C 418 15.30 14.66 31.59
C ILE C 418 14.38 15.71 31.03
N ILE C 419 14.30 15.73 29.73
CA ILE C 419 13.64 16.80 29.04
C ILE C 419 12.35 16.38 28.37
N ASN C 420 11.28 17.12 28.61
CA ASN C 420 10.01 16.86 27.95
C ASN C 420 9.71 18.03 27.04
N MET C 421 10.05 17.88 25.78
CA MET C 421 9.92 18.97 24.83
C MET C 421 8.58 19.05 24.14
N TRP C 422 8.36 20.22 23.58
CA TRP C 422 7.23 20.56 22.73
C TRP C 422 5.91 20.45 23.43
N GLN C 423 5.97 20.54 24.75
CA GLN C 423 4.84 20.46 25.66
C GLN C 423 4.07 19.16 25.51
N ARG C 424 4.78 18.05 25.28
CA ARG C 424 4.13 16.77 25.15
C ARG C 424 4.31 15.91 26.38
N ILE C 425 3.46 14.90 26.51
CA ILE C 425 3.53 13.94 27.60
C ILE C 425 3.70 12.52 27.08
N GLY C 426 4.62 11.75 27.66
CA GLY C 426 4.82 10.36 27.24
C GLY C 426 6.11 10.10 26.48
N GLN C 427 6.79 11.16 26.08
CA GLN C 427 8.04 11.03 25.36
C GLN C 427 9.17 11.84 25.98
N ALA C 428 9.97 11.24 26.86
CA ALA C 428 11.02 12.00 27.53
C ALA C 428 12.35 11.69 26.88
N MET C 429 13.27 12.63 26.94
CA MET C 429 14.61 12.42 26.43
C MET C 429 15.64 12.54 27.53
N TYR C 430 16.65 11.69 27.51
CA TYR C 430 17.72 11.86 28.45
C TYR C 430 18.86 12.53 27.76
N ALA C 431 19.24 13.69 28.24
CA ALA C 431 20.35 14.38 27.63
C ALA C 431 21.59 13.91 28.35
N PRO C 432 22.52 13.21 27.70
CA PRO C 432 23.68 12.68 28.35
C PRO C 432 24.48 13.88 28.71
N PRO C 433 25.28 13.83 29.74
CA PRO C 433 26.15 14.89 30.18
C PRO C 433 27.29 15.05 29.25
N ILE C 434 27.80 16.26 29.20
CA ILE C 434 28.96 16.56 28.40
C ILE C 434 30.19 16.82 29.22
N GLN C 435 31.23 16.06 28.93
CA GLN C 435 32.47 16.16 29.68
C GLN C 435 33.18 17.47 29.46
N GLY C 436 33.66 18.05 30.55
CA GLY C 436 34.38 19.31 30.47
C GLY C 436 33.60 20.45 31.10
N VAL C 437 33.95 21.67 30.69
CA VAL C 437 33.38 22.91 31.20
C VAL C 437 32.71 23.58 30.00
N ILE C 438 31.49 24.07 30.17
CA ILE C 438 30.76 24.64 29.04
C ILE C 438 30.51 26.11 29.06
N ARG C 439 30.86 26.75 27.95
CA ARG C 439 30.59 28.16 27.78
C ARG C 439 30.04 28.36 26.36
N CYS C 440 28.97 29.18 26.21
CA CYS C 440 28.35 29.53 24.94
C CYS C 440 28.03 31.02 24.94
N VAL C 441 28.16 31.62 23.78
CA VAL C 441 27.85 33.03 23.61
C VAL C 441 26.81 33.20 22.54
N SER C 442 25.76 33.92 22.86
CA SER C 442 24.69 34.12 21.91
C SER C 442 24.18 35.55 21.90
N ASN C 443 23.43 35.91 20.84
CA ASN C 443 22.82 37.23 20.64
C ASN C 443 21.33 37.18 20.98
N ILE C 444 20.86 38.13 21.82
CA ILE C 444 19.43 38.30 22.11
C ILE C 444 18.97 39.24 21.03
N THR C 445 18.08 38.77 20.20
CA THR C 445 17.62 39.52 19.06
C THR C 445 16.17 39.94 19.21
N GLY C 446 15.52 39.41 20.22
CA GLY C 446 14.12 39.75 20.42
C GLY C 446 13.57 39.26 21.73
N LEU C 447 12.34 39.63 21.99
CA LEU C 447 11.66 39.28 23.23
C LEU C 447 10.25 38.76 23.04
N ILE C 448 9.78 37.91 23.93
CA ILE C 448 8.37 37.60 23.96
C ILE C 448 7.81 38.19 25.25
N LEU C 449 6.92 39.16 25.13
CA LEU C 449 6.34 39.80 26.30
C LEU C 449 4.85 39.64 26.38
N THR C 450 4.33 39.60 27.58
CA THR C 450 2.89 39.52 27.77
C THR C 450 2.44 40.69 28.64
N ARG C 451 1.40 41.37 28.19
CA ARG C 451 0.87 42.51 28.91
C ARG C 451 -0.20 42.05 29.88
N ASP C 452 -0.25 42.68 31.04
CA ASP C 452 -1.25 42.37 32.05
C ASP C 452 -2.57 43.09 31.73
N GLY C 453 -3.62 42.89 32.56
CA GLY C 453 -4.93 43.50 32.40
C GLY C 453 -4.89 45.00 32.76
N SER C 458 -6.06 51.78 34.95
CA SER C 458 -5.23 52.64 35.77
C SER C 458 -4.30 53.48 34.84
N THR C 459 -3.15 53.96 35.38
CA THR C 459 -2.15 54.80 34.72
C THR C 459 -0.86 54.07 34.41
N THR C 460 -0.79 52.82 34.83
CA THR C 460 0.41 52.00 34.66
C THR C 460 0.07 50.67 34.03
N GLU C 461 0.87 50.28 33.05
CA GLU C 461 0.77 48.99 32.38
C GLU C 461 1.91 48.11 32.85
N THR C 462 1.66 46.83 32.98
CA THR C 462 2.72 45.92 33.39
C THR C 462 2.98 44.85 32.35
N PHE C 463 4.26 44.65 32.07
CA PHE C 463 4.70 43.65 31.12
C PHE C 463 5.58 42.62 31.79
N ARG C 464 5.38 41.36 31.43
CA ARG C 464 6.14 40.25 31.98
C ARG C 464 6.65 39.39 30.85
N PRO C 465 7.71 38.63 31.01
CA PRO C 465 8.12 37.68 30.02
C PRO C 465 6.99 36.73 29.75
N GLY C 466 6.75 36.45 28.48
CA GLY C 466 5.71 35.52 28.07
C GLY C 466 6.37 34.39 27.32
N GLY C 467 5.58 33.48 26.75
CA GLY C 467 6.21 32.38 26.01
C GLY C 467 5.56 31.04 26.31
N GLY C 468 6.23 29.96 25.90
CA GLY C 468 5.75 28.58 26.06
C GLY C 468 5.22 27.94 24.79
N ASP C 469 4.93 28.75 23.77
CA ASP C 469 4.45 28.23 22.48
C ASP C 469 5.48 28.49 21.42
N MET C 470 6.08 27.43 20.93
CA MET C 470 7.17 27.48 19.99
C MET C 470 6.83 28.14 18.67
N ARG C 471 5.56 28.18 18.32
CA ARG C 471 5.22 28.78 17.06
C ARG C 471 5.58 30.26 17.05
N ASP C 472 5.71 30.88 18.22
CA ASP C 472 6.06 32.28 18.28
C ASP C 472 7.50 32.48 17.88
N ASN C 473 8.36 31.50 18.13
CA ASN C 473 9.74 31.72 17.80
C ASN C 473 9.89 31.74 16.32
N TRP C 474 9.08 30.90 15.67
CA TRP C 474 9.08 30.74 14.20
C TRP C 474 8.51 32.01 13.57
N ARG C 475 7.40 32.52 14.12
CA ARG C 475 6.77 33.65 13.47
C ARG C 475 7.74 34.79 13.32
N SER C 476 8.65 34.94 14.26
CA SER C 476 9.62 36.01 14.22
C SER C 476 10.56 35.96 13.02
N GLU C 477 10.70 34.82 12.37
CA GLU C 477 11.53 34.73 11.17
C GLU C 477 10.67 34.60 9.92
N LEU C 478 9.51 33.98 10.05
CA LEU C 478 8.65 33.76 8.91
C LEU C 478 7.65 34.86 8.61
N TYR C 479 7.57 35.89 9.43
CA TYR C 479 6.63 37.00 9.21
C TYR C 479 6.82 37.71 7.89
N LYS C 480 8.00 37.62 7.32
CA LYS C 480 8.28 38.30 6.08
C LYS C 480 7.74 37.58 4.88
N TYR C 481 7.31 36.34 5.03
CA TYR C 481 6.94 35.57 3.86
C TYR C 481 5.52 35.08 3.77
N LYS C 482 5.00 34.99 2.56
CA LYS C 482 3.72 34.32 2.34
C LYS C 482 3.82 33.46 1.08
N VAL C 483 3.06 32.38 1.04
CA VAL C 483 3.11 31.51 -0.13
C VAL C 483 1.90 31.70 -1.01
N VAL C 484 2.14 31.88 -2.30
CA VAL C 484 1.05 32.04 -3.22
C VAL C 484 1.14 31.05 -4.34
N LYS C 485 0.01 30.76 -4.96
CA LYS C 485 -0.09 29.89 -6.11
C LYS C 485 -0.07 30.72 -7.36
N ILE C 486 0.64 30.26 -8.35
CA ILE C 486 0.65 30.99 -9.59
C ILE C 486 -0.50 30.53 -10.45
N GLU C 487 -1.23 31.50 -10.99
CA GLU C 487 -2.41 31.22 -11.81
C GLU C 487 -2.22 31.77 -13.21
N PRO C 488 -1.49 31.08 -14.10
CA PRO C 488 -1.04 31.54 -15.37
C PRO C 488 -2.09 31.69 -16.44
N LEU C 489 -3.29 31.18 -16.22
CA LEU C 489 -4.25 31.25 -17.29
C LEU C 489 -5.26 32.36 -17.05
N GLY C 490 -5.32 33.32 -17.97
CA GLY C 490 -6.25 34.43 -17.81
C GLY C 490 -6.95 34.82 -19.11
N VAL C 491 -7.98 35.64 -18.99
CA VAL C 491 -8.77 36.10 -20.12
C VAL C 491 -8.99 37.60 -20.12
N ALA C 492 -8.93 38.24 -21.29
CA ALA C 492 -9.20 39.67 -21.42
C ALA C 492 -9.77 39.97 -22.82
N PRO C 493 -10.59 41.02 -23.00
CA PRO C 493 -11.10 41.47 -24.29
C PRO C 493 -10.04 42.11 -25.14
N THR C 494 -10.06 41.78 -26.41
CA THR C 494 -9.18 42.37 -27.41
C THR C 494 -9.99 42.61 -28.65
N ARG C 495 -9.38 43.19 -29.66
CA ARG C 495 -10.08 43.37 -30.93
C ARG C 495 -9.85 42.20 -31.94
N CYS C 496 -9.21 41.08 -31.50
CA CYS C 496 -8.81 39.95 -32.32
C CYS C 496 -9.87 38.84 -32.37
N LYS C 497 -10.48 38.69 -33.52
CA LYS C 497 -11.47 37.65 -33.75
C LYS C 497 -10.76 36.50 -34.40
N ARG C 498 -10.96 35.27 -33.91
CA ARG C 498 -10.32 34.06 -34.52
C ARG C 498 -10.85 33.89 -35.95
N ARG C 499 -9.99 33.45 -36.86
CA ARG C 499 -10.38 33.35 -38.30
C ARG C 499 -10.71 31.89 -38.62
N VAL C 500 -11.96 31.62 -39.01
CA VAL C 500 -12.40 30.23 -39.33
C VAL C 500 -13.30 30.27 -40.57
N SER D 1 15.38 40.90 -19.23
CA SER D 1 14.44 40.12 -18.44
C SER D 1 14.25 40.75 -17.06
N LEU D 2 12.99 40.80 -16.58
CA LEU D 2 12.59 41.31 -15.28
C LEU D 2 12.53 40.19 -14.25
N GLY D 3 12.77 38.95 -14.67
CA GLY D 3 12.67 37.83 -13.74
C GLY D 3 11.29 37.21 -13.77
N PHE D 4 11.12 36.11 -13.06
CA PHE D 4 9.89 35.34 -13.08
C PHE D 4 8.59 36.10 -12.83
N LEU D 5 8.45 36.83 -11.76
CA LEU D 5 7.20 37.59 -11.63
C LEU D 5 7.43 39.06 -11.79
N GLY D 6 8.52 39.43 -12.43
CA GLY D 6 8.90 40.82 -12.56
C GLY D 6 7.88 41.71 -13.24
N ALA D 7 7.09 41.15 -14.14
CA ALA D 7 6.09 41.91 -14.85
C ALA D 7 4.91 42.26 -13.97
N ALA D 8 4.75 41.63 -12.83
CA ALA D 8 3.58 41.95 -12.04
C ALA D 8 3.66 43.39 -11.67
N GLY D 9 2.55 44.09 -11.75
CA GLY D 9 2.49 45.50 -11.41
C GLY D 9 2.59 46.38 -12.65
N SER D 10 3.04 45.82 -13.77
CA SER D 10 3.14 46.56 -15.01
C SER D 10 1.77 46.52 -15.63
N THR D 11 1.53 47.26 -16.68
CA THR D 11 0.18 47.21 -17.23
C THR D 11 -0.03 45.91 -17.95
N MET D 12 -1.29 45.58 -18.22
CA MET D 12 -1.58 44.34 -18.93
C MET D 12 -0.90 44.30 -20.27
N GLY D 13 -0.85 45.44 -20.94
CA GLY D 13 -0.21 45.48 -22.22
C GLY D 13 1.24 45.09 -22.08
N ALA D 14 1.96 45.75 -21.17
CA ALA D 14 3.37 45.46 -20.98
C ALA D 14 3.66 44.03 -20.57
N ALA D 15 2.80 43.49 -19.72
CA ALA D 15 2.96 42.16 -19.18
C ALA D 15 2.68 41.09 -20.20
N SER D 16 1.91 41.39 -21.24
CA SER D 16 1.59 40.39 -22.23
C SER D 16 2.83 39.98 -23.01
N MET D 17 3.90 40.75 -22.91
CA MET D 17 5.11 40.44 -23.64
C MET D 17 6.09 39.55 -22.88
N THR D 18 5.75 39.13 -21.65
CA THR D 18 6.66 38.31 -20.85
C THR D 18 6.10 36.93 -20.58
N LEU D 19 5.09 36.52 -21.31
CA LEU D 19 4.40 35.27 -21.02
C LEU D 19 5.34 34.08 -21.04
N THR D 20 6.36 34.10 -21.89
CA THR D 20 7.29 33.00 -21.96
C THR D 20 7.97 32.80 -20.62
N VAL D 21 8.33 33.90 -19.96
CA VAL D 21 9.05 33.83 -18.72
C VAL D 21 8.21 33.21 -17.65
N GLN D 22 6.95 33.57 -17.58
CA GLN D 22 6.21 32.93 -16.52
C GLN D 22 5.89 31.48 -16.87
N ALA D 23 5.58 31.20 -18.13
CA ALA D 23 5.21 29.85 -18.53
C ALA D 23 6.32 28.84 -18.34
N ARG D 24 7.56 29.22 -18.58
CA ARG D 24 8.66 28.27 -18.51
C ARG D 24 9.10 27.96 -17.09
N ASN D 25 8.52 28.63 -16.10
CA ASN D 25 8.88 28.36 -14.72
C ASN D 25 7.86 27.48 -14.02
N LEU D 26 6.94 26.91 -14.79
CA LEU D 26 5.96 25.98 -14.27
C LEU D 26 6.66 24.65 -14.43
N LEU D 27 6.33 23.63 -13.63
CA LEU D 27 7.03 22.31 -13.67
C LEU D 27 8.51 22.31 -13.16
N SER D 28 9.17 23.49 -13.08
CA SER D 28 10.53 23.71 -12.63
C SER D 28 10.67 25.18 -12.22
N HIS D 52 8.81 9.32 5.71
CA HIS D 52 7.73 10.08 5.06
C HIS D 52 8.22 11.33 4.29
N TRP D 53 9.51 11.71 4.40
CA TRP D 53 10.08 12.91 3.78
C TRP D 53 10.08 12.81 2.27
N GLY D 54 10.20 11.59 1.78
CA GLY D 54 10.19 11.34 0.36
C GLY D 54 8.77 11.40 -0.15
N ILE D 55 7.80 11.42 0.74
CA ILE D 55 6.43 11.46 0.32
C ILE D 55 6.11 12.90 0.19
N LYS D 56 6.54 13.72 1.13
CA LYS D 56 6.26 15.12 0.89
C LYS D 56 6.89 15.55 -0.42
N GLN D 57 8.09 15.03 -0.73
CA GLN D 57 8.68 15.44 -1.97
C GLN D 57 7.89 14.88 -3.16
N LEU D 58 7.41 13.63 -3.10
CA LEU D 58 6.63 13.15 -4.23
C LEU D 58 5.33 13.87 -4.39
N GLN D 59 4.70 14.23 -3.30
CA GLN D 59 3.44 14.91 -3.41
C GLN D 59 3.64 16.26 -4.06
N ALA D 60 4.73 16.93 -3.72
CA ALA D 60 5.02 18.21 -4.32
C ALA D 60 5.19 18.09 -5.83
N ARG D 61 5.86 17.03 -6.24
CA ARG D 61 6.12 16.80 -7.65
C ARG D 61 4.85 16.42 -8.41
N VAL D 62 4.05 15.57 -7.81
CA VAL D 62 2.82 15.14 -8.43
C VAL D 62 1.87 16.29 -8.56
N LEU D 63 1.76 17.10 -7.52
CA LEU D 63 0.86 18.21 -7.57
C LEU D 63 1.24 19.18 -8.67
N ALA D 64 2.53 19.46 -8.82
CA ALA D 64 2.94 20.39 -9.87
C ALA D 64 2.53 19.87 -11.23
N VAL D 65 2.66 18.56 -11.42
CA VAL D 65 2.27 17.99 -12.69
C VAL D 65 0.79 18.07 -12.90
N GLU D 66 0.00 17.75 -11.89
CA GLU D 66 -1.42 17.79 -12.06
C GLU D 66 -1.92 19.16 -12.40
N HIS D 67 -1.36 20.19 -11.78
CA HIS D 67 -1.85 21.51 -12.09
C HIS D 67 -1.47 21.89 -13.49
N TYR D 68 -0.26 21.55 -13.90
CA TYR D 68 0.14 21.87 -15.24
C TYR D 68 -0.80 21.25 -16.24
N LEU D 69 -1.07 19.96 -16.08
CA LEU D 69 -1.88 19.26 -17.02
C LEU D 69 -3.31 19.74 -17.03
N ARG D 70 -3.82 20.17 -15.89
CA ARG D 70 -5.20 20.59 -15.87
C ARG D 70 -5.36 21.87 -16.69
N ASP D 71 -4.40 22.78 -16.60
CA ASP D 71 -4.52 23.99 -17.39
C ASP D 71 -4.26 23.71 -18.85
N GLN D 72 -3.36 22.77 -19.15
CA GLN D 72 -3.12 22.48 -20.55
C GLN D 72 -4.34 21.84 -21.14
N GLN D 73 -5.05 21.05 -20.35
CA GLN D 73 -6.24 20.42 -20.84
C GLN D 73 -7.28 21.43 -21.23
N LEU D 74 -7.45 22.49 -20.42
CA LEU D 74 -8.44 23.48 -20.78
C LEU D 74 -8.05 24.16 -22.06
N LEU D 75 -6.78 24.45 -22.23
CA LEU D 75 -6.41 25.11 -23.44
C LEU D 75 -6.69 24.22 -24.62
N GLY D 76 -6.43 22.93 -24.48
CA GLY D 76 -6.70 21.99 -25.54
C GLY D 76 -8.18 21.93 -25.88
N ILE D 77 -9.03 21.88 -24.87
CA ILE D 77 -10.47 21.80 -25.09
C ILE D 77 -10.97 23.02 -25.83
N TRP D 78 -10.45 24.18 -25.49
CA TRP D 78 -10.85 25.43 -26.10
C TRP D 78 -10.26 25.64 -27.49
N GLY D 79 -9.41 24.71 -27.94
CA GLY D 79 -8.74 24.83 -29.23
C GLY D 79 -7.40 25.59 -29.24
N CYS D 80 -6.94 26.08 -28.08
CA CYS D 80 -5.74 26.87 -27.91
C CYS D 80 -4.59 25.93 -27.54
N SER D 81 -4.32 25.01 -28.41
CA SER D 81 -3.34 24.00 -28.08
C SER D 81 -1.94 24.36 -28.50
N GLY D 82 -1.04 24.47 -27.53
CA GLY D 82 0.36 24.82 -27.82
C GLY D 82 0.60 26.28 -28.13
N LYS D 83 -0.25 27.16 -27.61
CA LYS D 83 -0.13 28.58 -27.86
C LYS D 83 -0.19 29.38 -26.58
N LEU D 84 0.50 30.51 -26.55
CA LEU D 84 0.40 31.35 -25.37
C LEU D 84 -0.71 32.39 -25.53
N ILE D 85 -1.03 32.79 -26.75
CA ILE D 85 -2.11 33.76 -26.96
C ILE D 85 -3.10 33.21 -27.99
N CYS D 86 -4.41 33.09 -27.67
CA CYS D 86 -5.41 32.61 -28.64
C CYS D 86 -6.62 33.48 -28.74
N CYS D 87 -6.94 33.75 -29.97
CA CYS D 87 -8.11 34.51 -30.29
C CYS D 87 -9.18 33.48 -30.42
N THR D 88 -10.39 33.82 -30.03
CA THR D 88 -11.50 32.87 -30.08
C THR D 88 -12.65 33.47 -30.83
N ASN D 89 -13.73 32.69 -30.94
CA ASN D 89 -14.94 33.15 -31.60
C ASN D 89 -16.04 33.49 -30.61
N VAL D 90 -15.68 33.68 -29.34
CA VAL D 90 -16.64 34.06 -28.34
C VAL D 90 -16.53 35.57 -28.18
N PRO D 91 -17.60 36.35 -28.38
CA PRO D 91 -17.62 37.79 -28.27
C PRO D 91 -17.52 38.17 -26.83
N TRP D 92 -16.99 39.34 -26.57
CA TRP D 92 -16.93 39.86 -25.21
C TRP D 92 -18.24 40.54 -24.86
N ASN D 93 -18.77 40.25 -23.67
CA ASN D 93 -19.99 40.82 -23.09
C ASN D 93 -19.63 41.99 -22.17
N SER D 94 -20.23 43.18 -22.45
CA SER D 94 -20.04 44.43 -21.67
C SER D 94 -20.57 44.28 -20.26
N SER D 95 -21.39 43.26 -20.06
CA SER D 95 -21.91 42.91 -18.77
C SER D 95 -20.77 42.46 -17.86
N TRP D 96 -19.84 41.69 -18.41
CA TRP D 96 -18.76 41.17 -17.60
C TRP D 96 -17.90 42.34 -17.16
N SER D 97 -17.61 43.19 -18.12
CA SER D 97 -16.87 44.42 -17.87
C SER D 97 -17.08 45.35 -19.04
N ASN D 98 -17.33 46.63 -18.75
CA ASN D 98 -17.52 47.61 -19.79
C ASN D 98 -16.40 48.63 -19.86
N ARG D 99 -15.23 48.27 -19.39
CA ARG D 99 -14.13 49.21 -19.45
C ARG D 99 -13.65 49.40 -20.88
N ASN D 100 -13.16 50.59 -21.15
CA ASN D 100 -12.59 50.92 -22.44
C ASN D 100 -11.33 50.10 -22.65
N LEU D 101 -11.03 49.68 -23.87
CA LEU D 101 -9.79 48.93 -24.02
C LEU D 101 -8.58 49.72 -23.60
N SER D 102 -8.59 51.04 -23.75
CA SER D 102 -7.40 51.77 -23.34
C SER D 102 -7.23 51.71 -21.83
N GLU D 103 -8.29 51.52 -21.08
CA GLU D 103 -8.17 51.46 -19.65
C GLU D 103 -7.66 50.09 -19.26
N ILE D 104 -8.21 49.08 -19.92
CA ILE D 104 -7.88 47.72 -19.56
C ILE D 104 -6.44 47.44 -19.87
N TRP D 105 -5.98 47.83 -21.04
CA TRP D 105 -4.63 47.50 -21.38
C TRP D 105 -3.57 48.51 -20.91
N ASP D 106 -3.89 49.80 -20.76
CA ASP D 106 -2.89 50.77 -20.35
C ASP D 106 -2.89 51.18 -18.88
N ASN D 107 -4.03 51.09 -18.17
CA ASN D 107 -4.00 51.52 -16.77
C ASN D 107 -3.92 50.35 -15.80
N MET D 108 -4.68 49.31 -16.08
CA MET D 108 -4.75 48.16 -15.20
C MET D 108 -3.63 47.18 -15.37
N THR D 109 -3.32 46.46 -14.30
CA THR D 109 -2.40 45.33 -14.34
C THR D 109 -3.21 44.05 -14.33
N TRP D 110 -2.55 42.90 -14.51
CA TRP D 110 -3.31 41.65 -14.54
C TRP D 110 -3.88 41.24 -13.20
N LEU D 111 -3.25 41.63 -12.10
CA LEU D 111 -3.77 41.26 -10.79
C LEU D 111 -5.12 41.92 -10.58
N GLN D 112 -5.21 43.18 -10.98
CA GLN D 112 -6.42 43.95 -10.83
C GLN D 112 -7.49 43.46 -11.74
N TRP D 113 -7.10 43.12 -12.95
CA TRP D 113 -8.04 42.64 -13.91
C TRP D 113 -8.66 41.37 -13.44
N ASP D 114 -7.85 40.46 -12.93
CA ASP D 114 -8.40 39.21 -12.51
C ASP D 114 -9.35 39.41 -11.36
N LYS D 115 -9.05 40.33 -10.44
CA LYS D 115 -9.99 40.50 -9.36
C LYS D 115 -11.32 41.03 -9.88
N GLU D 116 -11.29 41.99 -10.81
CA GLU D 116 -12.54 42.51 -11.33
C GLU D 116 -13.38 41.47 -11.99
N ILE D 117 -12.76 40.57 -12.73
CA ILE D 117 -13.53 39.55 -13.39
C ILE D 117 -13.34 38.19 -12.77
N SER D 118 -13.11 38.13 -11.45
CA SER D 118 -13.11 36.81 -10.81
C SER D 118 -14.49 36.14 -11.09
N ASN D 119 -15.56 36.91 -10.91
CA ASN D 119 -16.90 36.46 -11.32
C ASN D 119 -16.91 36.28 -12.84
N TYR D 120 -17.86 35.51 -13.33
CA TYR D 120 -18.07 35.22 -14.76
C TYR D 120 -16.95 34.34 -15.34
N THR D 121 -15.96 33.94 -14.56
CA THR D 121 -14.92 33.09 -15.13
C THR D 121 -15.48 31.83 -15.74
N GLN D 122 -16.46 31.23 -15.08
CA GLN D 122 -16.97 29.98 -15.56
C GLN D 122 -17.98 30.15 -16.67
N ILE D 123 -18.39 31.38 -16.93
CA ILE D 123 -19.33 31.62 -18.01
C ILE D 123 -18.49 31.64 -19.24
N ILE D 124 -17.38 32.35 -19.15
CA ILE D 124 -16.52 32.46 -20.27
C ILE D 124 -15.97 31.10 -20.60
N TYR D 125 -15.54 30.34 -19.60
CA TYR D 125 -14.99 29.05 -19.92
C TYR D 125 -16.03 28.16 -20.54
N GLY D 126 -17.27 28.18 -20.06
CA GLY D 126 -18.28 27.34 -20.66
C GLY D 126 -18.50 27.70 -22.12
N LEU D 127 -18.51 28.99 -22.43
CA LEU D 127 -18.70 29.43 -23.79
C LEU D 127 -17.56 28.99 -24.68
N LEU D 128 -16.35 29.03 -24.17
CA LEU D 128 -15.23 28.62 -24.97
C LEU D 128 -15.30 27.15 -25.31
N GLU D 129 -15.72 26.31 -24.36
CA GLU D 129 -15.80 24.89 -24.68
C GLU D 129 -16.85 24.65 -25.74
N GLU D 130 -17.97 25.38 -25.65
CA GLU D 130 -19.05 25.19 -26.60
C GLU D 130 -18.66 25.65 -27.99
N SER D 131 -17.96 26.77 -28.06
CA SER D 131 -17.57 27.30 -29.33
C SER D 131 -16.64 26.35 -30.04
N GLN D 132 -15.68 25.78 -29.32
CA GLN D 132 -14.77 24.89 -29.99
C GLN D 132 -15.47 23.65 -30.45
N ASN D 133 -16.41 23.13 -29.68
CA ASN D 133 -17.06 21.91 -30.12
C ASN D 133 -17.79 22.18 -31.43
N GLN D 134 -18.44 23.33 -31.54
CA GLN D 134 -19.16 23.61 -32.76
C GLN D 134 -18.19 23.78 -33.93
N GLN D 135 -17.06 24.42 -33.68
CA GLN D 135 -16.12 24.61 -34.76
C GLN D 135 -15.63 23.28 -35.27
N GLU D 136 -15.33 22.33 -34.39
CA GLU D 136 -14.82 21.06 -34.86
C GLU D 136 -15.84 20.33 -35.69
N LYS D 137 -17.10 20.39 -35.28
CA LYS D 137 -18.11 19.70 -36.05
C LYS D 137 -18.20 20.30 -37.43
N ASN D 138 -18.14 21.61 -37.52
CA ASN D 138 -18.26 22.22 -38.83
C ASN D 138 -17.06 21.91 -39.72
N GLU D 139 -15.86 21.82 -39.15
CA GLU D 139 -14.72 21.49 -39.98
C GLU D 139 -14.84 20.09 -40.55
N GLN D 140 -15.35 19.17 -39.74
CA GLN D 140 -15.49 17.81 -40.21
C GLN D 140 -16.45 17.77 -41.37
N ASP D 141 -17.55 18.54 -41.31
CA ASP D 141 -18.47 18.52 -42.42
C ASP D 141 -17.86 19.08 -43.69
N LEU D 142 -17.06 20.13 -43.59
CA LEU D 142 -16.47 20.68 -44.80
C LEU D 142 -15.53 19.70 -45.44
N LEU D 143 -14.76 18.99 -44.64
CA LEU D 143 -13.83 18.05 -45.19
C LEU D 143 -14.55 16.90 -45.86
N ALA D 144 -15.66 16.45 -45.29
CA ALA D 144 -16.41 15.37 -45.90
C ALA D 144 -17.00 15.80 -47.23
N LEU D 145 -17.47 17.05 -47.32
CA LEU D 145 -18.04 17.55 -48.58
C LEU D 145 -17.00 17.75 -49.70
N ASP D 146 -15.79 18.22 -49.35
CA ASP D 146 -14.64 18.48 -50.21
C ASP D 146 -13.99 17.15 -50.60
N ASN E 30 21.87 29.92 -46.27
CA ASN E 30 20.43 29.99 -46.04
C ASN E 30 19.88 28.65 -45.48
N LEU E 31 20.33 28.31 -44.25
CA LEU E 31 19.92 27.15 -43.48
C LEU E 31 19.25 27.65 -42.24
N TRP E 32 18.29 26.86 -41.76
CA TRP E 32 17.49 27.24 -40.57
C TRP E 32 17.43 26.05 -39.62
N VAL E 33 17.37 26.34 -38.32
CA VAL E 33 17.31 25.35 -37.30
C VAL E 33 16.04 24.53 -37.43
N THR E 34 16.19 23.23 -37.50
CA THR E 34 15.05 22.34 -37.52
C THR E 34 15.11 21.44 -36.32
N VAL E 35 13.99 21.34 -35.65
CA VAL E 35 13.88 20.59 -34.42
C VAL E 35 13.36 19.20 -34.65
N TYR E 36 14.08 18.22 -34.14
CA TYR E 36 13.69 16.83 -34.28
C TYR E 36 13.41 16.18 -32.94
N TYR E 37 12.28 15.49 -32.85
CA TYR E 37 11.95 14.80 -31.61
C TYR E 37 11.81 13.31 -31.83
N GLY E 38 12.55 12.53 -31.03
CA GLY E 38 12.60 11.08 -31.14
C GLY E 38 13.96 10.63 -31.67
N VAL E 39 14.95 11.48 -31.49
CA VAL E 39 16.32 11.27 -31.94
C VAL E 39 17.06 10.23 -31.09
N PRO E 40 17.71 9.20 -31.66
CA PRO E 40 18.40 8.13 -30.95
C PRO E 40 19.74 8.52 -30.36
N VAL E 41 19.69 9.37 -29.35
CA VAL E 41 20.82 9.92 -28.59
C VAL E 41 20.69 9.69 -27.10
N TRP E 42 21.82 9.42 -26.45
CA TRP E 42 21.81 9.21 -25.02
C TRP E 42 23.02 9.79 -24.31
N LYS E 43 22.87 9.96 -23.00
CA LYS E 43 23.91 10.46 -22.12
C LYS E 43 24.18 9.51 -20.99
N ASP E 44 25.39 9.49 -20.49
CA ASP E 44 25.62 8.68 -19.32
C ASP E 44 24.75 9.21 -18.21
N ALA E 45 24.10 8.35 -17.44
CA ALA E 45 23.25 8.89 -16.39
C ALA E 45 23.07 7.95 -15.24
N GLU E 46 22.65 8.49 -14.11
CA GLU E 46 22.36 7.66 -12.97
C GLU E 46 20.91 7.83 -12.58
N THR E 47 20.21 6.72 -12.49
CA THR E 47 18.82 6.72 -12.09
C THR E 47 18.56 5.59 -11.15
N THR E 48 17.34 5.51 -10.68
CA THR E 48 16.93 4.44 -9.79
C THR E 48 16.49 3.26 -10.60
N LEU E 49 17.03 2.09 -10.31
CA LEU E 49 16.61 0.91 -11.03
C LEU E 49 15.66 0.13 -10.15
N PHE E 50 14.79 -0.64 -10.78
CA PHE E 50 13.87 -1.49 -10.02
C PHE E 50 14.04 -2.93 -10.45
N CYS E 51 13.59 -3.91 -9.64
CA CYS E 51 13.72 -5.34 -9.95
C CYS E 51 12.45 -5.92 -10.57
N ALA E 52 12.67 -6.99 -11.33
CA ALA E 52 11.64 -7.78 -11.99
C ALA E 52 11.95 -9.27 -11.93
N SER E 53 11.90 -9.84 -10.75
CA SER E 53 12.36 -11.20 -10.48
C SER E 53 11.41 -12.33 -10.87
N ASP E 54 11.25 -12.51 -12.20
CA ASP E 54 10.41 -13.51 -12.89
C ASP E 54 8.92 -13.26 -12.63
N HIS E 63 8.64 -16.61 1.48
CA HIS E 63 9.33 -17.90 1.59
C HIS E 63 10.84 -17.86 1.21
N ASN E 64 11.34 -16.70 0.71
CA ASN E 64 12.72 -16.47 0.25
C ASN E 64 13.14 -15.08 0.66
N VAL E 65 14.31 -15.01 1.25
CA VAL E 65 14.93 -13.83 1.81
C VAL E 65 15.07 -12.67 0.85
N TRP E 66 15.06 -12.92 -0.45
CA TRP E 66 15.25 -11.84 -1.38
C TRP E 66 13.94 -11.19 -1.78
N ALA E 67 12.84 -11.66 -1.20
CA ALA E 67 11.53 -11.07 -1.39
C ALA E 67 11.16 -10.83 -2.82
N THR E 68 11.23 -11.83 -3.66
CA THR E 68 10.96 -11.65 -5.06
C THR E 68 9.51 -11.33 -5.34
N HIS E 69 8.65 -11.54 -4.36
CA HIS E 69 7.24 -11.22 -4.50
C HIS E 69 7.06 -9.71 -4.51
N CYS E 70 8.08 -9.00 -4.04
CA CYS E 70 8.08 -7.54 -4.01
C CYS E 70 8.50 -6.90 -5.37
N CYS E 71 8.99 -7.71 -6.35
CA CYS E 71 9.48 -7.30 -7.65
C CYS E 71 8.35 -7.44 -8.64
N VAL E 72 8.46 -6.73 -9.73
CA VAL E 72 7.40 -6.86 -10.70
C VAL E 72 7.63 -8.17 -11.45
N PRO E 73 6.62 -8.73 -12.08
CA PRO E 73 6.78 -9.87 -12.95
C PRO E 73 7.50 -9.34 -14.17
N THR E 74 8.27 -10.18 -14.84
CA THR E 74 9.01 -9.73 -16.00
C THR E 74 8.38 -10.11 -17.31
N ASP E 75 9.06 -9.70 -18.37
CA ASP E 75 8.75 -9.96 -19.76
C ASP E 75 9.09 -11.41 -20.09
N PRO E 76 8.13 -12.27 -20.47
CA PRO E 76 8.37 -13.66 -20.81
C PRO E 76 9.39 -13.83 -21.94
N ASN E 77 9.59 -12.79 -22.77
CA ASN E 77 10.54 -12.87 -23.86
C ASN E 77 11.18 -11.51 -24.13
N PRO E 78 12.16 -11.08 -23.32
CA PRO E 78 12.81 -9.79 -23.35
C PRO E 78 13.47 -9.55 -24.68
N GLN E 79 13.45 -8.32 -25.13
CA GLN E 79 14.07 -7.98 -26.39
C GLN E 79 15.44 -7.40 -26.24
N GLU E 80 16.24 -7.57 -27.28
CA GLU E 80 17.57 -7.01 -27.34
C GLU E 80 17.81 -6.43 -28.72
N ILE E 81 18.27 -5.20 -28.78
CA ILE E 81 18.51 -4.58 -30.07
C ILE E 81 19.98 -4.40 -30.31
N HIS E 82 20.52 -4.95 -31.39
CA HIS E 82 21.94 -4.77 -31.63
C HIS E 82 22.23 -3.43 -32.26
N LEU E 83 23.14 -2.67 -31.67
CA LEU E 83 23.42 -1.35 -32.16
C LEU E 83 24.56 -1.35 -33.16
N GLU E 84 24.27 -1.84 -34.33
CA GLU E 84 25.29 -1.95 -35.36
C GLU E 84 25.87 -0.58 -35.63
N ASN E 85 27.22 -0.50 -35.77
CA ASN E 85 28.05 0.70 -36.01
C ASN E 85 28.10 1.68 -34.81
N VAL E 86 27.77 1.22 -33.58
CA VAL E 86 27.88 2.02 -32.35
C VAL E 86 28.95 1.47 -31.46
N THR E 87 29.88 2.33 -31.09
CA THR E 87 30.95 1.98 -30.17
C THR E 87 30.71 2.83 -28.96
N GLU E 88 30.77 2.24 -27.78
CA GLU E 88 30.53 3.01 -26.58
C GLU E 88 31.52 2.62 -25.51
N GLU E 89 31.79 3.52 -24.57
CA GLU E 89 32.72 3.20 -23.49
C GLU E 89 32.04 2.75 -22.22
N PHE E 90 32.61 1.74 -21.61
CA PHE E 90 32.13 1.22 -20.36
C PHE E 90 33.22 1.32 -19.32
N ASN E 91 32.83 1.49 -18.07
CA ASN E 91 33.79 1.49 -16.98
C ASN E 91 33.18 0.82 -15.77
N MET E 92 33.48 -0.44 -15.61
CA MET E 92 32.89 -1.26 -14.58
C MET E 92 33.23 -0.84 -13.17
N TRP E 93 34.25 -0.03 -13.00
CA TRP E 93 34.66 0.34 -11.65
C TRP E 93 33.93 1.57 -11.18
N LYS E 94 33.18 2.20 -12.09
CA LYS E 94 32.45 3.43 -11.83
C LYS E 94 30.99 3.22 -12.12
N ASN E 95 30.60 1.97 -12.14
CA ASN E 95 29.26 1.58 -12.48
C ASN E 95 28.37 1.63 -11.25
N ASN E 96 27.45 2.58 -11.17
CA ASN E 96 26.67 2.73 -9.94
C ASN E 96 25.56 1.70 -9.83
N MET E 97 25.45 0.81 -10.80
CA MET E 97 24.45 -0.22 -10.71
C MET E 97 24.87 -1.15 -9.62
N VAL E 98 26.19 -1.19 -9.36
CA VAL E 98 26.79 -2.05 -8.38
C VAL E 98 26.42 -1.55 -7.03
N GLU E 99 26.50 -0.25 -6.85
CA GLU E 99 26.19 0.32 -5.59
C GLU E 99 24.71 0.14 -5.29
N GLN E 100 23.84 0.27 -6.29
CA GLN E 100 22.45 0.03 -5.97
C GLN E 100 22.21 -1.42 -5.65
N MET E 101 22.85 -2.35 -6.35
CA MET E 101 22.58 -3.72 -5.99
C MET E 101 23.00 -3.96 -4.57
N HIS E 102 24.10 -3.36 -4.15
CA HIS E 102 24.57 -3.52 -2.79
C HIS E 102 23.52 -3.04 -1.81
N GLU E 103 22.98 -1.84 -2.04
CA GLU E 103 21.98 -1.36 -1.12
C GLU E 103 20.71 -2.19 -1.12
N ASP E 104 20.26 -2.66 -2.28
CA ASP E 104 19.03 -3.42 -2.29
C ASP E 104 19.17 -4.72 -1.58
N ILE E 105 20.31 -5.37 -1.74
CA ILE E 105 20.56 -6.63 -1.10
C ILE E 105 20.57 -6.47 0.39
N ILE E 106 21.22 -5.44 0.89
CA ILE E 106 21.23 -5.29 2.33
C ILE E 106 19.83 -4.99 2.84
N SER E 107 19.09 -4.11 2.18
CA SER E 107 17.77 -3.80 2.69
C SER E 107 16.85 -5.01 2.65
N LEU E 108 16.92 -5.84 1.62
CA LEU E 108 16.07 -7.02 1.56
C LEU E 108 16.39 -7.96 2.69
N TRP E 109 17.68 -8.09 2.96
CA TRP E 109 18.13 -8.96 4.02
C TRP E 109 17.50 -8.52 5.34
N ASP E 110 17.62 -7.23 5.65
CA ASP E 110 17.09 -6.77 6.91
C ASP E 110 15.61 -6.87 7.00
N GLN E 111 14.92 -6.63 5.91
CA GLN E 111 13.47 -6.69 5.95
C GLN E 111 13.00 -8.09 6.26
N SER E 112 13.70 -9.12 5.80
CA SER E 112 13.26 -10.46 6.08
C SER E 112 13.46 -10.82 7.53
N LEU E 113 14.42 -10.17 8.20
CA LEU E 113 14.66 -10.45 9.61
C LEU E 113 13.80 -9.64 10.56
N LYS E 114 13.30 -8.50 10.12
CA LYS E 114 12.49 -7.68 11.01
C LYS E 114 11.38 -8.41 11.77
N PRO E 115 10.54 -9.27 11.16
CA PRO E 115 9.46 -9.96 11.83
C PRO E 115 9.80 -11.26 12.58
N CYS E 116 11.11 -11.62 12.73
CA CYS E 116 11.54 -12.86 13.34
C CYS E 116 11.85 -12.63 14.83
N VAL E 117 11.79 -13.69 15.62
CA VAL E 117 12.03 -13.60 17.07
C VAL E 117 13.39 -13.10 17.46
N LYS E 118 13.40 -12.21 18.45
CA LYS E 118 14.62 -11.66 18.97
C LYS E 118 15.10 -12.53 20.10
N LEU E 119 16.29 -13.08 19.96
CA LEU E 119 16.82 -14.01 20.92
C LEU E 119 17.64 -13.33 21.97
N THR E 120 16.99 -12.49 22.74
CA THR E 120 17.67 -11.76 23.78
C THR E 120 17.76 -12.56 25.08
N PRO E 121 16.83 -13.49 25.42
CA PRO E 121 16.89 -14.30 26.60
C PRO E 121 18.10 -15.21 26.60
N LEU E 122 18.73 -15.42 25.45
CA LEU E 122 19.90 -16.29 25.39
C LEU E 122 21.20 -15.70 25.84
N CYS E 123 21.30 -14.37 26.07
CA CYS E 123 22.56 -13.77 26.45
C CYS E 123 22.76 -13.93 27.95
N VAL E 124 23.13 -15.14 28.30
CA VAL E 124 23.32 -15.62 29.66
C VAL E 124 24.62 -16.29 29.85
N THR E 125 24.97 -16.54 31.10
CA THR E 125 26.15 -17.29 31.38
C THR E 125 25.85 -18.74 31.04
N LEU E 126 26.71 -19.36 30.28
CA LEU E 126 26.55 -20.74 29.89
C LEU E 126 27.52 -21.61 30.66
N GLN E 127 27.09 -22.79 31.06
CA GLN E 127 27.99 -23.75 31.67
C GLN E 127 28.33 -24.77 30.59
N CYS E 128 29.59 -24.78 30.07
CA CYS E 128 29.93 -25.61 28.90
C CYS E 128 31.04 -26.61 29.16
N THR E 129 30.85 -27.78 28.58
CA THR E 129 31.84 -28.84 28.58
C THR E 129 32.12 -29.21 27.13
N ASN E 130 33.22 -29.94 26.86
CA ASN E 130 33.60 -30.39 25.52
C ASN E 130 32.76 -31.59 25.07
N VAL E 131 32.46 -31.69 23.76
CA VAL E 131 31.81 -32.87 23.17
C VAL E 131 32.91 -33.77 22.69
N THR E 132 33.21 -34.79 23.48
CA THR E 132 34.32 -35.69 23.19
C THR E 132 33.84 -37.10 22.97
N ASN E 133 32.53 -37.27 22.97
CA ASN E 133 31.96 -38.60 22.87
C ASN E 133 32.14 -39.34 21.53
N ASN E 134 32.15 -38.60 20.40
CA ASN E 134 32.22 -39.14 19.04
C ASN E 134 33.23 -38.38 18.15
N ILE E 135 34.38 -37.91 18.71
CA ILE E 135 35.35 -37.10 17.95
C ILE E 135 36.46 -37.86 17.26
N THR E 136 36.74 -37.40 16.06
CA THR E 136 37.88 -37.84 15.32
C THR E 136 38.92 -36.85 15.79
N ASP E 137 40.19 -37.04 15.49
CA ASP E 137 41.17 -36.08 16.00
C ASP E 137 40.98 -34.67 15.48
N ASP E 138 40.28 -34.54 14.37
CA ASP E 138 40.04 -33.26 13.71
C ASP E 138 39.02 -32.41 14.44
N MET E 139 38.17 -33.04 15.23
CA MET E 139 37.08 -32.37 15.91
C MET E 139 37.35 -32.15 17.38
N ARG E 140 38.59 -32.32 17.78
CA ARG E 140 38.84 -32.20 19.18
C ARG E 140 38.75 -30.76 19.61
N GLY E 141 37.77 -30.48 20.45
CA GLY E 141 37.54 -29.13 20.94
C GLY E 141 36.66 -28.28 20.02
N GLU E 142 36.16 -28.84 18.93
CA GLU E 142 35.33 -28.04 18.02
C GLU E 142 33.92 -27.80 18.50
N LEU E 143 33.32 -28.77 19.16
CA LEU E 143 31.96 -28.57 19.60
C LEU E 143 31.90 -28.54 21.09
N LYS E 144 30.97 -27.76 21.61
CA LYS E 144 30.75 -27.67 23.04
C LYS E 144 29.28 -27.88 23.39
N ASN E 145 29.07 -28.55 24.53
CA ASN E 145 27.78 -28.90 25.13
C ASN E 145 27.48 -27.91 26.27
N CYS E 146 26.54 -26.97 26.04
CA CYS E 146 26.25 -25.87 26.97
C CYS E 146 24.87 -25.96 27.58
N SER E 147 24.85 -25.73 28.89
CA SER E 147 23.62 -25.74 29.67
C SER E 147 23.32 -24.39 30.26
N PHE E 148 22.06 -24.00 30.18
CA PHE E 148 21.65 -22.69 30.68
C PHE E 148 20.18 -22.61 31.12
N ASN E 149 19.84 -21.57 31.93
CA ASN E 149 18.49 -21.28 32.41
C ASN E 149 17.80 -20.22 31.50
N MET E 150 16.88 -20.66 30.63
CA MET E 150 16.19 -19.82 29.65
C MET E 150 14.77 -19.54 30.10
N THR E 151 14.18 -18.47 29.60
CA THR E 151 12.82 -18.10 29.90
C THR E 151 11.86 -19.02 29.21
N THR E 152 10.59 -18.96 29.57
CA THR E 152 9.57 -19.76 28.90
C THR E 152 8.29 -18.96 28.69
N GLU E 153 7.20 -19.63 28.36
CA GLU E 153 5.96 -18.96 28.01
C GLU E 153 5.43 -18.09 29.14
N LEU E 154 5.53 -18.57 30.36
CA LEU E 154 5.06 -17.79 31.48
C LEU E 154 6.26 -17.08 32.02
N ARG E 155 6.07 -15.82 32.40
CA ARG E 155 7.17 -15.03 32.94
C ARG E 155 7.78 -15.66 34.17
N ASP E 156 6.92 -16.27 34.95
CA ASP E 156 7.24 -16.91 36.21
C ASP E 156 8.14 -18.12 36.15
N LYS E 157 8.19 -18.79 35.03
CA LYS E 157 8.91 -20.04 35.00
C LYS E 157 10.19 -19.96 34.20
N LYS E 158 11.12 -20.83 34.53
CA LYS E 158 12.38 -20.95 33.81
C LYS E 158 12.54 -22.40 33.41
N GLN E 159 13.33 -22.65 32.39
CA GLN E 159 13.60 -24.02 31.98
C GLN E 159 15.07 -24.23 31.74
N LYS E 160 15.55 -25.43 32.00
CA LYS E 160 16.94 -25.71 31.74
C LYS E 160 17.04 -26.31 30.36
N VAL E 161 17.92 -25.74 29.57
CA VAL E 161 18.11 -26.11 28.19
C VAL E 161 19.52 -26.57 27.93
N TYR E 162 19.69 -27.60 27.13
CA TYR E 162 21.09 -28.02 26.85
C TYR E 162 21.26 -28.25 25.35
N SER E 163 22.17 -27.47 24.76
CA SER E 163 22.33 -27.36 23.32
C SER E 163 23.77 -27.46 22.90
N LEU E 164 23.98 -27.78 21.63
CA LEU E 164 25.35 -27.84 21.16
C LEU E 164 25.71 -26.62 20.35
N PHE E 165 26.91 -26.14 20.57
CA PHE E 165 27.45 -24.99 19.86
C PHE E 165 28.72 -25.34 19.14
N TYR E 166 29.06 -24.55 18.14
CA TYR E 166 30.24 -24.79 17.31
C TYR E 166 31.51 -24.08 17.72
N ARG E 167 31.61 -23.62 18.96
CA ARG E 167 32.81 -22.97 19.49
C ARG E 167 33.08 -21.57 18.98
N LEU E 168 33.05 -21.36 17.70
CA LEU E 168 33.34 -20.04 17.17
C LEU E 168 32.32 -19.01 17.62
N ASP E 169 31.15 -19.47 18.04
CA ASP E 169 30.07 -18.63 18.50
C ASP E 169 30.10 -18.38 20.01
N VAL E 170 31.03 -19.01 20.71
CA VAL E 170 31.08 -18.96 22.15
C VAL E 170 32.42 -18.47 22.66
N VAL E 171 32.39 -17.48 23.53
CA VAL E 171 33.63 -16.93 24.07
C VAL E 171 33.66 -17.08 25.56
N GLN E 172 34.80 -17.45 26.07
CA GLN E 172 34.94 -17.68 27.50
C GLN E 172 34.85 -16.41 28.30
N ILE E 173 34.15 -16.47 29.42
CA ILE E 173 34.00 -15.35 30.35
C ILE E 173 35.10 -15.32 31.40
N ASN E 174 35.38 -16.49 32.04
CA ASN E 174 36.35 -16.71 33.13
C ASN E 174 35.73 -16.21 34.43
N LYS E 186 34.72 -23.06 33.11
CA LYS E 186 33.62 -23.58 32.29
C LYS E 186 32.51 -22.53 31.99
N GLU E 187 32.71 -21.23 32.33
CA GLU E 187 31.75 -20.14 32.07
C GLU E 187 32.07 -19.38 30.83
N TYR E 188 31.09 -19.43 29.92
CA TYR E 188 31.09 -18.87 28.57
C TYR E 188 29.87 -18.02 28.28
N ARG E 189 29.98 -17.17 27.29
CA ARG E 189 28.86 -16.37 26.82
C ARG E 189 28.79 -16.44 25.32
N LEU E 190 27.67 -16.10 24.73
CA LEU E 190 27.66 -16.05 23.29
C LEU E 190 28.50 -14.86 22.86
N ILE E 191 29.18 -15.01 21.75
CA ILE E 191 30.08 -13.99 21.27
C ILE E 191 29.47 -12.62 21.05
N ASN E 192 28.22 -12.56 20.68
CA ASN E 192 27.58 -11.28 20.42
C ASN E 192 27.12 -10.45 21.61
N CYS E 193 27.22 -10.95 22.87
CA CYS E 193 26.66 -10.27 24.04
C CYS E 193 27.20 -8.88 24.33
N ASN E 194 28.40 -8.54 23.92
CA ASN E 194 28.84 -7.18 24.24
C ASN E 194 28.54 -6.17 23.11
N THR E 195 28.42 -6.61 21.82
CA THR E 195 28.26 -5.72 20.67
C THR E 195 26.93 -5.74 19.93
N SER E 196 26.13 -6.78 20.05
CA SER E 196 24.93 -6.83 19.22
C SER E 196 23.77 -7.64 19.73
N ALA E 197 22.63 -7.38 19.12
CA ALA E 197 21.45 -8.16 19.41
C ALA E 197 21.30 -9.25 18.38
N ILE E 198 20.70 -10.37 18.77
CA ILE E 198 20.48 -11.47 17.85
C ILE E 198 19.07 -11.66 17.41
N THR E 199 18.91 -11.76 16.12
CA THR E 199 17.62 -12.06 15.54
C THR E 199 17.70 -13.44 14.96
N GLN E 200 16.76 -14.30 15.29
CA GLN E 200 16.80 -15.64 14.74
C GLN E 200 16.29 -15.57 13.35
N ALA E 201 16.96 -16.16 12.40
CA ALA E 201 16.39 -16.15 11.09
C ALA E 201 15.14 -17.02 11.14
N CYS E 202 14.06 -16.65 10.44
CA CYS E 202 12.83 -17.43 10.38
C CYS E 202 13.08 -18.77 9.63
N PRO E 203 12.74 -19.93 10.21
CA PRO E 203 12.89 -21.27 9.65
C PRO E 203 12.15 -21.48 8.34
N LYS E 204 11.17 -20.62 8.08
CA LYS E 204 10.37 -20.72 6.88
C LYS E 204 10.93 -19.96 5.70
N VAL E 205 12.02 -19.21 5.89
CA VAL E 205 12.52 -18.40 4.80
C VAL E 205 13.85 -18.90 4.26
N SER E 206 13.86 -19.28 2.99
CA SER E 206 15.04 -19.78 2.32
C SER E 206 16.05 -18.70 2.02
N PHE E 207 17.33 -19.05 2.09
CA PHE E 207 18.38 -18.09 1.72
C PHE E 207 18.93 -18.35 0.34
N GLU E 208 18.33 -19.28 -0.38
CA GLU E 208 18.84 -19.64 -1.69
C GLU E 208 18.78 -18.47 -2.68
N PRO E 209 19.90 -18.06 -3.28
CA PRO E 209 19.94 -17.00 -4.26
C PRO E 209 19.00 -17.33 -5.38
N ILE E 210 18.19 -16.38 -5.74
CA ILE E 210 17.24 -16.50 -6.80
C ILE E 210 17.55 -15.34 -7.73
N PRO E 211 17.61 -15.52 -9.07
CA PRO E 211 17.97 -14.47 -9.99
C PRO E 211 17.11 -13.24 -9.89
N ILE E 212 17.77 -12.10 -9.89
CA ILE E 212 17.15 -10.80 -9.87
C ILE E 212 17.47 -10.07 -11.12
N HIS E 213 16.47 -9.55 -11.78
CA HIS E 213 16.68 -8.80 -13.01
C HIS E 213 16.53 -7.33 -12.71
N TYR E 214 17.49 -6.50 -13.12
CA TYR E 214 17.33 -5.07 -12.91
C TYR E 214 16.79 -4.44 -14.16
N CYS E 215 15.81 -3.53 -14.02
CA CYS E 215 15.13 -2.86 -15.12
C CYS E 215 15.19 -1.34 -14.99
N ALA E 216 15.41 -0.70 -16.13
CA ALA E 216 15.45 0.74 -16.20
C ALA E 216 14.02 1.29 -16.34
N PRO E 217 13.75 2.49 -15.84
CA PRO E 217 12.52 3.22 -16.01
C PRO E 217 12.38 3.74 -17.42
N ALA E 218 11.17 4.07 -17.84
CA ALA E 218 11.00 4.63 -19.16
C ALA E 218 11.80 5.91 -19.24
N GLY E 219 12.42 6.14 -20.39
CA GLY E 219 13.23 7.32 -20.58
C GLY E 219 14.71 7.01 -20.43
N PHE E 220 14.99 5.81 -19.93
CA PHE E 220 16.32 5.28 -19.72
C PHE E 220 16.50 3.96 -20.42
N ALA E 221 17.73 3.57 -20.63
CA ALA E 221 18.00 2.30 -21.27
C ALA E 221 19.27 1.70 -20.74
N ILE E 222 19.39 0.38 -20.82
CA ILE E 222 20.62 -0.25 -20.39
C ILE E 222 21.39 -0.77 -21.58
N LEU E 223 22.62 -0.34 -21.70
CA LEU E 223 23.41 -0.80 -22.80
C LEU E 223 24.15 -2.00 -22.30
N LYS E 224 24.35 -2.97 -23.17
CA LYS E 224 25.07 -4.16 -22.82
C LYS E 224 26.26 -4.32 -23.74
N CYS E 225 27.43 -4.73 -23.19
CA CYS E 225 28.65 -4.98 -23.96
C CYS E 225 28.71 -6.46 -24.34
N LYS E 226 28.73 -6.73 -25.64
CA LYS E 226 28.71 -8.09 -26.15
C LYS E 226 30.06 -8.61 -26.55
N ASP E 227 31.09 -7.79 -26.42
CA ASP E 227 32.39 -8.22 -26.83
C ASP E 227 33.01 -9.26 -25.96
N LYS E 228 33.68 -10.17 -26.62
CA LYS E 228 34.38 -11.21 -25.95
C LYS E 228 35.69 -10.60 -25.59
N LYS E 229 36.35 -11.14 -24.58
CA LYS E 229 37.63 -10.59 -24.15
C LYS E 229 37.51 -9.13 -23.75
N PHE E 230 36.41 -8.76 -23.12
CA PHE E 230 36.25 -7.39 -22.68
C PHE E 230 36.59 -7.32 -21.21
N ASN E 231 37.56 -6.45 -20.83
CA ASN E 231 38.05 -6.34 -19.46
C ASN E 231 37.31 -5.31 -18.59
N GLY E 232 36.25 -4.65 -19.10
CA GLY E 232 35.42 -3.70 -18.36
C GLY E 232 35.82 -2.22 -18.43
N THR E 233 36.96 -1.86 -19.01
CA THR E 233 37.31 -0.44 -19.03
C THR E 233 37.78 0.09 -20.36
N GLY E 234 36.89 0.69 -21.12
CA GLY E 234 37.25 1.18 -22.42
C GLY E 234 36.16 0.95 -23.43
N PRO E 235 36.41 1.27 -24.69
CA PRO E 235 35.50 1.13 -25.81
C PRO E 235 35.11 -0.32 -25.98
N CYS E 236 33.85 -0.56 -26.30
CA CYS E 236 33.22 -1.82 -26.58
C CYS E 236 32.59 -1.70 -27.98
N PRO E 237 33.25 -2.24 -29.03
CA PRO E 237 32.82 -2.25 -30.42
C PRO E 237 31.49 -2.91 -30.72
N SER E 238 31.00 -3.81 -29.88
CA SER E 238 29.71 -4.42 -30.16
C SER E 238 28.80 -4.35 -28.96
N VAL E 239 27.79 -3.53 -29.08
CA VAL E 239 26.87 -3.30 -27.99
C VAL E 239 25.44 -3.48 -28.42
N SER E 240 24.57 -3.66 -27.45
CA SER E 240 23.15 -3.80 -27.70
C SER E 240 22.34 -3.13 -26.61
N THR E 241 21.07 -2.91 -26.86
CA THR E 241 20.21 -2.30 -25.86
C THR E 241 19.17 -3.23 -25.33
N VAL E 242 19.06 -3.23 -24.01
CA VAL E 242 18.06 -4.02 -23.32
C VAL E 242 17.33 -3.12 -22.35
N GLN E 243 16.15 -3.53 -21.93
CA GLN E 243 15.47 -2.76 -20.88
C GLN E 243 15.79 -3.29 -19.47
N CYS E 244 16.02 -4.62 -19.35
CA CYS E 244 16.31 -5.36 -18.14
C CYS E 244 17.57 -6.18 -18.36
N THR E 245 18.32 -6.39 -17.29
CA THR E 245 19.52 -7.20 -17.31
C THR E 245 19.10 -8.64 -17.24
N HIS E 246 20.04 -9.54 -17.45
CA HIS E 246 19.73 -10.94 -17.28
C HIS E 246 19.59 -11.15 -15.80
N GLY E 247 19.15 -12.32 -15.37
CA GLY E 247 19.02 -12.44 -13.94
C GLY E 247 20.37 -12.64 -13.33
N ILE E 248 20.61 -12.04 -12.18
CA ILE E 248 21.84 -12.21 -11.45
C ILE E 248 21.55 -12.85 -10.13
N LYS E 249 22.23 -13.92 -9.82
CA LYS E 249 21.99 -14.54 -8.55
C LYS E 249 22.83 -13.82 -7.52
N PRO E 250 22.28 -13.32 -6.41
CA PRO E 250 22.98 -12.62 -5.37
C PRO E 250 23.72 -13.60 -4.48
N VAL E 251 24.74 -14.22 -5.02
CA VAL E 251 25.48 -15.22 -4.27
C VAL E 251 26.51 -14.55 -3.40
N VAL E 252 26.49 -14.92 -2.13
CA VAL E 252 27.43 -14.37 -1.18
C VAL E 252 28.53 -15.37 -0.95
N SER E 253 29.76 -14.94 -1.18
CA SER E 253 30.91 -15.77 -0.97
C SER E 253 32.09 -14.86 -0.76
N THR E 254 33.16 -15.37 -0.14
CA THR E 254 34.30 -14.46 0.03
C THR E 254 35.59 -14.66 -0.74
N GLN E 255 35.96 -15.83 -1.25
CA GLN E 255 37.24 -15.82 -1.98
C GLN E 255 37.08 -16.29 -3.39
N LEU E 256 36.23 -17.27 -3.55
CA LEU E 256 35.99 -17.80 -4.87
C LEU E 256 34.62 -17.29 -5.22
N LEU E 257 34.41 -16.98 -6.47
CA LEU E 257 33.10 -16.56 -6.86
C LEU E 257 32.38 -17.77 -7.32
N LEU E 258 31.16 -17.94 -6.85
CA LEU E 258 30.43 -19.12 -7.19
C LEU E 258 29.20 -18.80 -8.03
N ASN E 259 28.83 -19.73 -8.92
CA ASN E 259 27.62 -19.77 -9.75
C ASN E 259 27.39 -18.49 -10.58
N GLY E 260 28.45 -17.89 -11.13
CA GLY E 260 28.39 -16.70 -11.97
C GLY E 260 28.48 -17.07 -13.43
N SER E 261 28.75 -16.09 -14.25
CA SER E 261 28.88 -16.31 -15.67
C SER E 261 30.29 -16.74 -15.99
N LEU E 262 30.44 -17.52 -17.02
CA LEU E 262 31.76 -17.90 -17.49
C LEU E 262 32.17 -17.03 -18.64
N ALA E 263 33.47 -16.85 -18.78
CA ALA E 263 34.04 -16.10 -19.86
C ALA E 263 33.76 -16.85 -21.14
N GLU E 264 33.49 -16.15 -22.22
CA GLU E 264 33.16 -16.84 -23.45
C GLU E 264 34.28 -17.69 -24.05
N GLU E 265 35.52 -17.21 -24.00
CA GLU E 265 36.62 -17.93 -24.63
C GLU E 265 37.85 -18.24 -23.78
N GLU E 266 38.22 -17.32 -22.88
CA GLU E 266 39.49 -17.48 -22.13
C GLU E 266 39.42 -16.73 -20.80
N VAL E 267 40.32 -17.08 -19.88
CA VAL E 267 40.35 -16.43 -18.53
C VAL E 267 40.62 -14.94 -18.71
N ILE E 268 39.70 -14.09 -18.21
CA ILE E 268 39.84 -12.65 -18.34
C ILE E 268 40.21 -12.05 -17.01
N ILE E 269 41.29 -11.30 -16.99
CA ILE E 269 41.70 -10.68 -15.76
C ILE E 269 41.38 -9.21 -15.74
N ARG E 270 40.56 -8.80 -14.78
CA ARG E 270 40.12 -7.42 -14.71
C ARG E 270 40.54 -6.78 -13.41
N SER E 271 40.91 -5.52 -13.47
CA SER E 271 41.24 -4.78 -12.26
C SER E 271 41.06 -3.32 -12.55
N GLU E 272 40.90 -2.51 -11.51
CA GLU E 272 40.81 -1.05 -11.71
C GLU E 272 42.13 -0.43 -12.21
N ASN E 273 43.25 -0.89 -11.64
CA ASN E 273 44.63 -0.48 -11.91
C ASN E 273 45.54 -1.67 -11.55
N ILE E 274 45.94 -2.49 -12.54
CA ILE E 274 46.64 -3.78 -12.30
C ILE E 274 48.03 -3.62 -11.68
N THR E 275 48.66 -2.49 -11.90
CA THR E 275 49.97 -2.26 -11.36
C THR E 275 49.92 -1.67 -9.95
N ASN E 276 48.72 -1.40 -9.45
CA ASN E 276 48.51 -0.85 -8.13
C ASN E 276 48.22 -1.99 -7.16
N ASN E 277 49.11 -2.26 -6.22
CA ASN E 277 48.95 -3.41 -5.33
C ASN E 277 47.82 -3.24 -4.32
N ALA E 278 47.22 -2.06 -4.29
CA ALA E 278 46.11 -1.80 -3.39
C ALA E 278 44.79 -2.25 -4.00
N LYS E 279 44.80 -2.69 -5.25
CA LYS E 279 43.57 -3.08 -5.90
C LYS E 279 43.41 -4.57 -5.99
N ASN E 280 42.16 -5.02 -6.03
CA ASN E 280 41.91 -6.45 -6.19
C ASN E 280 41.85 -6.80 -7.65
N ILE E 281 42.12 -8.04 -7.94
CA ILE E 281 42.03 -8.58 -9.26
C ILE E 281 40.88 -9.55 -9.36
N LEU E 282 39.99 -9.33 -10.30
CA LEU E 282 38.88 -10.24 -10.49
C LEU E 282 39.15 -11.10 -11.68
N VAL E 283 39.20 -12.39 -11.47
CA VAL E 283 39.53 -13.29 -12.55
C VAL E 283 38.31 -14.09 -12.94
N GLN E 284 37.92 -13.98 -14.20
CA GLN E 284 36.77 -14.74 -14.66
C GLN E 284 37.22 -15.98 -15.41
N LEU E 285 36.69 -17.12 -15.05
CA LEU E 285 37.10 -18.35 -15.69
C LEU E 285 36.23 -18.65 -16.87
N ASN E 286 36.76 -19.38 -17.86
CA ASN E 286 35.94 -19.79 -19.01
C ASN E 286 35.42 -21.20 -18.88
N THR E 287 35.76 -21.84 -17.78
CA THR E 287 35.33 -23.19 -17.45
C THR E 287 35.02 -23.20 -15.97
N PRO E 288 34.03 -23.92 -15.50
CA PRO E 288 33.71 -24.04 -14.11
C PRO E 288 34.66 -24.99 -13.46
N VAL E 289 34.87 -24.83 -12.19
CA VAL E 289 35.52 -25.87 -11.42
C VAL E 289 34.49 -26.38 -10.46
N GLN E 290 34.21 -27.66 -10.51
CA GLN E 290 33.17 -28.14 -9.63
C GLN E 290 33.69 -28.41 -8.25
N ILE E 291 32.97 -27.89 -7.27
CA ILE E 291 33.31 -28.08 -5.87
C ILE E 291 32.12 -28.71 -5.10
N ASN E 292 32.40 -29.79 -4.34
CA ASN E 292 31.44 -30.55 -3.51
C ASN E 292 31.69 -30.31 -2.03
N CYS E 293 30.79 -29.55 -1.35
CA CYS E 293 30.92 -29.18 0.06
C CYS E 293 29.92 -29.93 0.92
N THR E 294 30.43 -30.53 1.99
CA THR E 294 29.61 -31.34 2.87
C THR E 294 29.76 -31.08 4.36
N ARG E 295 28.64 -31.21 5.05
CA ARG E 295 28.53 -31.21 6.49
C ARG E 295 27.96 -32.57 6.84
N PRO E 296 28.82 -33.58 7.08
CA PRO E 296 28.47 -34.98 7.23
C PRO E 296 27.72 -35.38 8.49
N ASN E 297 27.75 -34.54 9.51
CA ASN E 297 27.15 -34.89 10.78
C ASN E 297 25.63 -34.87 10.68
N ASN E 298 24.94 -35.91 11.22
CA ASN E 298 23.48 -36.01 11.22
C ASN E 298 22.90 -35.32 12.48
N ASN E 299 22.43 -34.07 12.31
CA ASN E 299 21.92 -33.25 13.42
C ASN E 299 20.46 -33.53 13.72
N THR E 300 20.15 -33.63 14.99
CA THR E 300 18.78 -33.72 15.43
C THR E 300 18.47 -32.40 16.06
N VAL E 301 17.47 -31.72 15.51
CA VAL E 301 17.10 -30.39 15.96
C VAL E 301 15.91 -30.39 16.88
N LYS E 302 16.05 -29.65 17.97
CA LYS E 302 15.08 -29.49 19.02
C LYS E 302 14.60 -28.07 19.08
N SER E 303 13.45 -27.84 19.68
CA SER E 303 13.03 -26.48 19.88
C SER E 303 12.29 -26.32 21.17
N ILE E 304 12.34 -25.11 21.70
CA ILE E 304 11.65 -24.76 22.93
C ILE E 304 10.88 -23.47 22.81
N ARG E 305 9.90 -23.28 23.70
CA ARG E 305 9.20 -22.02 23.75
C ARG E 305 9.91 -21.15 24.73
N ILE E 306 10.20 -19.93 24.30
CA ILE E 306 10.95 -18.99 25.12
C ILE E 306 10.12 -17.80 25.52
N GLY E 307 8.94 -17.71 24.93
CA GLY E 307 8.06 -16.59 25.22
C GLY E 307 6.70 -16.83 24.60
N PRO E 308 5.83 -15.83 24.54
CA PRO E 308 4.46 -15.91 24.10
C PRO E 308 4.37 -16.13 22.61
N GLY E 309 4.49 -17.40 22.23
CA GLY E 309 4.46 -17.83 20.85
C GLY E 309 5.82 -17.76 20.21
N GLN E 310 6.83 -17.54 21.04
CA GLN E 310 8.18 -17.40 20.54
C GLN E 310 8.92 -18.69 20.75
N TRP E 311 9.70 -19.11 19.75
CA TRP E 311 10.45 -20.35 19.87
C TRP E 311 11.83 -20.28 19.28
N PHE E 312 12.73 -20.97 19.94
CA PHE E 312 14.14 -21.09 19.62
C PHE E 312 14.53 -22.46 19.12
N TYR E 313 15.35 -22.49 18.07
CA TYR E 313 15.80 -23.75 17.49
C TYR E 313 17.27 -24.00 17.76
N TYR E 314 17.60 -25.23 18.10
CA TYR E 314 18.97 -25.58 18.39
C TYR E 314 19.30 -27.03 18.15
N THR E 315 20.59 -27.35 18.03
CA THR E 315 20.95 -28.75 17.85
C THR E 315 20.88 -29.44 19.19
N GLY E 316 20.15 -30.54 19.22
CA GLY E 316 19.95 -31.34 20.40
C GLY E 316 21.07 -32.33 20.54
N ASP E 317 21.24 -33.14 19.51
CA ASP E 317 22.29 -34.14 19.52
C ASP E 317 22.74 -34.46 18.12
N ILE E 318 23.75 -35.32 18.01
CA ILE E 318 24.28 -35.75 16.73
C ILE E 318 24.34 -37.27 16.68
N ILE E 319 23.85 -37.83 15.60
CA ILE E 319 23.85 -39.25 15.41
C ILE E 319 25.10 -39.72 14.68
N GLY E 320 25.81 -40.64 15.29
CA GLY E 320 27.02 -41.20 14.72
C GLY E 320 28.24 -40.34 14.98
N ASP E 321 29.31 -40.63 14.25
CA ASP E 321 30.58 -39.95 14.42
C ASP E 321 30.53 -38.53 13.95
N ILE E 322 31.26 -37.66 14.64
CA ILE E 322 31.32 -36.31 14.15
C ILE E 322 32.61 -36.06 13.44
N ARG E 323 32.46 -35.47 12.28
CA ARG E 323 33.57 -35.20 11.41
C ARG E 323 33.52 -33.76 10.98
N GLN E 324 34.65 -33.23 10.58
CA GLN E 324 34.65 -31.87 10.12
C GLN E 324 34.03 -31.72 8.76
N ALA E 325 33.41 -30.57 8.53
CA ALA E 325 32.90 -30.23 7.25
C ALA E 325 34.07 -30.01 6.36
N HIS E 326 33.91 -30.31 5.09
CA HIS E 326 34.99 -30.14 4.12
C HIS E 326 34.47 -29.97 2.69
N CYS E 327 35.33 -29.44 1.77
CA CYS E 327 35.01 -29.30 0.33
C CYS E 327 36.05 -29.98 -0.56
N ASN E 328 35.57 -30.65 -1.61
CA ASN E 328 36.44 -31.33 -2.56
C ASN E 328 36.40 -30.71 -3.96
N VAL E 329 37.60 -30.60 -4.61
CA VAL E 329 37.78 -30.27 -6.04
C VAL E 329 38.79 -31.25 -6.64
N SER E 330 38.72 -31.52 -7.94
CA SER E 330 39.73 -32.41 -8.52
C SER E 330 41.06 -31.72 -8.67
N LYS E 331 42.18 -32.42 -8.37
CA LYS E 331 43.47 -31.77 -8.54
C LYS E 331 43.77 -31.39 -9.95
N ALA E 332 43.43 -32.25 -10.90
CA ALA E 332 43.78 -31.95 -12.28
C ALA E 332 43.02 -30.76 -12.81
N THR E 333 41.74 -30.67 -12.48
CA THR E 333 40.94 -29.59 -12.98
C THR E 333 41.46 -28.31 -12.40
N TRP E 334 41.73 -28.34 -11.10
CA TRP E 334 42.25 -27.15 -10.47
C TRP E 334 43.59 -26.71 -11.06
N ASN E 335 44.56 -27.65 -11.31
CA ASN E 335 45.89 -27.32 -11.84
C ASN E 335 45.80 -26.71 -13.25
N GLU E 336 44.85 -27.20 -14.12
CA GLU E 336 44.62 -26.66 -15.47
C GLU E 336 44.08 -25.25 -15.38
N THR E 337 43.15 -25.07 -14.44
CA THR E 337 42.51 -23.78 -14.25
C THR E 337 43.52 -22.79 -13.77
N LEU E 338 44.34 -23.20 -12.81
CA LEU E 338 45.29 -22.28 -12.28
C LEU E 338 46.32 -21.97 -13.33
N GLY E 339 46.72 -22.95 -14.13
CA GLY E 339 47.70 -22.67 -15.16
C GLY E 339 47.20 -21.62 -16.14
N LYS E 340 45.90 -21.65 -16.48
CA LYS E 340 45.35 -20.66 -17.39
C LYS E 340 45.43 -19.28 -16.76
N VAL E 341 45.17 -19.20 -15.47
CA VAL E 341 45.23 -17.93 -14.77
C VAL E 341 46.65 -17.40 -14.80
N VAL E 342 47.62 -18.28 -14.59
CA VAL E 342 49.00 -17.89 -14.59
C VAL E 342 49.41 -17.36 -15.93
N LYS E 343 49.02 -18.01 -17.00
CA LYS E 343 49.37 -17.54 -18.32
C LYS E 343 48.88 -16.13 -18.57
N GLN E 344 47.65 -15.83 -18.15
CA GLN E 344 47.13 -14.51 -18.38
C GLN E 344 47.81 -13.48 -17.46
N LEU E 345 48.18 -13.87 -16.24
CA LEU E 345 48.88 -12.94 -15.37
C LEU E 345 50.22 -12.62 -15.95
N ARG E 346 50.85 -13.61 -16.57
CA ARG E 346 52.15 -13.46 -17.20
C ARG E 346 52.06 -12.43 -18.32
N LYS E 347 50.98 -12.45 -19.09
CA LYS E 347 50.87 -11.42 -20.12
C LYS E 347 50.93 -10.01 -19.52
N HIS E 348 50.34 -9.83 -18.35
CA HIS E 348 50.37 -8.52 -17.72
C HIS E 348 51.65 -8.16 -16.98
N PHE E 349 52.30 -9.15 -16.35
CA PHE E 349 53.49 -8.83 -15.56
C PHE E 349 54.83 -9.16 -16.21
N GLY E 350 54.82 -9.92 -17.29
CA GLY E 350 56.04 -10.25 -18.02
C GLY E 350 56.39 -11.74 -17.95
N ASN E 351 57.10 -12.20 -19.01
CA ASN E 351 57.59 -13.57 -19.19
C ASN E 351 58.83 -13.76 -18.32
N ASN E 352 59.11 -15.03 -17.95
CA ASN E 352 60.29 -15.48 -17.18
C ASN E 352 60.33 -14.81 -15.81
N THR E 353 59.14 -14.52 -15.32
CA THR E 353 58.86 -13.92 -14.03
C THR E 353 58.16 -15.01 -13.26
N ILE E 354 58.55 -15.20 -12.04
CA ILE E 354 57.97 -16.27 -11.27
C ILE E 354 56.63 -15.85 -10.72
N ILE E 355 55.62 -16.70 -10.92
CA ILE E 355 54.31 -16.42 -10.38
C ILE E 355 54.02 -17.37 -9.25
N ARG E 356 53.89 -16.84 -8.06
CA ARG E 356 53.66 -17.66 -6.89
C ARG E 356 52.31 -17.39 -6.30
N PHE E 357 51.70 -18.43 -5.78
CA PHE E 357 50.46 -18.27 -5.07
C PHE E 357 50.67 -18.64 -3.64
N ALA E 358 49.96 -17.94 -2.76
CA ALA E 358 50.05 -18.17 -1.35
C ALA E 358 48.72 -17.96 -0.66
N GLN E 359 48.61 -18.50 0.52
CA GLN E 359 47.43 -18.37 1.36
C GLN E 359 47.27 -16.96 1.87
N SER E 360 46.05 -16.59 2.26
CA SER E 360 45.82 -15.27 2.79
C SER E 360 46.68 -15.04 4.02
N SER E 361 47.25 -13.84 4.09
CA SER E 361 48.16 -13.45 5.14
C SER E 361 47.59 -13.19 6.53
N GLY E 362 46.31 -12.88 6.64
CA GLY E 362 45.78 -12.61 7.96
C GLY E 362 44.49 -11.84 7.90
N GLY E 363 43.94 -11.55 9.07
CA GLY E 363 42.67 -10.86 9.16
C GLY E 363 41.60 -11.76 9.75
N ASP E 364 40.38 -11.28 9.75
CA ASP E 364 39.23 -11.96 10.31
C ASP E 364 38.89 -13.22 9.55
N LEU E 365 38.22 -14.16 10.20
CA LEU E 365 37.88 -15.42 9.53
C LEU E 365 37.10 -15.17 8.24
N GLU E 366 36.28 -14.12 8.23
CA GLU E 366 35.47 -13.78 7.08
C GLU E 366 36.27 -13.41 5.84
N VAL E 367 37.55 -13.06 5.99
CA VAL E 367 38.37 -12.73 4.83
C VAL E 367 39.51 -13.71 4.61
N THR E 368 39.92 -14.45 5.66
CA THR E 368 41.01 -15.38 5.48
C THR E 368 40.53 -16.70 4.96
N THR E 369 39.24 -16.98 5.09
CA THR E 369 38.67 -18.19 4.55
C THR E 369 37.62 -17.87 3.53
N HIS E 370 37.25 -18.91 2.81
CA HIS E 370 36.20 -18.85 1.83
C HIS E 370 34.89 -19.19 2.47
N SER E 371 34.07 -18.18 2.63
CA SER E 371 32.80 -18.31 3.27
C SER E 371 31.70 -18.48 2.29
N PHE E 372 30.72 -19.30 2.63
CA PHE E 372 29.51 -19.44 1.80
C PHE E 372 28.34 -20.03 2.56
N ASN E 373 27.15 -19.83 2.01
CA ASN E 373 25.91 -20.39 2.54
C ASN E 373 25.52 -21.68 1.82
N CYS E 374 25.67 -22.85 2.49
CA CYS E 374 25.45 -24.20 1.95
C CYS E 374 24.26 -24.87 2.62
N GLY E 375 23.12 -24.83 1.94
CA GLY E 375 21.91 -25.45 2.45
C GLY E 375 21.26 -24.66 3.55
N GLY E 376 21.84 -23.50 3.86
CA GLY E 376 21.42 -22.64 4.93
C GLY E 376 22.48 -22.60 6.04
N GLU E 377 23.51 -23.45 5.98
CA GLU E 377 24.56 -23.42 7.00
C GLU E 377 25.67 -22.50 6.52
N PHE E 378 26.40 -21.89 7.45
CA PHE E 378 27.48 -21.01 7.05
C PHE E 378 28.85 -21.59 7.29
N PHE E 379 29.51 -21.91 6.18
CA PHE E 379 30.82 -22.54 6.12
C PHE E 379 31.93 -21.54 5.96
N TYR E 380 33.06 -21.84 6.60
CA TYR E 380 34.31 -21.07 6.52
C TYR E 380 35.50 -21.99 6.16
N CYS E 381 35.79 -22.15 4.86
CA CYS E 381 36.71 -23.15 4.31
C CYS E 381 38.11 -22.60 4.06
N ASN E 382 39.08 -23.39 4.43
CA ASN E 382 40.48 -23.04 4.28
C ASN E 382 40.99 -23.43 2.88
N THR E 383 41.28 -22.42 2.04
CA THR E 383 41.68 -22.49 0.64
C THR E 383 43.19 -22.53 0.44
N SER E 384 43.94 -22.65 1.53
CA SER E 384 45.39 -22.71 1.39
C SER E 384 45.78 -23.86 0.49
N GLY E 385 45.05 -24.96 0.57
CA GLY E 385 45.32 -26.15 -0.23
C GLY E 385 45.10 -25.92 -1.74
N LEU E 386 44.44 -24.83 -2.12
CA LEU E 386 44.23 -24.52 -3.52
C LEU E 386 45.28 -23.54 -4.02
N PHE E 387 45.73 -22.68 -3.14
CA PHE E 387 46.65 -21.61 -3.53
C PHE E 387 48.09 -21.71 -3.11
N ASN E 388 48.57 -22.91 -2.75
CA ASN E 388 49.94 -23.20 -2.36
C ASN E 388 50.71 -23.76 -3.57
N SER E 389 51.37 -22.89 -4.40
CA SER E 389 52.10 -23.32 -5.64
C SER E 389 53.09 -22.28 -6.19
N THR E 390 54.05 -22.75 -7.00
CA THR E 390 54.93 -21.85 -7.75
C THR E 390 54.96 -22.23 -9.22
N TRP E 391 54.76 -21.25 -10.09
CA TRP E 391 54.73 -21.46 -11.53
C TRP E 391 55.85 -20.72 -12.25
N ILE E 392 56.59 -21.47 -13.08
CA ILE E 392 57.71 -20.94 -13.85
C ILE E 392 57.61 -21.39 -15.31
N SER E 393 57.98 -20.50 -16.27
CA SER E 393 58.02 -20.70 -17.74
C SER E 393 58.30 -22.15 -18.16
N ASN E 406 40.22 -38.35 -10.09
CA ASN E 406 40.23 -39.38 -9.05
C ASN E 406 40.83 -38.85 -7.73
N ASP E 407 41.98 -38.15 -7.81
CA ASP E 407 42.74 -37.58 -6.69
C ASP E 407 42.27 -36.14 -6.44
N SER E 408 41.60 -35.91 -5.31
CA SER E 408 41.00 -34.63 -4.97
C SER E 408 41.79 -33.81 -3.94
N ILE E 409 41.46 -32.52 -3.88
CA ILE E 409 42.00 -31.61 -2.88
C ILE E 409 40.92 -31.38 -1.87
N THR E 410 41.21 -31.66 -0.60
CA THR E 410 40.19 -31.48 0.42
C THR E 410 40.50 -30.27 1.26
N LEU E 411 39.52 -29.40 1.38
CA LEU E 411 39.61 -28.18 2.16
C LEU E 411 38.83 -28.34 3.47
N PRO E 412 39.45 -28.21 4.65
CA PRO E 412 38.78 -28.25 5.94
C PRO E 412 37.84 -27.07 6.01
N CYS E 413 36.66 -27.20 6.65
CA CYS E 413 35.69 -26.11 6.84
C CYS E 413 35.17 -26.03 8.27
N ARG E 414 34.99 -24.80 8.76
CA ARG E 414 34.41 -24.55 10.06
C ARG E 414 33.00 -24.05 9.87
N ILE E 415 32.16 -24.20 10.88
CA ILE E 415 30.78 -23.71 10.79
C ILE E 415 30.40 -22.77 11.91
N LYS E 416 29.72 -21.67 11.57
CA LYS E 416 29.27 -20.71 12.58
C LYS E 416 27.77 -20.52 12.56
N GLN E 417 27.16 -20.29 13.71
CA GLN E 417 25.75 -19.96 13.74
C GLN E 417 25.49 -18.47 13.95
N ILE E 418 26.45 -17.72 14.52
CA ILE E 418 26.21 -16.29 14.69
C ILE E 418 26.96 -15.53 13.63
N ILE E 419 26.19 -14.90 12.77
CA ILE E 419 26.67 -14.27 11.59
C ILE E 419 26.59 -12.75 11.57
N ASN E 420 27.69 -12.11 11.23
CA ASN E 420 27.73 -10.65 11.09
C ASN E 420 28.00 -10.36 9.64
N MET E 421 26.93 -10.21 8.89
CA MET E 421 27.03 -10.11 7.46
C MET E 421 27.12 -8.65 7.04
N TRP E 422 27.69 -8.43 5.85
CA TRP E 422 27.83 -7.12 5.20
C TRP E 422 28.73 -6.19 5.96
N GLN E 423 29.59 -6.75 6.79
CA GLN E 423 30.55 -6.04 7.61
C GLN E 423 29.89 -5.00 8.51
N ARG E 424 28.74 -5.33 9.06
CA ARG E 424 28.04 -4.42 9.95
C ARG E 424 28.25 -4.77 11.39
N ILE E 425 28.02 -3.80 12.27
CA ILE E 425 28.12 -4.01 13.70
C ILE E 425 26.82 -3.68 14.42
N GLY E 426 26.35 -4.58 15.27
CA GLY E 426 25.14 -4.37 16.06
C GLY E 426 23.93 -5.17 15.60
N GLN E 427 23.99 -5.65 14.37
CA GLN E 427 22.91 -6.44 13.82
C GLN E 427 23.40 -7.83 13.51
N ALA E 428 23.17 -8.79 14.38
CA ALA E 428 23.72 -10.11 14.12
C ALA E 428 22.61 -11.11 13.96
N MET E 429 22.84 -12.08 13.11
CA MET E 429 21.85 -13.09 12.84
C MET E 429 22.19 -14.42 13.43
N TYR E 430 21.19 -15.11 13.92
CA TYR E 430 21.40 -16.48 14.35
C TYR E 430 20.81 -17.41 13.33
N ALA E 431 21.62 -18.30 12.81
CA ALA E 431 21.17 -19.24 11.82
C ALA E 431 20.71 -20.53 12.50
N PRO E 432 19.44 -20.91 12.43
CA PRO E 432 18.93 -22.10 13.04
C PRO E 432 19.70 -23.22 12.40
N PRO E 433 19.96 -24.30 13.09
CA PRO E 433 20.62 -25.47 12.58
C PRO E 433 19.69 -26.20 11.68
N ILE E 434 20.23 -26.93 10.75
CA ILE E 434 19.42 -27.76 9.89
C ILE E 434 19.57 -29.23 10.19
N GLN E 435 18.43 -29.85 10.39
CA GLN E 435 18.30 -31.26 10.68
C GLN E 435 18.79 -32.11 9.53
N GLY E 436 19.48 -33.19 9.83
CA GLY E 436 19.95 -34.05 8.76
C GLY E 436 21.40 -33.80 8.37
N VAL E 437 21.73 -34.17 7.13
CA VAL E 437 23.07 -34.13 6.57
C VAL E 437 23.05 -33.28 5.30
N ILE E 438 24.02 -32.38 5.14
CA ILE E 438 24.02 -31.48 3.99
C ILE E 438 25.17 -31.59 3.02
N ARG E 439 24.82 -31.68 1.74
CA ARG E 439 25.83 -31.62 0.67
C ARG E 439 25.36 -30.63 -0.39
N CYS E 440 26.28 -29.76 -0.87
CA CYS E 440 26.06 -28.75 -1.91
C CYS E 440 27.04 -28.98 -3.04
N VAL E 441 26.56 -28.76 -4.26
CA VAL E 441 27.42 -28.81 -5.43
C VAL E 441 27.34 -27.50 -6.14
N SER E 442 28.47 -26.87 -6.33
CA SER E 442 28.48 -25.57 -6.97
C SER E 442 29.65 -25.42 -7.93
N ASN E 443 29.57 -24.40 -8.82
CA ASN E 443 30.60 -24.08 -9.81
C ASN E 443 31.40 -22.85 -9.39
N ILE E 444 32.75 -22.95 -9.44
CA ILE E 444 33.65 -21.82 -9.21
C ILE E 444 33.78 -21.20 -10.57
N THR E 445 33.38 -19.95 -10.69
CA THR E 445 33.35 -19.27 -11.96
C THR E 445 34.31 -18.09 -12.00
N GLY E 446 35.06 -17.95 -10.94
CA GLY E 446 36.00 -16.85 -10.83
C GLY E 446 36.70 -16.81 -9.49
N LEU E 447 37.71 -15.98 -9.43
CA LEU E 447 38.54 -15.78 -8.25
C LEU E 447 38.70 -14.34 -7.85
N ILE E 448 38.89 -14.08 -6.56
CA ILE E 448 39.32 -12.74 -6.16
C ILE E 448 40.74 -12.86 -5.65
N LEU E 449 41.69 -12.19 -6.30
CA LEU E 449 43.10 -12.25 -5.90
C LEU E 449 43.69 -10.90 -5.59
N THR E 450 44.69 -10.85 -4.72
CA THR E 450 45.39 -9.60 -4.49
C THR E 450 46.81 -9.84 -4.88
N ARG E 451 47.56 -8.77 -5.11
CA ARG E 451 48.96 -8.94 -5.46
C ARG E 451 49.81 -8.35 -4.36
N ASP E 452 50.69 -9.19 -3.85
CA ASP E 452 51.59 -8.90 -2.75
C ASP E 452 52.51 -7.72 -3.10
N GLY E 453 52.68 -6.75 -2.18
CA GLY E 453 53.51 -5.56 -2.36
C GLY E 453 55.00 -5.92 -2.36
N SER E 458 61.29 -7.03 -7.63
CA SER E 458 62.00 -8.29 -7.56
C SER E 458 61.71 -9.08 -8.86
N THR E 459 61.87 -10.42 -8.82
CA THR E 459 61.69 -11.38 -9.93
C THR E 459 60.46 -12.25 -9.76
N THR E 460 59.80 -12.12 -8.62
CA THR E 460 58.64 -12.94 -8.30
C THR E 460 57.46 -12.08 -7.88
N GLU E 461 56.31 -12.39 -8.43
CA GLU E 461 55.06 -11.76 -8.05
C GLU E 461 54.33 -12.80 -7.20
N THR E 462 53.65 -12.37 -6.16
CA THR E 462 52.89 -13.31 -5.34
C THR E 462 51.44 -12.91 -5.26
N PHE E 463 50.56 -13.87 -5.49
CA PHE E 463 49.15 -13.61 -5.44
C PHE E 463 48.50 -14.35 -4.31
N ARG E 464 47.53 -13.72 -3.67
CA ARG E 464 46.84 -14.35 -2.56
C ARG E 464 45.34 -14.20 -2.73
N PRO E 465 44.52 -15.08 -2.20
CA PRO E 465 43.10 -14.90 -2.19
C PRO E 465 42.74 -13.60 -1.48
N GLY E 466 41.79 -12.86 -2.03
CA GLY E 466 41.32 -11.61 -1.44
C GLY E 466 39.83 -11.66 -1.27
N GLY E 467 39.23 -10.53 -0.90
CA GLY E 467 37.79 -10.50 -0.70
C GLY E 467 37.42 -9.65 0.51
N GLY E 468 36.18 -9.77 0.96
CA GLY E 468 35.67 -9.01 2.10
C GLY E 468 34.75 -7.86 1.72
N ASP E 469 34.75 -7.47 0.46
CA ASP E 469 33.87 -6.41 0.00
C ASP E 469 32.95 -6.95 -1.06
N MET E 470 31.69 -7.04 -0.72
CA MET E 470 30.67 -7.64 -1.56
C MET E 470 30.47 -6.95 -2.88
N ARG E 471 30.90 -5.71 -2.98
CA ARG E 471 30.75 -5.01 -4.22
C ARG E 471 31.47 -5.75 -5.33
N ASP E 472 32.57 -6.43 -4.99
CA ASP E 472 33.32 -7.14 -5.98
C ASP E 472 32.57 -8.33 -6.54
N ASN E 473 31.66 -8.94 -5.78
CA ASN E 473 31.02 -10.08 -6.36
C ASN E 473 30.06 -9.58 -7.39
N TRP E 474 29.43 -8.44 -7.07
CA TRP E 474 28.45 -7.77 -7.97
C TRP E 474 29.14 -7.37 -9.27
N ARG E 475 30.32 -6.75 -9.18
CA ARG E 475 30.95 -6.22 -10.37
C ARG E 475 31.20 -7.31 -11.38
N SER E 476 31.47 -8.53 -10.91
CA SER E 476 31.77 -9.62 -11.83
C SER E 476 30.60 -9.97 -12.75
N GLU E 477 29.38 -9.56 -12.40
CA GLU E 477 28.23 -9.83 -13.26
C GLU E 477 27.75 -8.55 -13.95
N LEU E 478 27.90 -7.41 -13.28
CA LEU E 478 27.42 -6.16 -13.83
C LEU E 478 28.37 -5.42 -14.74
N TYR E 479 29.59 -5.88 -14.91
CA TYR E 479 30.57 -5.22 -15.77
C TYR E 479 30.10 -5.04 -17.22
N LYS E 480 29.16 -5.85 -17.69
CA LYS E 480 28.68 -5.74 -19.06
C LYS E 480 27.61 -4.70 -19.23
N TYR E 481 27.10 -4.13 -18.16
CA TYR E 481 25.98 -3.22 -18.33
C TYR E 481 26.24 -1.77 -17.96
N LYS E 482 25.63 -0.87 -18.70
CA LYS E 482 25.68 0.56 -18.41
C LYS E 482 24.33 1.24 -18.51
N VAL E 483 24.08 2.22 -17.65
CA VAL E 483 22.81 2.95 -17.71
C VAL E 483 22.94 4.31 -18.36
N VAL E 484 22.09 4.56 -19.35
CA VAL E 484 22.10 5.84 -20.01
C VAL E 484 20.72 6.45 -20.02
N LYS E 485 20.65 7.75 -20.19
CA LYS E 485 19.39 8.48 -20.29
C LYS E 485 19.16 8.83 -21.71
N ILE E 486 17.92 8.76 -22.15
CA ILE E 486 17.62 9.08 -23.52
C ILE E 486 17.31 10.56 -23.66
N GLU E 487 17.91 11.19 -24.65
CA GLU E 487 17.73 12.61 -24.96
C GLU E 487 17.14 12.77 -26.34
N PRO E 488 15.82 12.66 -26.50
CA PRO E 488 15.11 12.58 -27.74
C PRO E 488 15.03 13.87 -28.50
N LEU E 489 15.36 14.98 -27.86
CA LEU E 489 15.18 16.24 -28.52
C LEU E 489 16.49 16.83 -28.96
N GLY E 490 16.55 17.31 -30.19
CA GLY E 490 17.75 17.96 -30.64
C GLY E 490 17.53 18.74 -31.92
N VAL E 491 18.56 19.45 -32.36
CA VAL E 491 18.45 20.28 -33.54
C VAL E 491 19.57 20.03 -34.52
N ALA E 492 19.32 20.41 -35.77
CA ALA E 492 20.32 20.34 -36.84
C ALA E 492 19.91 21.33 -37.93
N PRO E 493 20.83 21.87 -38.74
CA PRO E 493 20.53 22.70 -39.88
C PRO E 493 20.00 21.93 -41.04
N THR E 494 19.08 22.54 -41.77
CA THR E 494 18.59 22.00 -43.01
C THR E 494 17.95 23.10 -43.84
N ARG E 495 17.80 22.84 -45.14
CA ARG E 495 17.19 23.85 -46.01
C ARG E 495 15.68 23.87 -45.94
N CYS E 496 15.12 24.28 -44.79
CA CYS E 496 13.68 24.32 -44.53
C CYS E 496 13.38 25.55 -43.68
N LYS E 497 12.37 26.30 -44.07
CA LYS E 497 11.96 27.49 -43.36
C LYS E 497 10.50 27.31 -43.00
N ARG E 498 10.02 27.99 -41.95
CA ARG E 498 8.59 27.90 -41.54
C ARG E 498 7.79 29.00 -42.24
N ARG E 499 6.71 28.63 -42.94
CA ARG E 499 5.83 29.62 -43.62
C ARG E 499 5.16 30.50 -42.55
N VAL E 500 5.05 31.80 -42.83
CA VAL E 500 4.39 32.75 -41.86
C VAL E 500 3.19 33.40 -42.56
N SER F 1 11.03 -3.63 -37.74
CA SER F 1 11.99 -2.60 -38.09
C SER F 1 13.28 -2.82 -37.25
N LEU F 2 14.07 -1.74 -37.02
CA LEU F 2 15.33 -1.75 -36.26
C LEU F 2 15.15 -1.87 -34.76
N GLY F 3 14.04 -1.37 -34.23
CA GLY F 3 13.80 -1.43 -32.80
C GLY F 3 14.33 -0.21 -32.09
N PHE F 4 14.13 -0.15 -30.79
CA PHE F 4 14.48 1.03 -30.03
C PHE F 4 15.96 1.28 -30.05
N LEU F 5 16.33 2.47 -30.51
CA LEU F 5 17.71 2.94 -30.68
C LEU F 5 18.48 2.13 -31.68
N GLY F 6 17.80 1.36 -32.51
CA GLY F 6 18.50 0.54 -33.49
C GLY F 6 19.10 1.39 -34.59
N ALA F 7 18.65 2.64 -34.67
CA ALA F 7 19.14 3.58 -35.65
C ALA F 7 20.34 4.34 -35.11
N ALA F 8 20.74 4.07 -33.88
CA ALA F 8 21.89 4.77 -33.40
C ALA F 8 23.03 4.27 -34.22
N GLY F 9 23.92 5.15 -34.64
CA GLY F 9 25.04 4.69 -35.44
C GLY F 9 24.76 4.82 -36.93
N SER F 10 23.50 5.02 -37.30
CA SER F 10 23.12 5.19 -38.69
C SER F 10 23.34 6.64 -39.02
N THR F 11 23.30 7.02 -40.27
CA THR F 11 23.54 8.42 -40.52
C THR F 11 22.36 9.21 -40.02
N MET F 12 22.54 10.51 -39.82
CA MET F 12 21.43 11.33 -39.35
C MET F 12 20.25 11.28 -40.29
N GLY F 13 20.51 11.26 -41.59
CA GLY F 13 19.44 11.20 -42.53
C GLY F 13 18.64 9.93 -42.33
N ALA F 14 19.30 8.79 -42.34
CA ALA F 14 18.61 7.52 -42.19
C ALA F 14 17.90 7.39 -40.85
N ALA F 15 18.52 7.90 -39.82
CA ALA F 15 18.00 7.80 -38.47
C ALA F 15 16.73 8.60 -38.32
N SER F 16 16.60 9.69 -39.06
CA SER F 16 15.45 10.57 -38.92
C SER F 16 14.17 9.89 -39.35
N MET F 17 14.25 8.75 -40.02
CA MET F 17 13.03 8.08 -40.44
C MET F 17 12.46 7.14 -39.38
N THR F 18 13.08 7.10 -38.20
CA THR F 18 12.65 6.22 -37.12
C THR F 18 12.23 7.01 -35.89
N LEU F 19 11.87 8.25 -36.04
CA LEU F 19 11.62 9.04 -34.84
C LEU F 19 10.51 8.46 -33.95
N THR F 20 9.48 7.85 -34.54
CA THR F 20 8.40 7.35 -33.71
C THR F 20 8.76 6.11 -32.92
N VAL F 21 9.86 5.47 -33.31
CA VAL F 21 10.32 4.27 -32.68
C VAL F 21 10.82 4.61 -31.30
N GLN F 22 11.51 5.73 -31.21
CA GLN F 22 12.01 6.14 -29.92
C GLN F 22 10.97 6.90 -29.16
N ALA F 23 10.16 7.73 -29.84
CA ALA F 23 9.22 8.55 -29.12
C ALA F 23 8.24 7.74 -28.29
N ARG F 24 7.78 6.60 -28.80
CA ARG F 24 6.78 5.83 -28.06
C ARG F 24 7.34 5.19 -26.80
N ASN F 25 8.65 5.11 -26.68
CA ASN F 25 9.26 4.45 -25.55
C ASN F 25 9.76 5.42 -24.50
N LEU F 26 9.41 6.69 -24.65
CA LEU F 26 9.88 7.66 -23.69
C LEU F 26 8.97 7.74 -22.50
N LEU F 27 7.72 7.40 -22.70
CA LEU F 27 6.72 7.51 -21.65
C LEU F 27 6.45 6.19 -20.91
N SER F 28 6.56 5.04 -21.60
CA SER F 28 6.30 3.69 -21.07
C SER F 28 7.11 2.69 -21.91
N HIS F 52 9.41 2.13 1.85
CA HIS F 52 10.50 2.71 1.05
C HIS F 52 10.58 2.03 -0.35
N TRP F 53 10.42 0.71 -0.37
CA TRP F 53 10.57 -0.07 -1.63
C TRP F 53 9.64 0.46 -2.72
N GLY F 54 8.35 0.55 -2.40
CA GLY F 54 7.37 0.96 -3.38
C GLY F 54 7.50 2.44 -3.70
N ILE F 55 8.38 3.14 -2.99
CA ILE F 55 8.53 4.54 -3.20
C ILE F 55 9.53 4.63 -4.30
N LYS F 56 10.54 3.77 -4.29
CA LYS F 56 11.45 3.79 -5.42
C LYS F 56 10.64 3.59 -6.69
N GLN F 57 9.61 2.73 -6.64
CA GLN F 57 8.79 2.53 -7.84
C GLN F 57 8.02 3.81 -8.19
N LEU F 58 7.47 4.52 -7.21
CA LEU F 58 6.81 5.78 -7.55
C LEU F 58 7.76 6.81 -8.09
N GLN F 59 8.95 6.87 -7.56
CA GLN F 59 9.89 7.85 -8.01
C GLN F 59 10.26 7.58 -9.44
N ALA F 60 10.40 6.31 -9.80
CA ALA F 60 10.72 5.99 -11.17
C ALA F 60 9.63 6.43 -12.13
N ARG F 61 8.37 6.26 -11.72
CA ARG F 61 7.27 6.65 -12.58
C ARG F 61 7.15 8.15 -12.71
N VAL F 62 7.31 8.85 -11.60
CA VAL F 62 7.18 10.28 -11.60
C VAL F 62 8.27 10.91 -12.40
N LEU F 63 9.49 10.41 -12.27
CA LEU F 63 10.59 10.98 -12.98
C LEU F 63 10.37 10.86 -14.47
N ALA F 64 9.89 9.70 -14.95
CA ALA F 64 9.68 9.57 -16.37
C ALA F 64 8.67 10.58 -16.86
N VAL F 65 7.63 10.81 -16.08
CA VAL F 65 6.65 11.79 -16.49
C VAL F 65 7.23 13.17 -16.54
N GLU F 66 8.01 13.54 -15.54
CA GLU F 66 8.58 14.87 -15.53
C GLU F 66 9.48 15.12 -16.70
N HIS F 67 10.27 14.14 -17.09
CA HIS F 67 11.14 14.38 -18.22
C HIS F 67 10.33 14.52 -19.48
N TYR F 68 9.33 13.69 -19.63
CA TYR F 68 8.49 13.74 -20.79
C TYR F 68 7.86 15.10 -20.91
N LEU F 69 7.27 15.59 -19.84
CA LEU F 69 6.58 16.84 -19.90
C LEU F 69 7.49 18.01 -20.11
N ARG F 70 8.69 17.99 -19.57
CA ARG F 70 9.56 19.12 -19.81
C ARG F 70 9.91 19.23 -21.28
N ASP F 71 10.11 18.11 -21.97
CA ASP F 71 10.40 18.23 -23.38
C ASP F 71 9.18 18.70 -24.15
N GLN F 72 8.00 18.25 -23.74
CA GLN F 72 6.81 18.68 -24.44
C GLN F 72 6.55 20.15 -24.23
N GLN F 73 6.83 20.65 -23.04
CA GLN F 73 6.63 22.06 -22.76
C GLN F 73 7.51 22.89 -23.62
N LEU F 74 8.74 22.45 -23.78
CA LEU F 74 9.68 23.20 -24.54
C LEU F 74 9.27 23.23 -26.01
N LEU F 75 8.79 22.11 -26.55
CA LEU F 75 8.34 22.14 -27.92
C LEU F 75 7.16 23.08 -28.05
N GLY F 76 6.31 23.10 -27.06
CA GLY F 76 5.17 23.98 -27.12
C GLY F 76 5.59 25.43 -27.19
N ILE F 77 6.54 25.83 -26.38
CA ILE F 77 6.99 27.20 -26.37
C ILE F 77 7.54 27.60 -27.72
N TRP F 78 8.27 26.71 -28.35
CA TRP F 78 8.87 26.96 -29.66
C TRP F 78 7.89 26.91 -30.82
N GLY F 79 6.65 26.53 -30.55
CA GLY F 79 5.65 26.37 -31.61
C GLY F 79 5.72 25.05 -32.40
N CYS F 80 6.29 23.98 -31.79
CA CYS F 80 6.51 22.67 -32.37
C CYS F 80 5.64 21.62 -31.66
N SER F 81 4.58 22.07 -31.01
CA SER F 81 3.76 21.11 -30.32
C SER F 81 3.14 20.13 -31.26
N GLY F 82 3.23 18.85 -30.93
CA GLY F 82 2.60 17.83 -31.73
C GLY F 82 3.38 17.42 -32.98
N LYS F 83 4.57 17.96 -33.17
CA LYS F 83 5.31 17.64 -34.38
C LYS F 83 6.52 16.79 -34.08
N LEU F 84 6.99 16.05 -35.08
CA LEU F 84 8.22 15.30 -34.92
C LEU F 84 9.32 16.02 -35.64
N ILE F 85 9.00 16.58 -36.80
CA ILE F 85 9.98 17.35 -37.56
C ILE F 85 9.43 18.76 -37.70
N CYS F 86 10.00 19.74 -36.97
CA CYS F 86 9.51 21.11 -36.91
C CYS F 86 10.48 22.12 -37.49
N CYS F 87 10.08 22.76 -38.56
CA CYS F 87 10.94 23.75 -39.16
C CYS F 87 10.66 25.04 -38.41
N THR F 88 11.68 25.85 -38.20
CA THR F 88 11.52 27.10 -37.48
C THR F 88 12.19 28.17 -38.28
N ASN F 89 12.05 29.41 -37.86
CA ASN F 89 12.68 30.52 -38.56
C ASN F 89 13.97 31.05 -37.97
N VAL F 90 14.57 30.33 -37.05
CA VAL F 90 15.84 30.78 -36.53
C VAL F 90 16.89 30.34 -37.53
N PRO F 91 17.72 31.22 -38.10
CA PRO F 91 18.73 30.91 -39.07
C PRO F 91 19.86 30.18 -38.42
N TRP F 92 20.55 29.37 -39.18
CA TRP F 92 21.71 28.67 -38.66
C TRP F 92 22.95 29.55 -38.80
N ASN F 93 23.73 29.65 -37.72
CA ASN F 93 24.97 30.41 -37.61
C ASN F 93 26.18 29.47 -37.86
N SER F 94 27.15 29.93 -38.68
CA SER F 94 28.37 29.19 -39.00
C SER F 94 29.28 29.05 -37.79
N SER F 95 29.03 29.88 -36.78
CA SER F 95 29.79 29.84 -35.56
C SER F 95 29.41 28.63 -34.72
N TRP F 96 28.23 28.04 -34.98
CA TRP F 96 27.81 26.88 -34.24
C TRP F 96 28.44 25.68 -34.90
N SER F 97 28.31 25.63 -36.21
CA SER F 97 28.91 24.59 -37.02
C SER F 97 28.88 24.99 -38.47
N ASN F 98 30.00 24.80 -39.16
CA ASN F 98 30.12 25.19 -40.56
C ASN F 98 30.30 24.05 -41.53
N ARG F 99 29.76 22.89 -41.22
CA ARG F 99 29.86 21.74 -42.10
C ARG F 99 28.90 21.83 -43.26
N ASN F 100 29.17 21.06 -44.29
CA ASN F 100 28.30 21.00 -45.44
C ASN F 100 27.11 20.13 -45.09
N LEU F 101 25.97 20.34 -45.74
CA LEU F 101 24.84 19.51 -45.37
C LEU F 101 25.04 18.06 -45.68
N SER F 102 25.76 17.74 -46.74
CA SER F 102 25.94 16.33 -47.04
C SER F 102 26.81 15.67 -45.99
N GLU F 103 27.70 16.42 -45.38
CA GLU F 103 28.53 15.84 -44.36
C GLU F 103 27.70 15.53 -43.13
N ILE F 104 26.84 16.47 -42.80
CA ILE F 104 26.02 16.33 -41.60
C ILE F 104 25.00 15.23 -41.75
N TRP F 105 24.31 15.20 -42.86
CA TRP F 105 23.26 14.24 -43.00
C TRP F 105 23.67 12.85 -43.52
N ASP F 106 24.74 12.76 -44.34
CA ASP F 106 25.17 11.48 -44.88
C ASP F 106 26.34 10.80 -44.18
N ASN F 107 27.24 11.52 -43.50
CA ASN F 107 28.35 10.83 -42.88
C ASN F 107 28.19 10.73 -41.37
N MET F 108 27.75 11.81 -40.75
CA MET F 108 27.63 11.84 -39.30
C MET F 108 26.40 11.13 -38.77
N THR F 109 26.51 10.64 -37.55
CA THR F 109 25.36 10.08 -36.85
C THR F 109 24.89 11.08 -35.81
N TRP F 110 23.75 10.83 -35.16
CA TRP F 110 23.23 11.79 -34.20
C TRP F 110 24.03 11.89 -32.92
N LEU F 111 24.70 10.81 -32.53
CA LEU F 111 25.48 10.87 -31.31
C LEU F 111 26.65 11.82 -31.50
N GLN F 112 27.22 11.81 -32.70
CA GLN F 112 28.35 12.67 -33.01
C GLN F 112 27.93 14.09 -33.13
N TRP F 113 26.79 14.30 -33.77
CA TRP F 113 26.29 15.63 -33.94
C TRP F 113 26.01 16.26 -32.61
N ASP F 114 25.38 15.50 -31.72
CA ASP F 114 25.07 16.04 -30.42
C ASP F 114 26.32 16.48 -29.69
N LYS F 115 27.40 15.71 -29.80
CA LYS F 115 28.58 16.16 -29.13
C LYS F 115 29.10 17.45 -29.77
N GLU F 116 29.11 17.49 -31.10
CA GLU F 116 29.69 18.61 -31.82
C GLU F 116 29.10 19.96 -31.51
N ILE F 117 27.79 20.03 -31.34
CA ILE F 117 27.19 21.32 -31.07
C ILE F 117 26.68 21.46 -29.67
N SER F 118 27.18 20.66 -28.75
CA SER F 118 26.68 20.71 -27.38
C SER F 118 26.74 22.12 -26.75
N ASN F 119 27.82 22.87 -27.02
CA ASN F 119 28.12 24.20 -26.49
C ASN F 119 27.11 25.29 -26.89
N TYR F 120 26.34 25.07 -28.00
CA TYR F 120 25.43 26.05 -28.55
C TYR F 120 23.99 25.70 -28.30
N THR F 121 23.75 24.67 -27.50
CA THR F 121 22.37 24.23 -27.27
C THR F 121 21.53 25.29 -26.64
N GLN F 122 22.05 25.97 -25.63
CA GLN F 122 21.24 26.95 -24.96
C GLN F 122 21.03 28.18 -25.78
N ILE F 123 21.98 28.50 -26.64
CA ILE F 123 21.84 29.67 -27.47
C ILE F 123 20.72 29.43 -28.43
N ILE F 124 20.72 28.26 -29.05
CA ILE F 124 19.70 27.97 -30.01
C ILE F 124 18.36 27.93 -29.35
N TYR F 125 18.26 27.31 -28.19
CA TYR F 125 16.97 27.23 -27.57
C TYR F 125 16.46 28.62 -27.23
N GLY F 126 17.31 29.50 -26.74
CA GLY F 126 16.84 30.83 -26.41
C GLY F 126 16.30 31.55 -27.64
N LEU F 127 16.97 31.38 -28.76
CA LEU F 127 16.52 32.04 -29.97
C LEU F 127 15.19 31.49 -30.43
N LEU F 128 14.97 30.20 -30.27
CA LEU F 128 13.71 29.62 -30.68
C LEU F 128 12.57 30.18 -29.86
N GLU F 129 12.77 30.37 -28.55
CA GLU F 129 11.70 30.90 -27.74
C GLU F 129 11.36 32.33 -28.15
N GLU F 130 12.39 33.13 -28.46
CA GLU F 130 12.14 34.50 -28.85
C GLU F 130 11.41 34.60 -30.17
N SER F 131 11.77 33.74 -31.10
CA SER F 131 11.14 33.78 -32.39
C SER F 131 9.67 33.45 -32.28
N GLN F 132 9.31 32.43 -31.51
CA GLN F 132 7.90 32.14 -31.45
C GLN F 132 7.15 33.23 -30.78
N ASN F 133 7.71 33.87 -29.76
CA ASN F 133 6.93 34.92 -29.16
C ASN F 133 6.64 36.01 -30.17
N GLN F 134 7.61 36.33 -31.03
CA GLN F 134 7.34 37.36 -32.02
C GLN F 134 6.28 36.91 -33.01
N GLN F 135 6.29 35.63 -33.38
CA GLN F 135 5.31 35.14 -34.33
C GLN F 135 3.91 35.23 -33.77
N GLU F 136 3.74 34.94 -32.47
CA GLU F 136 2.40 35.04 -31.93
C GLU F 136 1.92 36.46 -31.91
N LYS F 137 2.81 37.41 -31.60
CA LYS F 137 2.38 38.78 -31.59
C LYS F 137 1.93 39.19 -32.98
N ASN F 138 2.65 38.73 -34.00
CA ASN F 138 2.29 39.14 -35.34
C ASN F 138 0.93 38.57 -35.74
N GLU F 139 0.63 37.32 -35.34
CA GLU F 139 -0.65 36.76 -35.72
C GLU F 139 -1.80 37.50 -35.07
N GLN F 140 -1.64 37.88 -33.80
CA GLN F 140 -2.72 38.57 -33.12
C GLN F 140 -3.01 39.89 -33.79
N ASP F 141 -1.97 40.62 -34.20
CA ASP F 141 -2.25 41.89 -34.83
C ASP F 141 -2.92 41.72 -36.18
N LEU F 142 -2.53 40.72 -36.95
CA LEU F 142 -3.15 40.58 -38.24
C LEU F 142 -4.62 40.23 -38.13
N LEU F 143 -4.96 39.38 -37.19
CA LEU F 143 -6.34 39.02 -37.03
C LEU F 143 -7.16 40.21 -36.57
N ALA F 144 -6.60 41.02 -35.68
CA ALA F 144 -7.32 42.20 -35.24
C ALA F 144 -7.52 43.19 -36.39
N LEU F 145 -6.53 43.30 -37.27
CA LEU F 145 -6.65 44.22 -38.42
C LEU F 145 -7.75 43.83 -39.41
N ASP F 146 -7.94 42.51 -39.68
CA ASP F 146 -8.99 41.96 -40.56
C ASP F 146 -10.38 42.47 -40.10
N ASN G 30 -13.80 4.88 -50.34
CA ASN G 30 -14.83 5.90 -50.10
C ASN G 30 -14.76 6.46 -48.67
N LEU G 31 -14.59 5.59 -47.66
CA LEU G 31 -14.58 5.94 -46.24
C LEU G 31 -13.19 5.99 -45.69
N TRP G 32 -13.02 6.82 -44.68
CA TRP G 32 -11.76 7.11 -44.03
C TRP G 32 -11.82 6.90 -42.54
N VAL G 33 -10.68 6.58 -41.94
CA VAL G 33 -10.64 6.41 -40.51
C VAL G 33 -10.73 7.75 -39.81
N THR G 34 -11.63 7.89 -38.85
CA THR G 34 -11.71 9.09 -38.04
C THR G 34 -11.53 8.74 -36.59
N VAL G 35 -10.66 9.50 -35.95
CA VAL G 35 -10.30 9.30 -34.57
C VAL G 35 -11.11 10.19 -33.67
N TYR G 36 -11.68 9.61 -32.63
CA TYR G 36 -12.45 10.39 -31.67
C TYR G 36 -11.86 10.23 -30.30
N TYR G 37 -11.87 11.31 -29.53
CA TYR G 37 -11.43 11.29 -28.16
C TYR G 37 -12.52 11.80 -27.23
N GLY G 38 -12.83 11.01 -26.22
CA GLY G 38 -13.90 11.34 -25.28
C GLY G 38 -15.11 10.45 -25.51
N VAL G 39 -14.86 9.31 -26.14
CA VAL G 39 -15.87 8.33 -26.46
C VAL G 39 -16.35 7.64 -25.19
N PRO G 40 -17.66 7.57 -24.90
CA PRO G 40 -18.23 7.00 -23.69
C PRO G 40 -18.25 5.49 -23.62
N VAL G 41 -17.07 4.89 -23.57
CA VAL G 41 -16.94 3.44 -23.46
C VAL G 41 -16.02 3.03 -22.32
N TRP G 42 -16.13 1.78 -21.91
CA TRP G 42 -15.33 1.27 -20.83
C TRP G 42 -15.05 -0.21 -20.87
N LYS G 43 -14.09 -0.63 -20.04
CA LYS G 43 -13.68 -2.03 -19.90
C LYS G 43 -13.68 -2.50 -18.45
N ASP G 44 -13.89 -3.78 -18.21
CA ASP G 44 -13.74 -4.25 -16.84
C ASP G 44 -12.33 -3.96 -16.40
N ALA G 45 -12.15 -3.48 -15.18
CA ALA G 45 -10.79 -3.19 -14.76
C ALA G 45 -10.61 -3.22 -13.28
N GLU G 46 -9.38 -3.35 -12.83
CA GLU G 46 -9.12 -3.29 -11.41
C GLU G 46 -8.20 -2.14 -11.12
N THR G 47 -8.45 -1.45 -10.02
CA THR G 47 -7.58 -0.40 -9.58
C THR G 47 -7.70 -0.28 -8.09
N THR G 48 -7.05 0.72 -7.53
CA THR G 48 -7.09 0.94 -6.10
C THR G 48 -8.02 2.07 -5.77
N LEU G 49 -8.97 1.79 -4.90
CA LEU G 49 -9.95 2.78 -4.51
C LEU G 49 -9.53 3.43 -3.20
N PHE G 50 -9.93 4.68 -2.99
CA PHE G 50 -9.61 5.35 -1.73
C PHE G 50 -10.89 5.70 -0.98
N CYS G 51 -10.82 5.97 0.35
CA CYS G 51 -11.98 6.29 1.18
C CYS G 51 -12.22 7.79 1.32
N ALA G 52 -13.51 8.15 1.46
CA ALA G 52 -13.91 9.53 1.67
C ALA G 52 -14.71 9.88 2.94
N SER G 53 -14.76 9.05 3.96
CA SER G 53 -15.41 9.46 5.23
C SER G 53 -16.79 10.18 5.10
N ASP G 54 -16.91 11.46 5.55
CA ASP G 54 -18.12 12.31 5.57
C ASP G 54 -17.77 13.64 6.24
N HIS G 63 -10.70 9.01 16.70
CA HIS G 63 -11.06 8.15 17.82
C HIS G 63 -11.88 6.93 17.32
N ASN G 64 -11.38 6.25 16.27
CA ASN G 64 -11.97 5.05 15.67
C ASN G 64 -10.88 4.21 15.08
N VAL G 65 -11.24 3.06 14.58
CA VAL G 65 -10.23 2.16 14.05
C VAL G 65 -10.26 2.04 12.55
N TRP G 66 -10.96 2.99 11.92
CA TRP G 66 -11.10 3.03 10.45
C TRP G 66 -10.51 4.34 9.95
N ALA G 67 -9.45 4.80 10.64
CA ALA G 67 -8.67 5.94 10.20
C ALA G 67 -9.52 6.89 9.42
N THR G 68 -10.68 7.27 9.95
CA THR G 68 -11.52 8.17 9.17
C THR G 68 -10.87 9.53 9.07
N HIS G 69 -9.80 9.73 9.84
CA HIS G 69 -9.07 11.02 9.76
C HIS G 69 -8.11 10.99 8.57
N CYS G 70 -7.64 9.79 8.19
CA CYS G 70 -6.81 9.69 6.99
C CYS G 70 -7.58 9.97 5.69
N CYS G 71 -8.86 9.56 5.65
CA CYS G 71 -9.78 9.68 4.51
C CYS G 71 -10.08 11.13 4.15
N VAL G 72 -10.43 11.35 2.90
CA VAL G 72 -10.78 12.68 2.46
C VAL G 72 -12.23 12.82 2.80
N PRO G 73 -12.84 13.99 2.80
CA PRO G 73 -14.27 14.19 2.98
C PRO G 73 -15.05 13.79 1.74
N THR G 74 -16.33 13.50 1.90
CA THR G 74 -17.22 13.20 0.81
C THR G 74 -17.71 14.42 0.10
N ASP G 75 -18.29 14.17 -1.06
CA ASP G 75 -18.96 15.15 -1.89
C ASP G 75 -20.37 15.34 -1.36
N PRO G 76 -20.77 16.52 -0.84
CA PRO G 76 -22.09 16.79 -0.32
C PRO G 76 -23.19 16.64 -1.38
N ASN G 77 -22.80 16.70 -2.66
CA ASN G 77 -23.74 16.60 -3.76
C ASN G 77 -23.23 15.64 -4.82
N PRO G 78 -23.18 14.33 -4.57
CA PRO G 78 -22.61 13.36 -5.45
C PRO G 78 -23.46 13.31 -6.69
N GLN G 79 -22.84 13.08 -7.82
CA GLN G 79 -23.60 13.03 -9.05
C GLN G 79 -23.79 11.64 -9.59
N GLU G 80 -25.01 11.15 -9.49
CA GLU G 80 -25.34 9.82 -9.99
C GLU G 80 -25.99 9.98 -11.34
N ILE G 81 -25.37 9.40 -12.35
CA ILE G 81 -25.89 9.56 -13.69
C ILE G 81 -26.56 8.31 -14.22
N HIS G 82 -27.84 8.35 -14.47
CA HIS G 82 -28.49 7.15 -14.96
C HIS G 82 -28.11 6.91 -16.41
N LEU G 83 -27.82 5.66 -16.77
CA LEU G 83 -27.44 5.41 -18.15
C LEU G 83 -28.61 4.77 -18.89
N GLU G 84 -29.26 5.54 -19.71
CA GLU G 84 -30.41 5.00 -20.38
C GLU G 84 -29.92 4.04 -21.48
N ASN G 85 -30.62 2.91 -21.68
CA ASN G 85 -30.35 1.87 -22.68
C ASN G 85 -28.97 1.19 -22.56
N VAL G 86 -28.46 1.00 -21.32
CA VAL G 86 -27.19 0.32 -21.06
C VAL G 86 -27.43 -0.88 -20.21
N THR G 87 -27.03 -2.03 -20.71
CA THR G 87 -27.17 -3.25 -19.96
C THR G 87 -25.76 -3.68 -19.68
N GLU G 88 -25.49 -3.95 -18.42
CA GLU G 88 -24.14 -4.28 -18.01
C GLU G 88 -24.13 -5.54 -17.19
N GLU G 89 -23.18 -6.43 -17.45
CA GLU G 89 -23.09 -7.65 -16.67
C GLU G 89 -22.25 -7.51 -15.41
N PHE G 90 -22.84 -7.89 -14.30
CA PHE G 90 -22.20 -7.82 -12.98
C PHE G 90 -21.94 -9.20 -12.41
N ASN G 91 -20.87 -9.35 -11.65
CA ASN G 91 -20.60 -10.61 -10.98
C ASN G 91 -20.01 -10.35 -9.62
N MET G 92 -20.83 -10.49 -8.61
CA MET G 92 -20.47 -10.16 -7.23
C MET G 92 -19.47 -11.13 -6.64
N TRP G 93 -19.29 -12.27 -7.28
CA TRP G 93 -18.40 -13.26 -6.74
C TRP G 93 -17.00 -13.10 -7.29
N LYS G 94 -16.83 -12.23 -8.29
CA LYS G 94 -15.56 -12.02 -8.95
C LYS G 94 -15.17 -10.55 -8.87
N ASN G 95 -15.82 -9.87 -7.95
CA ASN G 95 -15.68 -8.47 -7.70
C ASN G 95 -14.49 -8.25 -6.80
N ASN G 96 -13.47 -7.53 -7.26
CA ASN G 96 -12.29 -7.39 -6.43
C ASN G 96 -12.40 -6.22 -5.46
N MET G 97 -13.53 -5.53 -5.45
CA MET G 97 -13.71 -4.44 -4.52
C MET G 97 -13.82 -5.02 -3.15
N VAL G 98 -14.34 -6.24 -3.09
CA VAL G 98 -14.51 -6.94 -1.85
C VAL G 98 -13.16 -7.32 -1.31
N GLU G 99 -12.28 -7.80 -2.16
CA GLU G 99 -10.96 -8.18 -1.71
C GLU G 99 -10.22 -6.96 -1.22
N GLN G 100 -10.36 -5.83 -1.91
CA GLN G 100 -9.67 -4.60 -1.48
C GLN G 100 -10.26 -4.11 -0.15
N MET G 101 -11.56 -4.23 0.07
CA MET G 101 -12.10 -3.79 1.33
C MET G 101 -11.62 -4.67 2.43
N HIS G 102 -11.54 -5.96 2.19
CA HIS G 102 -11.08 -6.84 3.22
C HIS G 102 -9.70 -6.43 3.65
N GLU G 103 -8.80 -6.23 2.70
CA GLU G 103 -7.45 -5.88 3.07
C GLU G 103 -7.38 -4.54 3.77
N ASP G 104 -8.19 -3.56 3.37
CA ASP G 104 -8.13 -2.27 4.00
C ASP G 104 -8.57 -2.34 5.42
N ILE G 105 -9.60 -3.12 5.70
CA ILE G 105 -10.09 -3.23 7.05
C ILE G 105 -9.03 -3.87 7.93
N ILE G 106 -8.36 -4.89 7.44
CA ILE G 106 -7.36 -5.53 8.27
C ILE G 106 -6.25 -4.55 8.57
N SER G 107 -5.79 -3.82 7.56
CA SER G 107 -4.69 -2.91 7.80
C SER G 107 -5.06 -1.78 8.73
N LEU G 108 -6.26 -1.25 8.60
CA LEU G 108 -6.67 -0.15 9.46
C LEU G 108 -6.75 -0.62 10.88
N TRP G 109 -7.25 -1.84 11.07
CA TRP G 109 -7.37 -2.42 12.37
C TRP G 109 -6.01 -2.48 13.02
N ASP G 110 -5.03 -3.05 12.31
CA ASP G 110 -3.73 -3.21 12.89
C ASP G 110 -3.06 -1.90 13.20
N GLN G 111 -3.25 -0.90 12.36
CA GLN G 111 -2.61 0.37 12.62
C GLN G 111 -3.15 1.03 13.87
N SER G 112 -4.45 0.89 14.12
CA SER G 112 -5.01 1.54 15.29
C SER G 112 -4.61 0.86 16.57
N LEU G 113 -4.31 -0.43 16.49
CA LEU G 113 -3.93 -1.18 17.66
C LEU G 113 -2.45 -1.08 17.95
N LYS G 114 -1.64 -1.06 16.91
CA LYS G 114 -0.18 -1.03 17.00
C LYS G 114 0.46 -0.18 18.11
N PRO G 115 0.11 1.11 18.34
CA PRO G 115 0.72 1.95 19.36
C PRO G 115 0.27 1.75 20.83
N CYS G 116 -0.71 0.85 21.10
CA CYS G 116 -1.33 0.65 22.40
C CYS G 116 -0.45 -0.24 23.30
N VAL G 117 -0.77 -0.27 24.59
CA VAL G 117 0.01 -1.00 25.60
C VAL G 117 0.17 -2.48 25.35
N LYS G 118 1.40 -3.00 25.45
CA LYS G 118 1.63 -4.42 25.20
C LYS G 118 1.59 -5.18 26.51
N LEU G 119 0.62 -6.06 26.63
CA LEU G 119 0.40 -6.78 27.87
C LEU G 119 1.14 -8.08 27.94
N THR G 120 2.45 -7.98 27.91
CA THR G 120 3.26 -9.15 28.03
C THR G 120 3.54 -9.46 29.50
N PRO G 121 3.57 -8.47 30.45
CA PRO G 121 3.74 -8.68 31.86
C PRO G 121 2.57 -9.44 32.45
N LEU G 122 1.50 -9.53 31.69
CA LEU G 122 0.31 -10.22 32.13
C LEU G 122 0.33 -11.74 31.96
N CYS G 123 1.24 -12.33 31.12
CA CYS G 123 1.26 -13.78 30.93
C CYS G 123 2.06 -14.40 32.08
N VAL G 124 1.35 -14.57 33.17
CA VAL G 124 1.86 -15.05 34.44
C VAL G 124 0.97 -16.16 34.94
N THR G 125 1.42 -16.86 35.96
CA THR G 125 0.56 -17.87 36.54
C THR G 125 -0.52 -17.15 37.29
N LEU G 126 -1.76 -17.52 37.08
CA LEU G 126 -2.84 -16.90 37.80
C LEU G 126 -3.35 -17.89 38.82
N GLN G 127 -3.73 -17.40 39.98
CA GLN G 127 -4.38 -18.27 40.96
C GLN G 127 -5.85 -17.89 40.91
N CYS G 128 -6.76 -18.81 40.51
CA CYS G 128 -8.17 -18.45 40.28
C CYS G 128 -9.14 -19.37 41.00
N THR G 129 -10.20 -18.77 41.48
CA THR G 129 -11.32 -19.47 42.11
C THR G 129 -12.60 -19.02 41.42
N ASN G 130 -13.73 -19.72 41.65
CA ASN G 130 -15.04 -19.37 41.10
C ASN G 130 -15.63 -18.17 41.84
N VAL G 131 -16.42 -17.34 41.12
CA VAL G 131 -17.21 -16.29 41.78
C VAL G 131 -18.47 -17.01 42.22
N THR G 132 -18.81 -16.92 43.50
CA THR G 132 -20.01 -17.57 44.02
C THR G 132 -20.98 -16.55 44.58
N ASN G 133 -20.49 -15.38 44.90
CA ASN G 133 -21.34 -14.37 45.48
C ASN G 133 -22.19 -13.74 44.38
N ASN G 134 -23.50 -13.52 44.66
CA ASN G 134 -24.49 -12.87 43.76
C ASN G 134 -24.59 -13.55 42.38
N ILE G 135 -24.53 -14.91 42.33
CA ILE G 135 -24.60 -15.71 41.10
C ILE G 135 -25.90 -16.39 40.85
N THR G 136 -26.41 -16.20 39.64
CA THR G 136 -27.63 -16.89 39.22
C THR G 136 -27.26 -18.25 38.67
N ASP G 137 -28.24 -19.03 38.31
CA ASP G 137 -27.90 -20.38 37.87
C ASP G 137 -27.19 -20.49 36.55
N ASP G 138 -27.42 -19.57 35.63
CA ASP G 138 -26.81 -19.65 34.33
C ASP G 138 -25.33 -19.32 34.40
N MET G 139 -24.97 -18.35 35.22
CA MET G 139 -23.60 -17.89 35.38
C MET G 139 -22.86 -18.70 36.40
N ARG G 140 -23.00 -20.00 36.32
CA ARG G 140 -22.42 -20.85 37.32
C ARG G 140 -21.10 -21.42 36.87
N GLY G 141 -20.03 -20.84 37.37
CA GLY G 141 -18.68 -21.22 36.96
C GLY G 141 -18.23 -20.46 35.72
N GLU G 142 -19.08 -19.57 35.23
CA GLU G 142 -18.83 -18.78 34.03
C GLU G 142 -17.78 -17.70 34.24
N LEU G 143 -17.80 -17.13 35.43
CA LEU G 143 -16.93 -16.02 35.79
C LEU G 143 -15.94 -16.45 36.85
N LYS G 144 -14.67 -16.10 36.68
CA LYS G 144 -13.63 -16.45 37.64
C LYS G 144 -12.93 -15.23 38.25
N ASN G 145 -12.52 -15.38 39.52
CA ASN G 145 -11.80 -14.41 40.33
C ASN G 145 -10.33 -14.80 40.44
N CYS G 146 -9.43 -14.06 39.76
CA CYS G 146 -8.00 -14.37 39.64
C CYS G 146 -7.12 -13.37 40.35
N SER G 147 -5.99 -13.85 40.86
CA SER G 147 -5.00 -12.99 41.46
C SER G 147 -3.65 -13.30 40.89
N PHE G 148 -2.83 -12.27 40.79
CA PHE G 148 -1.49 -12.42 40.23
C PHE G 148 -0.48 -11.34 40.65
N ASN G 149 0.83 -11.64 40.46
CA ASN G 149 1.96 -10.73 40.70
C ASN G 149 2.31 -9.96 39.42
N MET G 150 1.89 -8.69 39.35
CA MET G 150 2.05 -7.77 38.23
C MET G 150 3.20 -6.81 38.49
N THR G 151 3.84 -6.34 37.44
CA THR G 151 4.90 -5.36 37.55
C THR G 151 4.38 -3.97 37.83
N THR G 152 5.27 -3.09 38.22
CA THR G 152 4.98 -1.71 38.57
C THR G 152 5.84 -0.74 37.79
N GLU G 153 5.67 0.57 38.00
CA GLU G 153 6.49 1.53 37.27
C GLU G 153 7.95 1.25 37.51
N LEU G 154 8.30 0.99 38.76
CA LEU G 154 9.67 0.70 39.10
C LEU G 154 9.94 -0.76 38.80
N ARG G 155 11.09 -1.03 38.21
CA ARG G 155 11.55 -2.36 37.85
C ARG G 155 11.75 -3.25 39.06
N ASP G 156 11.97 -2.63 40.19
CA ASP G 156 12.24 -3.31 41.45
C ASP G 156 11.00 -3.75 42.20
N LYS G 157 9.82 -3.30 41.81
CA LYS G 157 8.66 -3.57 42.64
C LYS G 157 7.63 -4.44 41.96
N LYS G 158 6.78 -5.05 42.77
CA LYS G 158 5.67 -5.87 42.32
C LYS G 158 4.42 -5.46 43.05
N GLN G 159 3.28 -5.74 42.45
CA GLN G 159 2.01 -5.49 43.09
C GLN G 159 1.10 -6.68 42.94
N LYS G 160 0.25 -6.92 43.92
CA LYS G 160 -0.69 -8.02 43.78
C LYS G 160 -2.02 -7.45 43.33
N VAL G 161 -2.45 -7.90 42.16
CA VAL G 161 -3.63 -7.31 41.51
C VAL G 161 -4.66 -8.41 41.45
N TYR G 162 -5.93 -8.06 41.56
CA TYR G 162 -6.93 -9.12 41.39
C TYR G 162 -8.01 -8.63 40.42
N SER G 163 -8.34 -9.46 39.45
CA SER G 163 -9.30 -9.03 38.43
C SER G 163 -10.26 -10.17 38.18
N LEU G 164 -11.42 -9.84 37.64
CA LEU G 164 -12.33 -10.87 37.19
C LEU G 164 -12.15 -11.13 35.72
N PHE G 165 -12.20 -12.40 35.36
CA PHE G 165 -12.09 -12.84 33.98
C PHE G 165 -13.18 -13.80 33.61
N TYR G 166 -13.54 -13.83 32.35
CA TYR G 166 -14.51 -14.81 31.90
C TYR G 166 -13.79 -16.11 31.68
N ARG G 167 -14.45 -17.24 31.89
CA ARG G 167 -13.77 -18.52 31.71
C ARG G 167 -13.29 -18.80 30.31
N LEU G 168 -13.77 -18.08 29.31
CA LEU G 168 -13.32 -18.35 27.95
C LEU G 168 -11.93 -17.82 27.70
N ASP G 169 -11.45 -16.92 28.54
CA ASP G 169 -10.17 -16.28 28.37
C ASP G 169 -9.06 -16.96 29.15
N VAL G 170 -9.44 -17.87 30.03
CA VAL G 170 -8.49 -18.48 30.95
C VAL G 170 -8.46 -19.99 30.83
N VAL G 171 -7.27 -20.56 30.68
CA VAL G 171 -7.12 -22.01 30.53
C VAL G 171 -6.28 -22.59 31.64
N GLN G 172 -6.73 -23.72 32.18
CA GLN G 172 -6.04 -24.36 33.27
C GLN G 172 -4.69 -24.91 32.84
N ILE G 173 -3.70 -24.69 33.68
CA ILE G 173 -2.33 -25.15 33.43
C ILE G 173 -2.08 -26.64 33.64
N ASN G 174 -2.59 -27.22 34.75
CA ASN G 174 -2.35 -28.60 35.18
C ASN G 174 -3.46 -29.51 34.65
N LYS G 186 -6.06 -25.11 40.65
CA LYS G 186 -6.42 -23.69 40.66
C LYS G 186 -5.41 -22.77 39.92
N GLU G 187 -4.41 -23.34 39.19
CA GLU G 187 -3.40 -22.60 38.42
C GLU G 187 -3.81 -22.48 36.97
N TYR G 188 -3.93 -21.24 36.53
CA TYR G 188 -4.39 -20.89 35.20
C TYR G 188 -3.49 -19.93 34.47
N ARG G 189 -3.61 -19.91 33.16
CA ARG G 189 -2.88 -18.96 32.34
C ARG G 189 -3.85 -18.38 31.34
N LEU G 190 -3.51 -17.28 30.72
CA LEU G 190 -4.42 -16.78 29.71
C LEU G 190 -4.30 -17.62 28.47
N ILE G 191 -5.38 -17.74 27.72
CA ILE G 191 -5.36 -18.59 26.54
C ILE G 191 -4.35 -18.23 25.48
N ASN G 192 -3.95 -16.99 25.39
CA ASN G 192 -2.97 -16.61 24.38
C ASN G 192 -1.50 -16.90 24.70
N CYS G 193 -1.14 -17.35 25.91
CA CYS G 193 0.25 -17.50 26.34
C CYS G 193 1.08 -18.43 25.47
N ASN G 194 0.49 -19.45 24.91
CA ASN G 194 1.31 -20.34 24.09
C ASN G 194 1.28 -20.05 22.58
N THR G 195 0.51 -19.02 22.10
CA THR G 195 0.38 -18.70 20.66
C THR G 195 0.61 -17.25 20.27
N SER G 196 0.42 -16.30 21.16
CA SER G 196 0.48 -14.91 20.75
C SER G 196 0.72 -13.90 21.85
N ALA G 197 1.07 -12.70 21.43
CA ALA G 197 1.20 -11.61 22.36
C ALA G 197 -0.07 -10.79 22.34
N ILE G 198 -0.37 -10.17 23.47
CA ILE G 198 -1.54 -9.32 23.63
C ILE G 198 -1.32 -7.86 23.63
N THR G 199 -2.09 -7.18 22.81
CA THR G 199 -2.04 -5.73 22.81
C THR G 199 -3.37 -5.26 23.37
N GLN G 200 -3.33 -4.36 24.33
CA GLN G 200 -4.56 -3.85 24.89
C GLN G 200 -5.10 -2.85 23.97
N ALA G 201 -6.36 -2.93 23.64
CA ALA G 201 -6.89 -1.89 22.78
C ALA G 201 -6.90 -0.59 23.58
N CYS G 202 -6.62 0.55 22.91
CA CYS G 202 -6.64 1.88 23.54
C CYS G 202 -8.10 2.26 23.89
N PRO G 203 -8.42 2.60 25.14
CA PRO G 203 -9.74 2.96 25.64
C PRO G 203 -10.35 4.18 24.97
N LYS G 204 -9.51 4.99 24.36
CA LYS G 204 -9.96 6.20 23.70
C LYS G 204 -10.41 5.97 22.26
N VAL G 205 -10.20 4.77 21.74
CA VAL G 205 -10.53 4.52 20.35
C VAL G 205 -11.76 3.61 20.24
N SER G 206 -12.78 4.09 19.56
CA SER G 206 -14.02 3.34 19.43
C SER G 206 -13.94 2.23 18.42
N PHE G 207 -14.90 1.31 18.54
CA PHE G 207 -15.07 0.25 17.56
C PHE G 207 -16.41 0.36 16.88
N GLU G 208 -17.02 1.53 16.92
CA GLU G 208 -18.31 1.70 16.28
C GLU G 208 -18.12 2.03 14.81
N PRO G 209 -18.63 1.25 13.86
CA PRO G 209 -18.49 1.42 12.44
C PRO G 209 -18.97 2.77 12.00
N ILE G 210 -18.19 3.38 11.12
CA ILE G 210 -18.46 4.66 10.55
C ILE G 210 -18.53 4.42 9.06
N PRO G 211 -19.54 4.89 8.33
CA PRO G 211 -19.67 4.63 6.92
C PRO G 211 -18.45 5.02 6.15
N ILE G 212 -18.05 4.15 5.25
CA ILE G 212 -16.94 4.37 4.37
C ILE G 212 -17.40 4.42 2.96
N HIS G 213 -17.04 5.45 2.27
CA HIS G 213 -17.39 5.58 0.88
C HIS G 213 -16.16 5.28 0.07
N TYR G 214 -16.22 4.32 -0.84
CA TYR G 214 -15.05 4.05 -1.69
C TYR G 214 -15.20 4.86 -2.95
N CYS G 215 -14.11 5.51 -3.41
CA CYS G 215 -14.11 6.38 -4.59
C CYS G 215 -13.08 5.95 -5.61
N ALA G 216 -13.49 5.94 -6.86
CA ALA G 216 -12.61 5.59 -7.95
C ALA G 216 -11.74 6.79 -8.30
N PRO G 217 -10.52 6.57 -8.76
CA PRO G 217 -9.60 7.59 -9.23
C PRO G 217 -10.02 8.09 -10.57
N ALA G 218 -9.53 9.25 -10.94
CA ALA G 218 -9.86 9.75 -12.26
C ALA G 218 -9.41 8.75 -13.29
N GLY G 219 -10.23 8.58 -14.31
CA GLY G 219 -9.94 7.66 -15.39
C GLY G 219 -10.75 6.38 -15.23
N PHE G 220 -11.35 6.23 -14.05
CA PHE G 220 -12.18 5.11 -13.67
C PHE G 220 -13.53 5.54 -13.19
N ALA G 221 -14.47 4.63 -13.24
CA ALA G 221 -15.80 4.90 -12.75
C ALA G 221 -16.41 3.68 -12.16
N ILE G 222 -17.39 3.86 -11.29
CA ILE G 222 -18.05 2.72 -10.70
C ILE G 222 -19.45 2.60 -11.25
N LEU G 223 -19.78 1.46 -11.79
CA LEU G 223 -21.10 1.32 -12.31
C LEU G 223 -21.92 0.68 -11.23
N LYS G 224 -23.12 1.18 -11.05
CA LYS G 224 -24.04 0.72 -10.04
C LYS G 224 -25.27 0.08 -10.68
N CYS G 225 -25.73 -1.07 -10.14
CA CYS G 225 -26.93 -1.79 -10.58
C CYS G 225 -28.14 -1.34 -9.77
N LYS G 226 -29.16 -0.84 -10.46
CA LYS G 226 -30.38 -0.34 -9.83
C LYS G 226 -31.56 -1.28 -10.03
N ASP G 227 -31.28 -2.44 -10.56
CA ASP G 227 -32.32 -3.39 -10.86
C ASP G 227 -32.79 -4.03 -9.57
N LYS G 228 -34.03 -3.80 -9.20
CA LYS G 228 -34.55 -4.33 -7.95
C LYS G 228 -34.62 -5.81 -8.14
N LYS G 229 -34.51 -6.58 -7.07
CA LYS G 229 -34.55 -8.04 -7.20
C LYS G 229 -33.39 -8.56 -8.05
N PHE G 230 -32.24 -7.90 -7.94
CA PHE G 230 -31.00 -8.33 -8.65
C PHE G 230 -30.30 -9.42 -7.82
N ASN G 231 -30.07 -10.59 -8.42
CA ASN G 231 -29.48 -11.70 -7.64
C ASN G 231 -27.95 -11.60 -7.60
N GLY G 232 -27.37 -10.54 -8.17
CA GLY G 232 -25.91 -10.31 -8.04
C GLY G 232 -25.01 -11.07 -8.99
N THR G 233 -25.56 -11.84 -9.93
CA THR G 233 -24.68 -12.51 -10.93
C THR G 233 -25.43 -12.66 -12.24
N GLY G 234 -25.33 -11.66 -13.12
CA GLY G 234 -26.26 -11.56 -14.26
C GLY G 234 -26.26 -10.20 -14.90
N PRO G 235 -26.77 -10.03 -16.15
CA PRO G 235 -26.89 -8.71 -16.77
C PRO G 235 -27.86 -7.82 -15.99
N CYS G 236 -27.54 -6.54 -15.81
CA CYS G 236 -28.39 -5.60 -15.04
C CYS G 236 -28.96 -4.54 -15.99
N PRO G 237 -30.27 -4.65 -16.41
CA PRO G 237 -30.95 -3.77 -17.35
C PRO G 237 -30.98 -2.29 -16.98
N SER G 238 -30.76 -1.95 -15.73
CA SER G 238 -30.81 -0.55 -15.36
C SER G 238 -29.66 -0.20 -14.47
N VAL G 239 -28.75 0.61 -15.00
CA VAL G 239 -27.56 0.99 -14.28
C VAL G 239 -27.35 2.48 -14.29
N SER G 240 -26.49 2.93 -13.39
CA SER G 240 -26.09 4.31 -13.29
C SER G 240 -24.62 4.39 -12.97
N THR G 241 -24.03 5.54 -13.17
CA THR G 241 -22.62 5.71 -12.86
C THR G 241 -22.40 6.64 -11.70
N VAL G 242 -21.56 6.19 -10.80
CA VAL G 242 -21.21 7.00 -9.65
C VAL G 242 -19.71 7.08 -9.55
N GLN G 243 -19.21 8.07 -8.84
CA GLN G 243 -17.77 8.09 -8.62
C GLN G 243 -17.40 7.40 -7.29
N CYS G 244 -18.31 7.50 -6.28
CA CYS G 244 -18.17 6.97 -4.93
C CYS G 244 -19.37 6.07 -4.63
N THR G 245 -19.15 5.05 -3.83
CA THR G 245 -20.18 4.13 -3.38
C THR G 245 -20.95 4.79 -2.28
N HIS G 246 -22.05 4.18 -1.86
CA HIS G 246 -22.78 4.72 -0.75
C HIS G 246 -21.94 4.46 0.46
N GLY G 247 -22.34 4.97 1.61
CA GLY G 247 -21.51 4.72 2.76
C GLY G 247 -21.79 3.35 3.31
N ILE G 248 -20.74 2.56 3.40
CA ILE G 248 -20.83 1.21 3.90
C ILE G 248 -20.26 1.10 5.27
N LYS G 249 -21.04 0.63 6.21
CA LYS G 249 -20.52 0.50 7.54
C LYS G 249 -19.84 -0.84 7.66
N PRO G 250 -18.57 -0.93 8.01
CA PRO G 250 -17.83 -2.17 8.12
C PRO G 250 -18.17 -2.91 9.40
N VAL G 251 -19.41 -3.34 9.49
CA VAL G 251 -19.90 -4.03 10.67
C VAL G 251 -19.36 -5.44 10.63
N VAL G 252 -18.82 -5.90 11.75
CA VAL G 252 -18.29 -7.24 11.80
C VAL G 252 -19.19 -8.19 12.56
N SER G 253 -19.59 -9.26 11.91
CA SER G 253 -20.46 -10.25 12.51
C SER G 253 -20.33 -11.59 11.81
N THR G 254 -20.89 -12.63 12.41
CA THR G 254 -20.83 -13.95 11.79
C THR G 254 -22.11 -14.45 11.09
N GLN G 255 -22.97 -15.11 11.82
CA GLN G 255 -24.18 -15.75 11.29
C GLN G 255 -25.28 -14.82 10.76
N LEU G 256 -25.47 -13.69 11.42
CA LEU G 256 -26.48 -12.74 11.03
C LEU G 256 -25.79 -11.44 10.70
N LEU G 257 -26.19 -10.85 9.59
CA LEU G 257 -25.62 -9.60 9.17
C LEU G 257 -26.41 -8.50 9.80
N LEU G 258 -25.73 -7.54 10.35
CA LEU G 258 -26.40 -6.46 11.02
C LEU G 258 -26.19 -5.12 10.33
N ASN G 259 -27.19 -4.22 10.44
CA ASN G 259 -27.20 -2.82 10.03
C ASN G 259 -26.81 -2.59 8.56
N GLY G 260 -27.24 -3.46 7.63
CA GLY G 260 -26.96 -3.36 6.19
C GLY G 260 -28.15 -2.80 5.45
N SER G 261 -28.12 -2.93 4.13
CA SER G 261 -29.18 -2.46 3.29
C SER G 261 -30.30 -3.48 3.22
N LEU G 262 -31.51 -3.03 3.05
CA LEU G 262 -32.65 -3.91 2.89
C LEU G 262 -32.95 -4.14 1.44
N ALA G 263 -33.53 -5.29 1.14
CA ALA G 263 -33.96 -5.59 -0.21
C ALA G 263 -35.09 -4.66 -0.55
N GLU G 264 -35.15 -4.19 -1.78
CA GLU G 264 -36.22 -3.27 -2.12
C GLU G 264 -37.61 -3.87 -2.16
N GLU G 265 -37.74 -5.09 -2.67
CA GLU G 265 -39.06 -5.68 -2.86
C GLU G 265 -39.38 -6.93 -2.05
N GLU G 266 -38.47 -7.87 -2.04
CA GLU G 266 -38.70 -9.17 -1.45
C GLU G 266 -37.40 -9.79 -1.05
N VAL G 267 -37.44 -10.82 -0.23
CA VAL G 267 -36.19 -11.45 0.16
C VAL G 267 -35.44 -11.97 -1.05
N ILE G 268 -34.14 -11.68 -1.11
CA ILE G 268 -33.35 -12.12 -2.26
C ILE G 268 -32.33 -13.18 -1.85
N ILE G 269 -32.38 -14.31 -2.53
CA ILE G 269 -31.45 -15.41 -2.26
C ILE G 269 -30.30 -15.36 -3.24
N ARG G 270 -29.07 -15.24 -2.76
CA ARG G 270 -27.94 -15.19 -3.68
C ARG G 270 -26.87 -16.19 -3.28
N SER G 271 -26.22 -16.77 -4.25
CA SER G 271 -25.11 -17.67 -3.95
C SER G 271 -24.20 -17.73 -5.14
N GLU G 272 -22.97 -18.18 -4.94
CA GLU G 272 -22.06 -18.33 -6.06
C GLU G 272 -22.51 -19.41 -7.07
N ASN G 273 -23.02 -20.53 -6.55
CA ASN G 273 -23.50 -21.71 -7.26
C ASN G 273 -24.52 -22.41 -6.36
N ILE G 274 -25.83 -22.25 -6.63
CA ILE G 274 -26.91 -22.72 -5.73
C ILE G 274 -26.97 -24.23 -5.60
N THR G 275 -26.53 -24.96 -6.63
CA THR G 275 -26.59 -26.40 -6.58
C THR G 275 -25.33 -27.02 -5.98
N ASN G 276 -24.38 -26.21 -5.59
CA ASN G 276 -23.15 -26.70 -5.01
C ASN G 276 -23.29 -26.69 -3.50
N ASN G 277 -23.26 -27.86 -2.88
CA ASN G 277 -23.48 -28.00 -1.44
C ASN G 277 -22.38 -27.33 -0.62
N ALA G 278 -21.27 -27.02 -1.27
CA ALA G 278 -20.14 -26.41 -0.63
C ALA G 278 -20.22 -24.89 -0.55
N LYS G 279 -21.25 -24.28 -1.13
CA LYS G 279 -21.32 -22.83 -1.12
C LYS G 279 -22.27 -22.27 -0.08
N ASN G 280 -22.00 -21.03 0.35
CA ASN G 280 -22.88 -20.35 1.28
C ASN G 280 -23.98 -19.63 0.54
N ILE G 281 -25.09 -19.44 1.22
CA ILE G 281 -26.20 -18.68 0.69
C ILE G 281 -26.37 -17.39 1.45
N LEU G 282 -26.38 -16.29 0.74
CA LEU G 282 -26.56 -15.00 1.34
C LEU G 282 -28.00 -14.59 1.15
N VAL G 283 -28.69 -14.30 2.23
CA VAL G 283 -30.08 -13.92 2.13
C VAL G 283 -30.25 -12.49 2.50
N GLN G 284 -30.76 -11.67 1.61
CA GLN G 284 -30.98 -10.27 1.93
C GLN G 284 -32.42 -10.06 2.33
N LEU G 285 -32.65 -9.54 3.51
CA LEU G 285 -34.01 -9.42 3.98
C LEU G 285 -34.68 -8.17 3.47
N ASN G 286 -35.99 -8.26 3.31
CA ASN G 286 -36.81 -7.14 2.90
C ASN G 286 -37.12 -6.17 4.03
N THR G 287 -37.34 -6.70 5.21
CA THR G 287 -37.63 -5.86 6.35
C THR G 287 -36.62 -6.24 7.40
N PRO G 288 -36.22 -5.36 8.31
CA PRO G 288 -35.29 -5.65 9.35
C PRO G 288 -35.95 -6.42 10.43
N VAL G 289 -35.18 -7.18 11.17
CA VAL G 289 -35.71 -7.77 12.38
C VAL G 289 -34.97 -7.10 13.52
N GLN G 290 -35.69 -6.52 14.44
CA GLN G 290 -35.00 -5.81 15.49
C GLN G 290 -34.53 -6.74 16.57
N ILE G 291 -33.26 -6.63 16.91
CA ILE G 291 -32.63 -7.43 17.96
C ILE G 291 -32.04 -6.54 19.07
N ASN G 292 -32.41 -6.80 20.33
CA ASN G 292 -32.01 -6.05 21.53
C ASN G 292 -31.04 -6.86 22.39
N CYS G 293 -29.75 -6.46 22.45
CA CYS G 293 -28.69 -7.19 23.16
C CYS G 293 -28.22 -6.42 24.38
N THR G 294 -27.96 -7.18 25.43
CA THR G 294 -27.50 -6.55 26.65
C THR G 294 -26.63 -7.40 27.53
N ARG G 295 -25.82 -6.71 28.30
CA ARG G 295 -25.05 -7.28 29.35
C ARG G 295 -25.45 -6.52 30.61
N PRO G 296 -26.33 -7.07 31.43
CA PRO G 296 -26.97 -6.43 32.56
C PRO G 296 -26.05 -6.15 33.73
N ASN G 297 -24.91 -6.80 33.78
CA ASN G 297 -24.03 -6.66 34.92
C ASN G 297 -23.39 -5.29 34.95
N ASN G 298 -23.39 -4.64 36.14
CA ASN G 298 -22.81 -3.33 36.37
C ASN G 298 -21.33 -3.48 36.78
N ASN G 299 -20.42 -3.36 35.78
CA ASN G 299 -18.97 -3.53 35.98
C ASN G 299 -18.30 -2.28 36.48
N THR G 300 -17.46 -2.49 37.47
CA THR G 300 -16.61 -1.45 38.01
C THR G 300 -15.25 -1.71 37.46
N VAL G 301 -14.73 -0.75 36.73
CA VAL G 301 -13.45 -0.87 36.07
C VAL G 301 -12.34 -0.20 36.81
N LYS G 302 -11.26 -0.93 37.00
CA LYS G 302 -10.10 -0.45 37.70
C LYS G 302 -8.91 -0.35 36.77
N SER G 303 -7.94 0.47 37.16
CA SER G 303 -6.74 0.63 36.36
C SER G 303 -5.50 0.76 37.18
N ILE G 304 -4.46 0.07 36.74
CA ILE G 304 -3.15 0.10 37.39
C ILE G 304 -2.05 0.37 36.41
N ARG G 305 -0.90 0.81 36.90
CA ARG G 305 0.23 0.95 36.03
C ARG G 305 1.01 -0.33 36.08
N ILE G 306 1.55 -0.74 34.94
CA ILE G 306 2.34 -1.95 34.87
C ILE G 306 3.75 -1.69 34.39
N GLY G 307 4.07 -0.42 34.24
CA GLY G 307 5.36 0.07 33.78
C GLY G 307 5.19 1.55 33.50
N PRO G 308 6.24 2.31 33.24
CA PRO G 308 6.14 3.73 33.01
C PRO G 308 5.24 4.03 31.85
N GLY G 309 4.18 4.77 32.13
CA GLY G 309 3.23 5.20 31.11
C GLY G 309 2.28 4.10 30.64
N GLN G 310 2.36 2.92 31.24
CA GLN G 310 1.57 1.79 30.78
C GLN G 310 0.39 1.47 31.65
N TRP G 311 -0.81 1.78 31.22
CA TRP G 311 -1.96 1.50 32.07
C TRP G 311 -2.71 0.29 31.58
N PHE G 312 -3.07 -0.57 32.52
CA PHE G 312 -3.83 -1.78 32.31
C PHE G 312 -5.21 -1.68 32.90
N TYR G 313 -6.22 -2.05 32.12
CA TYR G 313 -7.59 -1.95 32.60
C TYR G 313 -8.19 -3.32 32.83
N TYR G 314 -8.94 -3.44 33.89
CA TYR G 314 -9.55 -4.71 34.19
C TYR G 314 -10.82 -4.58 34.99
N THR G 315 -11.64 -5.62 34.98
CA THR G 315 -12.84 -5.55 35.77
C THR G 315 -12.47 -5.79 37.20
N GLY G 316 -12.87 -4.88 38.04
CA GLY G 316 -12.58 -4.91 39.46
C GLY G 316 -13.63 -5.71 40.17
N ASP G 317 -14.86 -5.30 39.98
CA ASP G 317 -15.98 -5.97 40.63
C ASP G 317 -17.27 -5.80 39.86
N ILE G 318 -18.32 -6.45 40.36
CA ILE G 318 -19.67 -6.34 39.83
C ILE G 318 -20.63 -5.94 40.91
N ILE G 319 -21.41 -4.93 40.64
CA ILE G 319 -22.37 -4.49 41.62
C ILE G 319 -23.72 -5.14 41.38
N GLY G 320 -24.20 -5.85 42.38
CA GLY G 320 -25.48 -6.53 42.30
C GLY G 320 -25.39 -7.90 41.64
N ASP G 321 -26.55 -8.41 41.23
CA ASP G 321 -26.66 -9.76 40.69
C ASP G 321 -25.86 -9.92 39.43
N ILE G 322 -25.28 -11.09 39.26
CA ILE G 322 -24.52 -11.45 38.09
C ILE G 322 -25.37 -12.37 37.23
N ARG G 323 -25.72 -11.85 36.06
CA ARG G 323 -26.60 -12.49 35.12
C ARG G 323 -25.99 -12.69 33.76
N GLN G 324 -26.55 -13.60 32.98
CA GLN G 324 -26.02 -13.88 31.67
C GLN G 324 -26.47 -12.86 30.64
N ALA G 325 -25.53 -12.48 29.78
CA ALA G 325 -25.79 -11.58 28.70
C ALA G 325 -26.72 -12.27 27.74
N HIS G 326 -27.57 -11.52 27.08
CA HIS G 326 -28.52 -12.13 26.17
C HIS G 326 -29.03 -11.17 25.11
N CYS G 327 -29.66 -11.72 24.04
CA CYS G 327 -30.32 -10.96 22.98
C CYS G 327 -31.78 -11.38 22.82
N ASN G 328 -32.64 -10.40 22.63
CA ASN G 328 -34.07 -10.60 22.44
C ASN G 328 -34.51 -10.28 21.01
N VAL G 329 -35.15 -11.26 20.35
CA VAL G 329 -35.69 -11.18 18.99
C VAL G 329 -37.21 -11.38 19.03
N SER G 330 -37.98 -10.45 18.46
CA SER G 330 -39.43 -10.62 18.48
C SER G 330 -39.83 -11.93 17.87
N LYS G 331 -40.67 -12.69 18.56
CA LYS G 331 -41.00 -13.99 18.04
C LYS G 331 -41.83 -13.92 16.78
N ALA G 332 -42.81 -13.03 16.76
CA ALA G 332 -43.65 -12.99 15.59
C ALA G 332 -42.90 -12.48 14.39
N THR G 333 -42.03 -11.50 14.58
CA THR G 333 -41.33 -10.96 13.45
C THR G 333 -40.41 -12.00 12.89
N TRP G 334 -39.71 -12.71 13.77
CA TRP G 334 -38.81 -13.72 13.29
C TRP G 334 -39.54 -14.82 12.52
N ASN G 335 -40.74 -15.28 13.00
CA ASN G 335 -41.52 -16.31 12.33
C ASN G 335 -41.96 -15.87 10.92
N GLU G 336 -42.35 -14.58 10.73
CA GLU G 336 -42.72 -14.03 9.41
C GLU G 336 -41.52 -14.00 8.51
N THR G 337 -40.37 -13.65 9.08
CA THR G 337 -39.15 -13.56 8.33
C THR G 337 -38.79 -14.91 7.76
N LEU G 338 -38.86 -15.96 8.57
CA LEU G 338 -38.50 -17.23 8.01
C LEU G 338 -39.51 -17.68 7.00
N GLY G 339 -40.79 -17.39 7.19
CA GLY G 339 -41.74 -17.84 6.20
C GLY G 339 -41.38 -17.24 4.83
N LYS G 340 -40.98 -15.97 4.81
CA LYS G 340 -40.59 -15.35 3.56
C LYS G 340 -39.35 -15.99 2.97
N VAL G 341 -38.39 -16.33 3.82
CA VAL G 341 -37.18 -16.96 3.33
C VAL G 341 -37.50 -18.30 2.70
N VAL G 342 -38.38 -19.06 3.33
CA VAL G 342 -38.75 -20.36 2.83
C VAL G 342 -39.43 -20.25 1.49
N LYS G 343 -40.34 -19.31 1.32
CA LYS G 343 -41.00 -19.18 0.03
C LYS G 343 -40.01 -18.94 -1.07
N GLN G 344 -38.95 -18.19 -0.80
CA GLN G 344 -37.97 -17.93 -1.81
C GLN G 344 -37.03 -19.11 -2.03
N LEU G 345 -36.70 -19.85 -0.98
CA LEU G 345 -35.83 -21.00 -1.17
C LEU G 345 -36.52 -22.00 -2.04
N ARG G 346 -37.84 -22.08 -1.96
CA ARG G 346 -38.54 -23.04 -2.78
C ARG G 346 -38.38 -22.81 -4.27
N LYS G 347 -38.01 -21.62 -4.69
CA LYS G 347 -37.83 -21.38 -6.10
C LYS G 347 -36.68 -22.21 -6.65
N HIS G 348 -35.78 -22.64 -5.78
CA HIS G 348 -34.64 -23.42 -6.16
C HIS G 348 -34.77 -24.87 -5.74
N PHE G 349 -35.53 -25.13 -4.68
CA PHE G 349 -35.61 -26.50 -4.19
C PHE G 349 -36.92 -27.23 -4.43
N GLY G 350 -37.98 -26.52 -4.83
CA GLY G 350 -39.27 -27.14 -5.11
C GLY G 350 -40.29 -27.15 -3.97
N ASN G 351 -41.53 -27.46 -4.31
CA ASN G 351 -42.61 -27.53 -3.29
C ASN G 351 -42.48 -28.83 -2.49
N ASN G 352 -42.11 -29.93 -3.14
CA ASN G 352 -42.11 -31.24 -2.49
C ASN G 352 -40.96 -31.42 -1.54
N THR G 353 -40.19 -30.39 -1.37
CA THR G 353 -39.04 -30.43 -0.49
C THR G 353 -39.37 -29.79 0.83
N ILE G 354 -39.09 -30.47 1.90
CA ILE G 354 -39.32 -29.92 3.21
C ILE G 354 -38.15 -29.06 3.56
N ILE G 355 -38.41 -27.85 4.05
CA ILE G 355 -37.29 -27.01 4.42
C ILE G 355 -37.12 -26.93 5.92
N ARG G 356 -36.01 -27.47 6.36
CA ARG G 356 -35.71 -27.55 7.76
C ARG G 356 -34.57 -26.67 8.18
N PHE G 357 -34.77 -25.95 9.27
CA PHE G 357 -33.71 -25.12 9.82
C PHE G 357 -33.17 -25.78 11.06
N ALA G 358 -31.85 -25.73 11.18
CA ALA G 358 -31.17 -26.33 12.30
C ALA G 358 -29.98 -25.51 12.74
N GLN G 359 -29.55 -25.74 13.96
CA GLN G 359 -28.41 -25.05 14.55
C GLN G 359 -27.09 -25.50 13.96
N SER G 360 -26.06 -24.68 14.10
CA SER G 360 -24.75 -25.03 13.55
C SER G 360 -24.25 -26.33 14.08
N SER G 361 -23.63 -27.08 13.17
CA SER G 361 -23.10 -28.41 13.40
C SER G 361 -21.91 -28.50 14.35
N GLY G 362 -21.27 -27.38 14.63
CA GLY G 362 -20.14 -27.43 15.55
C GLY G 362 -18.89 -26.77 15.03
N GLY G 363 -17.96 -26.51 15.94
CA GLY G 363 -16.73 -25.84 15.64
C GLY G 363 -16.46 -24.81 16.72
N ASP G 364 -15.54 -23.92 16.45
CA ASP G 364 -15.14 -22.86 17.37
C ASP G 364 -16.27 -21.86 17.57
N LEU G 365 -16.30 -21.13 18.68
CA LEU G 365 -17.41 -20.22 18.88
C LEU G 365 -17.52 -19.23 17.76
N GLU G 366 -16.41 -18.81 17.21
CA GLU G 366 -16.40 -17.84 16.16
C GLU G 366 -17.18 -18.28 14.92
N VAL G 367 -17.42 -19.57 14.77
CA VAL G 367 -18.18 -20.08 13.65
C VAL G 367 -19.48 -20.79 14.06
N THR G 368 -19.74 -20.97 15.36
CA THR G 368 -20.97 -21.63 15.77
C THR G 368 -21.96 -20.67 16.40
N THR G 369 -21.48 -19.52 16.83
CA THR G 369 -22.32 -18.51 17.47
C THR G 369 -22.38 -17.25 16.66
N HIS G 370 -23.28 -16.37 17.06
CA HIS G 370 -23.41 -15.08 16.46
C HIS G 370 -22.54 -14.11 17.17
N SER G 371 -21.48 -13.72 16.52
CA SER G 371 -20.54 -12.82 17.11
C SER G 371 -20.76 -11.42 16.65
N PHE G 372 -20.64 -10.49 17.58
CA PHE G 372 -20.72 -9.07 17.30
C PHE G 372 -20.10 -8.22 18.40
N ASN G 373 -19.76 -6.97 18.07
CA ASN G 373 -19.24 -6.01 19.02
C ASN G 373 -20.35 -5.01 19.45
N CYS G 374 -20.82 -5.10 20.72
CA CYS G 374 -21.93 -4.33 21.30
C CYS G 374 -21.45 -3.44 22.43
N GLY G 375 -21.37 -2.16 22.14
CA GLY G 375 -20.93 -1.20 23.14
C GLY G 375 -19.44 -1.22 23.33
N GLY G 376 -18.75 -2.01 22.53
CA GLY G 376 -17.33 -2.20 22.63
C GLY G 376 -17.01 -3.59 23.22
N GLU G 377 -18.01 -4.31 23.73
CA GLU G 377 -17.75 -5.65 24.26
C GLU G 377 -17.96 -6.68 23.17
N PHE G 378 -17.30 -7.82 23.29
CA PHE G 378 -17.48 -8.88 22.31
C PHE G 378 -18.37 -10.01 22.81
N PHE G 379 -19.51 -10.15 22.14
CA PHE G 379 -20.56 -11.12 22.42
C PHE G 379 -20.53 -12.30 21.49
N TYR G 380 -20.82 -13.48 22.03
CA TYR G 380 -20.94 -14.75 21.32
C TYR G 380 -22.29 -15.41 21.66
N CYS G 381 -23.35 -15.11 20.87
CA CYS G 381 -24.74 -15.47 21.14
C CYS G 381 -25.15 -16.76 20.44
N ASN G 382 -25.77 -17.63 21.18
CA ASN G 382 -26.14 -18.92 20.62
C ASN G 382 -27.53 -18.85 19.97
N THR G 383 -27.58 -18.81 18.61
CA THR G 383 -28.78 -18.62 17.79
C THR G 383 -29.49 -19.91 17.52
N SER G 384 -29.60 -20.77 18.51
CA SER G 384 -30.27 -22.02 18.27
C SER G 384 -31.76 -21.83 18.28
N GLY G 385 -32.23 -20.84 19.00
CA GLY G 385 -33.66 -20.59 19.11
C GLY G 385 -34.21 -19.94 17.88
N LEU G 386 -33.33 -19.54 16.99
CA LEU G 386 -33.75 -18.91 15.77
C LEU G 386 -33.82 -19.89 14.62
N PHE G 387 -33.14 -21.01 14.71
CA PHE G 387 -33.08 -21.94 13.60
C PHE G 387 -33.39 -23.34 14.07
N ASN G 388 -34.61 -23.55 14.53
CA ASN G 388 -35.10 -24.80 15.09
C ASN G 388 -36.58 -24.97 14.68
N SER G 389 -36.80 -25.29 13.38
CA SER G 389 -38.16 -25.40 12.79
C SER G 389 -38.17 -26.25 11.53
N THR G 390 -39.34 -26.81 11.22
CA THR G 390 -39.51 -27.53 9.96
C THR G 390 -40.70 -26.98 9.21
N TRP G 391 -40.48 -26.60 7.97
CA TRP G 391 -41.54 -26.03 7.18
C TRP G 391 -42.05 -26.94 6.10
N ILE G 392 -43.26 -27.42 6.31
CA ILE G 392 -43.89 -28.32 5.38
C ILE G 392 -45.04 -27.59 4.77
N SER G 393 -45.05 -27.46 3.45
CA SER G 393 -46.13 -26.72 2.78
C SER G 393 -46.34 -25.35 3.40
N ASN G 394 -45.23 -24.71 3.72
CA ASN G 394 -45.13 -23.38 4.32
C ASN G 394 -45.83 -23.17 5.69
N THR G 395 -45.93 -24.24 6.53
CA THR G 395 -46.50 -24.20 7.88
C THR G 395 -45.34 -23.95 8.85
N SER G 405 -49.76 -12.09 22.12
CA SER G 405 -48.59 -11.76 21.31
C SER G 405 -47.48 -11.23 22.27
N ASN G 406 -46.54 -10.42 21.72
CA ASN G 406 -45.38 -9.77 22.38
C ASN G 406 -44.41 -10.78 22.98
N ASP G 407 -44.41 -11.96 22.42
CA ASP G 407 -43.54 -13.02 22.86
C ASP G 407 -42.17 -12.79 22.27
N SER G 408 -41.17 -13.39 22.85
CA SER G 408 -39.82 -13.21 22.34
C SER G 408 -38.90 -14.37 22.55
N ILE G 409 -37.87 -14.39 21.73
CA ILE G 409 -36.86 -15.40 21.78
C ILE G 409 -35.64 -14.86 22.46
N THR G 410 -35.18 -15.51 23.53
CA THR G 410 -34.00 -15.03 24.21
C THR G 410 -32.84 -15.95 23.92
N LEU G 411 -31.77 -15.35 23.43
CA LEU G 411 -30.56 -16.07 23.11
C LEU G 411 -29.53 -15.80 24.18
N PRO G 412 -28.97 -16.79 24.86
CA PRO G 412 -27.95 -16.59 25.85
C PRO G 412 -26.71 -16.21 25.08
N CYS G 413 -25.84 -15.37 25.66
CA CYS G 413 -24.58 -14.93 25.06
C CYS G 413 -23.41 -15.05 26.04
N ARG G 414 -22.25 -15.35 25.50
CA ARG G 414 -21.04 -15.36 26.29
C ARG G 414 -20.23 -14.12 25.99
N ILE G 415 -19.45 -13.67 26.94
CA ILE G 415 -18.60 -12.50 26.76
C ILE G 415 -17.16 -12.94 26.79
N LYS G 416 -16.36 -12.45 25.85
CA LYS G 416 -14.96 -12.84 25.77
C LYS G 416 -14.05 -11.61 25.65
N GLN G 417 -12.98 -11.51 26.46
CA GLN G 417 -12.07 -10.37 26.37
C GLN G 417 -10.82 -10.59 25.51
N ILE G 418 -10.39 -11.83 25.30
CA ILE G 418 -9.21 -12.03 24.47
C ILE G 418 -9.64 -12.47 23.11
N ILE G 419 -9.43 -11.58 22.17
CA ILE G 419 -9.95 -11.69 20.84
C ILE G 419 -8.93 -11.96 19.75
N ASN G 420 -9.26 -12.91 18.88
CA ASN G 420 -8.42 -13.26 17.75
C ASN G 420 -9.21 -13.11 16.46
N MET G 421 -9.18 -11.91 15.91
CA MET G 421 -9.98 -11.57 14.75
C MET G 421 -9.37 -11.96 13.44
N TRP G 422 -10.23 -11.98 12.43
CA TRP G 422 -9.91 -12.17 11.03
C TRP G 422 -9.31 -13.53 10.74
N GLN G 423 -9.51 -14.44 11.68
CA GLN G 423 -9.02 -15.80 11.66
C GLN G 423 -7.50 -15.84 11.56
N ARG G 424 -6.81 -14.90 12.19
CA ARG G 424 -5.37 -14.89 12.16
C ARG G 424 -4.80 -15.48 13.42
N ILE G 425 -3.54 -15.87 13.36
CA ILE G 425 -2.83 -16.40 14.50
C ILE G 425 -1.59 -15.58 14.81
N GLY G 426 -1.41 -15.23 16.08
CA GLY G 426 -0.24 -14.48 16.54
C GLY G 426 -0.52 -13.03 16.92
N GLN G 427 -1.64 -12.51 16.51
CA GLN G 427 -2.01 -11.15 16.86
C GLN G 427 -3.26 -11.18 17.71
N ALA G 428 -3.13 -11.07 19.02
CA ALA G 428 -4.31 -11.18 19.84
C ALA G 428 -4.53 -9.87 20.55
N MET G 429 -5.78 -9.56 20.77
CA MET G 429 -6.15 -8.31 21.38
C MET G 429 -6.86 -8.46 22.69
N TYR G 430 -6.59 -7.58 23.61
CA TYR G 430 -7.34 -7.57 24.84
C TYR G 430 -8.30 -6.43 24.77
N ALA G 431 -9.57 -6.73 24.96
CA ALA G 431 -10.59 -5.72 24.92
C ALA G 431 -10.82 -5.23 26.35
N PRO G 432 -10.55 -3.98 26.71
CA PRO G 432 -10.72 -3.47 28.03
C PRO G 432 -12.19 -3.61 28.34
N PRO G 433 -12.56 -3.81 29.59
CA PRO G 433 -13.93 -3.87 30.04
C PRO G 433 -14.48 -2.50 30.02
N ILE G 434 -15.78 -2.41 29.86
CA ILE G 434 -16.44 -1.14 29.86
C ILE G 434 -17.29 -0.85 31.07
N GLN G 435 -17.03 0.28 31.68
CA GLN G 435 -17.72 0.71 32.88
C GLN G 435 -19.22 0.88 32.68
N GLY G 436 -20.00 0.28 33.58
CA GLY G 436 -21.45 0.42 33.51
C GLY G 436 -22.16 -0.73 32.79
N VAL G 437 -23.45 -0.52 32.53
CA VAL G 437 -24.31 -1.53 31.94
C VAL G 437 -24.50 -1.25 30.45
N ILE G 438 -24.38 -2.29 29.63
CA ILE G 438 -24.46 -2.10 28.18
C ILE G 438 -25.68 -2.66 27.50
N ARG G 439 -26.30 -1.81 26.71
CA ARG G 439 -27.44 -2.23 25.91
C ARG G 439 -27.26 -1.61 24.52
N CYS G 440 -27.55 -2.38 23.44
CA CYS G 440 -27.50 -1.92 22.06
C CYS G 440 -28.67 -2.51 21.27
N VAL G 441 -29.15 -1.74 20.32
CA VAL G 441 -30.21 -2.19 19.44
C VAL G 441 -29.78 -2.15 18.02
N SER G 442 -29.98 -3.24 17.32
CA SER G 442 -29.55 -3.33 15.94
C SER G 442 -30.56 -4.04 15.06
N ASN G 443 -30.39 -3.88 13.73
CA ASN G 443 -31.24 -4.49 12.70
C ASN G 443 -30.58 -5.71 12.06
N ILE G 444 -31.29 -6.84 11.97
CA ILE G 444 -30.85 -8.04 11.25
C ILE G 444 -31.33 -7.78 9.85
N THR G 445 -30.40 -7.68 8.92
CA THR G 445 -30.74 -7.32 7.55
C THR G 445 -30.42 -8.43 6.56
N GLY G 446 -29.91 -9.52 7.04
CA GLY G 446 -29.56 -10.62 6.17
C GLY G 446 -29.00 -11.78 6.94
N LEU G 447 -29.02 -12.93 6.33
CA LEU G 447 -28.58 -14.17 6.94
C LEU G 447 -27.50 -14.86 6.13
N ILE G 448 -26.62 -15.61 6.79
CA ILE G 448 -25.74 -16.48 6.00
C ILE G 448 -26.07 -17.91 6.35
N LEU G 449 -26.46 -18.70 5.36
CA LEU G 449 -26.84 -20.11 5.55
C LEU G 449 -25.98 -21.10 4.78
N THR G 450 -25.83 -22.30 5.32
CA THR G 450 -25.13 -23.36 4.63
C THR G 450 -26.15 -24.41 4.33
N ARG G 451 -25.84 -25.32 3.43
CA ARG G 451 -26.83 -26.32 3.09
C ARG G 451 -26.35 -27.75 3.07
N ASP G 452 -27.11 -28.60 3.74
CA ASP G 452 -26.88 -30.03 3.75
C ASP G 452 -27.80 -30.56 2.68
N GLY G 453 -27.23 -31.05 1.58
CA GLY G 453 -28.03 -31.39 0.37
C GLY G 453 -28.85 -32.67 0.41
N GLY G 454 -29.68 -32.76 1.42
CA GLY G 454 -30.51 -33.89 1.74
C GLY G 454 -31.52 -34.23 0.68
N SER G 455 -32.00 -33.23 -0.06
CA SER G 455 -33.05 -33.44 -1.04
C SER G 455 -32.60 -34.34 -2.18
N THR G 456 -31.30 -34.55 -2.30
CA THR G 456 -30.81 -35.43 -3.34
C THR G 456 -31.28 -36.89 -3.12
N ASN G 457 -31.45 -37.26 -1.84
CA ASN G 457 -31.59 -38.66 -1.38
C ASN G 457 -32.93 -38.88 -0.64
N SER G 458 -33.60 -37.79 -0.28
CA SER G 458 -34.73 -37.74 0.69
C SER G 458 -35.63 -36.60 0.35
N THR G 459 -36.70 -36.46 1.10
CA THR G 459 -37.58 -35.33 0.87
C THR G 459 -37.24 -34.11 1.73
N THR G 460 -36.22 -34.18 2.62
CA THR G 460 -35.95 -33.02 3.49
C THR G 460 -34.56 -32.41 3.33
N GLU G 461 -34.54 -31.10 3.12
CA GLU G 461 -33.35 -30.27 2.96
C GLU G 461 -33.02 -29.53 4.26
N THR G 462 -31.76 -29.45 4.68
CA THR G 462 -31.49 -28.72 5.91
C THR G 462 -30.56 -27.54 5.74
N PHE G 463 -30.95 -26.42 6.32
CA PHE G 463 -30.16 -25.21 6.30
C PHE G 463 -29.66 -24.88 7.69
N ARG G 464 -28.42 -24.43 7.77
CA ARG G 464 -27.85 -24.11 9.06
C ARG G 464 -27.17 -22.75 8.99
N PRO G 465 -27.05 -22.00 10.07
CA PRO G 465 -26.29 -20.78 10.09
C PRO G 465 -24.86 -21.06 9.67
N GLY G 466 -24.33 -20.17 8.85
CA GLY G 466 -22.98 -20.24 8.33
C GLY G 466 -22.21 -18.97 8.62
N GLY G 467 -21.38 -18.56 7.67
CA GLY G 467 -20.57 -17.37 7.83
C GLY G 467 -19.24 -17.66 8.49
N GLY G 468 -18.57 -16.59 8.91
CA GLY G 468 -17.23 -16.63 9.51
C GLY G 468 -16.16 -16.08 8.57
N ASP G 469 -16.42 -16.08 7.27
CA ASP G 469 -15.50 -15.50 6.32
C ASP G 469 -15.97 -14.11 6.04
N MET G 470 -15.24 -13.12 6.50
CA MET G 470 -15.65 -11.74 6.42
C MET G 470 -15.86 -11.24 5.03
N ARG G 471 -15.25 -11.86 4.05
CA ARG G 471 -15.45 -11.36 2.73
C ARG G 471 -16.92 -11.42 2.37
N ASP G 472 -17.65 -12.41 2.89
CA ASP G 472 -19.04 -12.57 2.58
C ASP G 472 -19.90 -11.50 3.21
N ASN G 473 -19.40 -10.82 4.22
CA ASN G 473 -20.22 -9.80 4.80
C ASN G 473 -20.17 -8.61 3.91
N TRP G 474 -19.00 -8.38 3.32
CA TRP G 474 -18.81 -7.22 2.42
C TRP G 474 -19.67 -7.45 1.18
N ARG G 475 -19.64 -8.67 0.64
CA ARG G 475 -20.29 -8.94 -0.64
C ARG G 475 -21.74 -8.51 -0.56
N SER G 476 -22.24 -8.43 0.66
CA SER G 476 -23.60 -8.07 0.98
C SER G 476 -23.91 -6.66 0.53
N GLU G 477 -22.95 -5.75 0.64
CA GLU G 477 -23.21 -4.37 0.25
C GLU G 477 -22.59 -4.13 -1.12
N LEU G 478 -21.42 -4.68 -1.34
CA LEU G 478 -20.75 -4.47 -2.60
C LEU G 478 -21.14 -5.48 -3.63
N TYR G 479 -22.41 -5.51 -3.99
CA TYR G 479 -22.86 -6.43 -5.04
C TYR G 479 -23.43 -5.62 -6.15
N LYS G 480 -23.68 -4.35 -5.87
CA LYS G 480 -24.28 -3.49 -6.85
C LYS G 480 -23.24 -2.76 -7.62
N TYR G 481 -21.98 -2.88 -7.22
CA TYR G 481 -20.97 -2.07 -7.85
C TYR G 481 -19.87 -2.82 -8.55
N LYS G 482 -19.42 -2.28 -9.66
CA LYS G 482 -18.24 -2.82 -10.34
C LYS G 482 -17.37 -1.68 -10.83
N VAL G 483 -16.07 -1.91 -10.91
CA VAL G 483 -15.16 -0.90 -11.41
C VAL G 483 -14.81 -1.07 -12.87
N VAL G 484 -14.94 0.01 -13.62
CA VAL G 484 -14.57 -0.07 -15.02
C VAL G 484 -13.61 1.06 -15.36
N LYS G 485 -12.77 0.82 -16.34
CA LYS G 485 -11.82 1.79 -16.83
C LYS G 485 -12.41 2.51 -18.00
N ILE G 486 -12.20 3.80 -18.07
CA ILE G 486 -12.72 4.56 -19.18
C ILE G 486 -11.71 4.54 -20.31
N GLU G 487 -12.19 4.24 -21.51
CA GLU G 487 -11.33 4.16 -22.68
C GLU G 487 -11.76 5.18 -23.73
N PRO G 488 -11.31 6.44 -23.65
CA PRO G 488 -11.76 7.55 -24.44
C PRO G 488 -11.40 7.52 -25.90
N LEU G 489 -10.46 6.67 -26.32
CA LEU G 489 -10.11 6.65 -27.75
C LEU G 489 -10.75 5.57 -28.53
N GLY G 490 -11.07 5.90 -29.75
CA GLY G 490 -11.56 4.91 -30.67
C GLY G 490 -11.65 5.47 -32.05
N VAL G 491 -11.93 4.61 -33.00
CA VAL G 491 -12.04 5.01 -34.37
C VAL G 491 -13.30 4.46 -34.97
N ALA G 492 -13.74 5.05 -36.06
CA ALA G 492 -14.88 4.59 -36.82
C ALA G 492 -14.75 5.17 -38.22
N PRO G 493 -15.27 4.53 -39.28
CA PRO G 493 -15.26 5.07 -40.62
C PRO G 493 -16.20 6.22 -40.77
N THR G 494 -15.78 7.24 -41.48
CA THR G 494 -16.60 8.38 -41.83
C THR G 494 -16.27 8.77 -43.24
N ARG G 495 -16.94 9.76 -43.77
CA ARG G 495 -16.61 10.24 -45.11
C ARG G 495 -15.50 11.33 -45.17
N CYS G 496 -14.85 11.61 -44.03
CA CYS G 496 -14.00 12.82 -43.85
C CYS G 496 -12.53 12.50 -44.12
N LYS G 497 -11.82 13.37 -44.84
CA LYS G 497 -10.39 13.13 -45.18
C LYS G 497 -9.57 14.36 -44.78
N ARG G 498 -8.26 14.21 -44.56
CA ARG G 498 -7.43 15.32 -44.05
C ARG G 498 -6.75 16.03 -45.23
N ARG G 499 -7.01 17.33 -45.40
CA ARG G 499 -6.42 18.12 -46.50
C ARG G 499 -4.90 18.17 -46.35
N VAL G 500 -4.16 18.02 -47.46
CA VAL G 500 -2.68 18.00 -47.40
C VAL G 500 -2.14 19.35 -47.89
N SER H 1 -27.30 18.12 -21.20
CA SER H 1 -26.75 18.01 -19.85
C SER H 1 -27.01 16.58 -19.30
N LEU H 2 -26.45 15.56 -19.99
CA LEU H 2 -26.58 14.14 -19.63
C LEU H 2 -25.63 13.71 -18.52
N GLY H 3 -24.50 14.39 -18.37
CA GLY H 3 -23.54 14.02 -17.35
C GLY H 3 -22.49 13.07 -17.88
N PHE H 4 -21.55 12.70 -17.02
CA PHE H 4 -20.46 11.86 -17.44
C PHE H 4 -20.97 10.49 -17.81
N LEU H 5 -20.69 10.08 -19.04
CA LEU H 5 -21.13 8.83 -19.64
C LEU H 5 -22.61 8.74 -19.79
N GLY H 6 -23.32 9.83 -19.70
CA GLY H 6 -24.76 9.78 -19.82
C GLY H 6 -25.20 9.42 -21.22
N ALA H 7 -24.30 9.58 -22.18
CA ALA H 7 -24.59 9.27 -23.56
C ALA H 7 -24.31 7.81 -23.86
N ALA H 8 -23.76 7.08 -22.92
CA ALA H 8 -23.46 5.69 -23.23
C ALA H 8 -24.76 5.03 -23.52
N GLY H 9 -24.78 4.19 -24.53
CA GLY H 9 -26.01 3.49 -24.87
C GLY H 9 -26.76 4.23 -25.97
N SER H 10 -26.35 5.46 -26.23
CA SER H 10 -26.95 6.27 -27.26
C SER H 10 -26.27 6.03 -28.58
N THR H 11 -27.00 6.30 -29.62
CA THR H 11 -26.54 6.16 -30.98
C THR H 11 -25.17 6.82 -31.16
N MET H 12 -24.24 6.15 -31.85
CA MET H 12 -22.90 6.73 -32.01
C MET H 12 -22.91 8.14 -32.54
N GLY H 13 -23.77 8.45 -33.50
CA GLY H 13 -23.81 9.78 -34.06
C GLY H 13 -24.36 10.82 -33.11
N ALA H 14 -25.01 10.40 -32.04
CA ALA H 14 -25.55 11.31 -31.07
C ALA H 14 -24.59 11.49 -29.92
N ALA H 15 -23.97 10.39 -29.53
CA ALA H 15 -23.03 10.36 -28.43
C ALA H 15 -21.79 11.15 -28.76
N SER H 16 -21.46 11.22 -30.04
CA SER H 16 -20.29 11.95 -30.50
C SER H 16 -20.43 13.44 -30.28
N MET H 17 -21.62 13.93 -29.94
CA MET H 17 -21.76 15.35 -29.70
C MET H 17 -21.46 15.77 -28.27
N THR H 18 -21.14 14.83 -27.37
CA THR H 18 -20.87 15.16 -25.97
C THR H 18 -19.46 14.80 -25.56
N LEU H 19 -18.54 14.70 -26.51
CA LEU H 19 -17.20 14.21 -26.21
C LEU H 19 -16.49 15.02 -25.14
N THR H 20 -16.76 16.32 -25.10
CA THR H 20 -16.15 17.20 -24.13
C THR H 20 -16.46 16.76 -22.72
N VAL H 21 -17.66 16.27 -22.48
CA VAL H 21 -18.08 15.90 -21.15
C VAL H 21 -17.24 14.77 -20.60
N GLN H 22 -16.90 13.80 -21.41
CA GLN H 22 -16.06 12.77 -20.88
C GLN H 22 -14.62 13.22 -20.85
N ALA H 23 -14.18 13.95 -21.86
CA ALA H 23 -12.78 14.32 -21.93
C ALA H 23 -12.34 15.16 -20.74
N ARG H 24 -13.19 16.06 -20.27
CA ARG H 24 -12.80 16.96 -19.20
C ARG H 24 -12.81 16.29 -17.84
N ASN H 25 -13.27 15.06 -17.76
CA ASN H 25 -13.29 14.34 -16.50
C ASN H 25 -12.21 13.28 -16.40
N LEU H 26 -11.27 13.25 -17.34
CA LEU H 26 -10.23 12.23 -17.28
C LEU H 26 -9.13 12.56 -16.28
N LEU H 27 -8.91 13.83 -16.01
CA LEU H 27 -7.93 14.24 -14.99
C LEU H 27 -8.53 14.58 -13.60
N SER H 28 -9.89 14.56 -13.46
CA SER H 28 -10.71 14.92 -12.30
C SER H 28 -9.98 14.94 -10.94
N HIS H 52 1.15 3.96 4.80
CA HIS H 52 0.84 3.33 3.51
C HIS H 52 -0.48 3.82 2.87
N TRP H 53 -1.37 4.40 3.69
CA TRP H 53 -2.75 4.76 3.26
C TRP H 53 -2.75 5.96 2.30
N GLY H 54 -1.74 6.83 2.41
CA GLY H 54 -1.55 7.94 1.50
C GLY H 54 -0.79 7.51 0.26
N ILE H 55 -0.23 6.31 0.27
CA ILE H 55 0.51 5.84 -0.86
C ILE H 55 -0.54 5.36 -1.79
N LYS H 56 -1.54 4.67 -1.29
CA LYS H 56 -2.56 4.27 -2.24
C LYS H 56 -3.11 5.48 -2.98
N GLN H 57 -3.33 6.61 -2.29
CA GLN H 57 -3.79 7.75 -3.05
C GLN H 57 -2.75 8.27 -4.01
N LEU H 58 -1.49 8.29 -3.60
CA LEU H 58 -0.46 8.84 -4.45
C LEU H 58 -0.31 7.99 -5.70
N GLN H 59 -0.40 6.67 -5.57
CA GLN H 59 -0.29 5.79 -6.71
C GLN H 59 -1.42 6.01 -7.66
N ALA H 60 -2.63 6.20 -7.13
CA ALA H 60 -3.78 6.42 -7.97
C ALA H 60 -3.66 7.70 -8.76
N ARG H 61 -3.11 8.74 -8.15
CA ARG H 61 -2.94 10.01 -8.82
C ARG H 61 -1.94 9.87 -9.95
N VAL H 62 -0.88 9.10 -9.70
CA VAL H 62 0.10 8.87 -10.72
C VAL H 62 -0.51 8.12 -11.89
N LEU H 63 -1.31 7.09 -11.62
CA LEU H 63 -1.91 6.36 -12.72
C LEU H 63 -2.81 7.21 -13.54
N ALA H 64 -3.58 8.10 -12.92
CA ALA H 64 -4.46 8.92 -13.71
C ALA H 64 -3.65 9.73 -14.70
N VAL H 65 -2.51 10.23 -14.26
CA VAL H 65 -1.66 10.98 -15.15
C VAL H 65 -1.07 10.12 -16.22
N GLU H 66 -0.58 8.94 -15.88
CA GLU H 66 0.03 8.11 -16.88
C GLU H 66 -0.94 7.70 -17.95
N HIS H 67 -2.16 7.38 -17.60
CA HIS H 67 -3.06 6.94 -18.62
C HIS H 67 -3.42 8.09 -19.53
N TYR H 68 -3.61 9.26 -18.94
CA TYR H 68 -3.93 10.42 -19.73
C TYR H 68 -2.85 10.68 -20.73
N LEU H 69 -1.61 10.67 -20.29
CA LEU H 69 -0.54 10.99 -21.18
C LEU H 69 -0.37 9.96 -22.26
N ARG H 70 -0.63 8.70 -22.01
CA ARG H 70 -0.46 7.72 -23.08
C ARG H 70 -1.43 7.98 -24.20
N ASP H 71 -2.66 8.37 -23.88
CA ASP H 71 -3.60 8.65 -24.94
C ASP H 71 -3.20 9.93 -25.65
N GLN H 72 -2.67 10.89 -24.93
CA GLN H 72 -2.28 12.12 -25.58
C GLN H 72 -1.11 11.87 -26.49
N GLN H 73 -0.19 10.97 -26.11
CA GLN H 73 0.93 10.73 -26.97
C GLN H 73 0.45 10.11 -28.26
N LEU H 74 -0.53 9.21 -28.22
CA LEU H 74 -0.99 8.64 -29.47
C LEU H 74 -1.59 9.70 -30.35
N LEU H 75 -2.33 10.63 -29.78
CA LEU H 75 -2.89 11.65 -30.62
C LEU H 75 -1.77 12.48 -31.20
N GLY H 76 -0.72 12.68 -30.45
CA GLY H 76 0.41 13.43 -30.92
C GLY H 76 1.05 12.78 -32.14
N ILE H 77 1.41 11.51 -32.04
CA ILE H 77 2.07 10.83 -33.15
C ILE H 77 1.18 10.63 -34.35
N TRP H 78 -0.14 10.63 -34.16
CA TRP H 78 -1.07 10.52 -35.27
C TRP H 78 -1.39 11.87 -35.90
N GLY H 79 -0.86 12.96 -35.34
CA GLY H 79 -1.17 14.31 -35.84
C GLY H 79 -2.54 14.89 -35.44
N CYS H 80 -3.14 14.39 -34.33
CA CYS H 80 -4.46 14.73 -33.81
C CYS H 80 -4.36 15.47 -32.49
N SER H 81 -3.21 16.00 -32.20
CA SER H 81 -3.04 16.70 -30.95
C SER H 81 -3.94 17.90 -30.88
N GLY H 82 -4.60 18.07 -29.76
CA GLY H 82 -5.43 19.24 -29.55
C GLY H 82 -6.82 19.15 -30.14
N LYS H 83 -7.21 18.00 -30.68
CA LYS H 83 -8.53 17.90 -31.28
C LYS H 83 -9.34 16.76 -30.69
N LEU H 84 -10.66 16.93 -30.57
CA LEU H 84 -11.47 15.83 -30.09
C LEU H 84 -11.90 14.96 -31.25
N ILE H 85 -12.02 15.57 -32.42
CA ILE H 85 -12.38 14.85 -33.63
C ILE H 85 -11.26 15.10 -34.61
N CYS H 86 -10.63 14.04 -35.16
CA CYS H 86 -9.51 14.14 -36.08
C CYS H 86 -9.66 13.23 -37.28
N CYS H 87 -9.60 13.82 -38.44
CA CYS H 87 -9.74 13.06 -39.65
C CYS H 87 -8.34 12.71 -40.12
N THR H 88 -8.15 11.51 -40.62
CA THR H 88 -6.85 11.15 -41.16
C THR H 88 -6.96 10.63 -42.56
N ASN H 89 -5.82 10.25 -43.15
CA ASN H 89 -5.78 9.77 -44.51
C ASN H 89 -5.60 8.28 -44.67
N VAL H 90 -5.88 7.55 -43.63
CA VAL H 90 -5.87 6.11 -43.70
C VAL H 90 -7.26 5.74 -44.17
N PRO H 91 -7.43 5.02 -45.28
CA PRO H 91 -8.68 4.61 -45.84
C PRO H 91 -9.25 3.55 -44.96
N TRP H 92 -10.55 3.41 -44.95
CA TRP H 92 -11.15 2.35 -44.20
C TRP H 92 -11.16 1.07 -45.05
N ASN H 93 -10.73 -0.05 -44.45
CA ASN H 93 -10.70 -1.39 -45.04
C ASN H 93 -11.97 -2.16 -44.66
N SER H 94 -12.70 -2.68 -45.68
CA SER H 94 -13.96 -3.43 -45.53
C SER H 94 -13.75 -4.72 -44.77
N SER H 95 -12.50 -5.15 -44.68
CA SER H 95 -12.10 -6.31 -43.93
C SER H 95 -12.36 -6.10 -42.45
N TRP H 96 -12.09 -4.88 -41.96
CA TRP H 96 -12.26 -4.58 -40.56
C TRP H 96 -13.75 -4.53 -40.27
N SER H 97 -14.45 -3.91 -41.19
CA SER H 97 -15.90 -3.79 -41.13
C SER H 97 -16.48 -3.43 -42.47
N ASN H 98 -17.53 -4.12 -42.86
CA ASN H 98 -18.23 -3.86 -44.10
C ASN H 98 -19.63 -3.35 -43.86
N ARG H 99 -19.84 -2.74 -42.70
CA ARG H 99 -21.14 -2.20 -42.32
C ARG H 99 -21.37 -0.86 -43.01
N ASN H 100 -22.64 -0.50 -43.18
CA ASN H 100 -22.99 0.78 -43.80
C ASN H 100 -22.94 1.92 -42.83
N LEU H 101 -22.76 3.14 -43.32
CA LEU H 101 -22.71 4.24 -42.36
C LEU H 101 -24.03 4.38 -41.61
N SER H 102 -25.13 4.03 -42.23
CA SER H 102 -26.45 4.09 -41.62
C SER H 102 -26.67 2.99 -40.58
N GLU H 103 -25.75 2.05 -40.52
CA GLU H 103 -25.76 0.92 -39.60
C GLU H 103 -24.76 1.14 -38.48
N ILE H 104 -23.74 1.97 -38.74
CA ILE H 104 -22.70 2.25 -37.75
C ILE H 104 -22.99 3.52 -36.98
N TRP H 105 -23.30 4.60 -37.68
CA TRP H 105 -23.51 5.87 -37.01
C TRP H 105 -24.91 6.03 -36.53
N ASP H 106 -25.72 5.10 -36.92
CA ASP H 106 -27.09 5.04 -36.53
C ASP H 106 -27.36 3.59 -36.33
N ASN H 107 -28.36 3.28 -35.54
CA ASN H 107 -28.71 1.92 -35.20
C ASN H 107 -27.54 1.14 -34.56
N MET H 108 -26.72 1.81 -33.74
CA MET H 108 -25.59 1.21 -33.04
C MET H 108 -25.04 2.16 -31.98
N THR H 109 -24.48 1.65 -30.87
CA THR H 109 -23.80 2.52 -29.89
C THR H 109 -22.29 2.25 -29.86
N TRP H 110 -21.55 3.07 -29.12
CA TRP H 110 -20.09 2.96 -29.09
C TRP H 110 -19.58 1.73 -28.38
N LEU H 111 -20.31 1.22 -27.41
CA LEU H 111 -19.85 0.02 -26.72
C LEU H 111 -19.89 -1.15 -27.68
N GLN H 112 -20.90 -1.17 -28.53
CA GLN H 112 -21.07 -2.25 -29.48
C GLN H 112 -20.03 -2.16 -30.56
N TRP H 113 -19.77 -0.94 -31.01
CA TRP H 113 -18.79 -0.74 -32.04
C TRP H 113 -17.43 -1.17 -31.56
N ASP H 114 -17.09 -0.80 -30.34
CA ASP H 114 -15.80 -1.17 -29.82
C ASP H 114 -15.64 -2.67 -29.81
N LYS H 115 -16.68 -3.40 -29.45
CA LYS H 115 -16.52 -4.83 -29.49
C LYS H 115 -16.35 -5.35 -30.91
N GLU H 116 -17.12 -4.83 -31.87
CA GLU H 116 -17.05 -5.36 -33.23
C GLU H 116 -15.70 -5.22 -33.89
N ILE H 117 -15.00 -4.13 -33.63
CA ILE H 117 -13.71 -3.98 -34.26
C ILE H 117 -12.57 -4.08 -33.29
N SER H 118 -12.77 -4.71 -32.15
CA SER H 118 -11.69 -4.82 -31.18
C SER H 118 -10.42 -5.45 -31.78
N ASN H 119 -10.58 -6.51 -32.56
CA ASN H 119 -9.43 -7.20 -33.21
C ASN H 119 -8.52 -6.18 -33.90
N TYR H 120 -9.10 -5.31 -34.72
CA TYR H 120 -8.37 -4.52 -35.70
C TYR H 120 -7.81 -3.25 -35.10
N THR H 121 -7.95 -3.06 -33.80
CA THR H 121 -7.48 -1.82 -33.22
C THR H 121 -6.01 -1.62 -33.39
N GLN H 122 -5.24 -2.67 -33.16
CA GLN H 122 -3.81 -2.52 -33.25
C GLN H 122 -3.37 -2.23 -34.66
N ILE H 123 -4.06 -2.79 -35.63
CA ILE H 123 -3.72 -2.60 -37.02
C ILE H 123 -3.95 -1.18 -37.43
N ILE H 124 -5.10 -0.66 -37.04
CA ILE H 124 -5.45 0.67 -37.41
C ILE H 124 -4.48 1.62 -36.77
N TYR H 125 -4.14 1.42 -35.50
CA TYR H 125 -3.23 2.34 -34.87
C TYR H 125 -1.89 2.34 -35.58
N GLY H 126 -1.41 1.18 -36.00
CA GLY H 126 -0.14 1.15 -36.70
C GLY H 126 -0.20 1.97 -37.99
N LEU H 127 -1.31 1.86 -38.71
CA LEU H 127 -1.45 2.62 -39.94
C LEU H 127 -1.54 4.11 -39.70
N LEU H 128 -2.18 4.52 -38.61
CA LEU H 128 -2.29 5.94 -38.35
C LEU H 128 -0.93 6.54 -38.12
N GLU H 129 -0.08 5.82 -37.41
CA GLU H 129 1.27 6.29 -37.17
C GLU H 129 2.09 6.35 -38.44
N GLU H 130 1.99 5.33 -39.28
CA GLU H 130 2.76 5.32 -40.50
C GLU H 130 2.39 6.49 -41.38
N SER H 131 1.10 6.78 -41.47
CA SER H 131 0.64 7.87 -42.27
C SER H 131 1.17 9.19 -41.78
N GLN H 132 1.13 9.43 -40.48
CA GLN H 132 1.61 10.70 -40.03
C GLN H 132 3.09 10.85 -40.26
N ASN H 133 3.86 9.79 -40.10
CA ASN H 133 5.27 9.97 -40.28
C ASN H 133 5.57 10.32 -41.74
N GLN H 134 4.82 9.73 -42.68
CA GLN H 134 5.06 10.07 -44.08
C GLN H 134 4.72 11.53 -44.32
N GLN H 135 3.67 12.03 -43.67
CA GLN H 135 3.27 13.43 -43.93
C GLN H 135 4.17 14.41 -43.19
N GLU H 136 4.91 13.99 -42.15
CA GLU H 136 5.87 14.92 -41.58
C GLU H 136 6.97 15.13 -42.60
N LYS H 137 7.37 14.06 -43.27
CA LYS H 137 8.41 14.21 -44.27
C LYS H 137 7.93 15.00 -45.48
N ASN H 138 6.71 14.76 -45.94
CA ASN H 138 6.28 15.45 -47.14
C ASN H 138 6.20 16.93 -46.91
N GLU H 139 5.75 17.34 -45.72
CA GLU H 139 5.65 18.74 -45.43
C GLU H 139 7.02 19.40 -45.43
N GLN H 140 8.00 18.74 -44.82
CA GLN H 140 9.32 19.32 -44.78
C GLN H 140 9.89 19.50 -46.17
N ASP H 141 9.65 18.54 -47.06
CA ASP H 141 10.18 18.69 -48.40
C ASP H 141 9.52 19.84 -49.13
N LEU H 142 8.22 20.05 -48.95
CA LEU H 142 7.60 21.17 -49.64
C LEU H 142 8.14 22.49 -49.16
N LEU H 143 8.38 22.60 -47.87
CA LEU H 143 8.90 23.86 -47.35
C LEU H 143 10.29 24.10 -47.88
N ALA H 144 11.07 23.04 -48.00
CA ALA H 144 12.41 23.20 -48.53
C ALA H 144 12.38 23.70 -49.97
N LEU H 145 11.40 23.23 -50.75
CA LEU H 145 11.27 23.67 -52.14
C LEU H 145 10.85 25.13 -52.29
N ASP H 146 9.94 25.66 -51.40
CA ASP H 146 9.45 27.05 -51.38
C ASP H 146 10.62 28.04 -51.51
C1 NAG I . 29.18 9.65 45.46
C2 NAG I . 30.52 10.36 45.58
C3 NAG I . 31.64 9.37 45.23
C4 NAG I . 31.53 8.14 46.12
C5 NAG I . 30.15 7.52 45.97
C6 NAG I . 29.93 6.35 46.90
C7 NAG I . 30.46 12.77 45.23
C8 NAG I . 30.96 13.88 44.37
N2 NAG I . 30.60 11.54 44.75
O3 NAG I . 32.89 10.01 45.39
O4 NAG I . 32.51 7.20 45.69
O5 NAG I . 29.14 8.49 46.29
O6 NAG I . 28.54 6.05 47.03
O7 NAG I . 29.94 12.98 46.33
C1 NAG I . 33.15 6.65 46.85
C2 NAG I . 33.68 5.24 46.54
C3 NAG I . 34.30 4.66 47.80
C4 NAG I . 35.38 5.60 48.33
C5 NAG I . 34.78 6.98 48.57
C6 NAG I . 35.81 8.00 49.00
C7 NAG I . 32.66 3.85 44.82
C8 NAG I . 33.79 4.28 43.94
N2 NAG I . 32.64 4.38 46.04
O3 NAG I . 34.85 3.38 47.51
O4 NAG I . 35.87 5.09 49.57
O5 NAG I . 34.18 7.48 47.36
O6 NAG I . 35.23 8.96 49.89
O7 NAG I . 31.81 3.05 44.44
C1 NAG J . 3.80 11.79 38.48
C2 NAG J . 2.34 12.42 38.61
C3 NAG J . 2.52 13.96 38.83
C4 NAG J . 3.38 14.23 40.11
C5 NAG J . 4.77 13.53 39.93
C6 NAG J . 5.72 13.66 41.13
C7 NAG J . 0.82 11.10 37.14
C8 NAG J . 0.14 10.88 35.82
N2 NAG J . 1.62 12.16 37.33
O3 NAG J . 1.21 14.54 38.98
O4 NAG J . 3.60 15.66 40.18
O5 NAG J . 4.58 12.08 39.68
O6 NAG J . 5.19 13.08 42.32
O7 NAG J . 0.61 10.27 38.04
C1 NAG J . 3.24 16.35 41.47
C2 NAG J . 3.88 17.79 41.45
C3 NAG J . 3.51 18.51 42.78
C4 NAG J . 1.94 18.54 42.96
C5 NAG J . 1.40 17.07 42.95
C6 NAG J . -0.12 16.98 43.05
C7 NAG J . 6.09 17.78 40.25
C8 NAG J . 7.59 17.62 40.29
N2 NAG J . 5.37 17.65 41.38
O3 NAG J . 4.01 19.86 42.74
O4 NAG J . 1.62 19.18 44.20
O5 NAG J . 1.80 16.41 41.68
O6 NAG J . -0.55 15.66 43.35
O7 NAG J . 5.55 18.03 39.16
C1 NAG K . 0.19 47.08 12.53
C2 NAG K . -0.61 47.66 13.77
C3 NAG K . -2.13 47.56 13.40
C4 NAG K . -2.45 48.35 12.08
C5 NAG K . -1.54 47.79 10.92
C6 NAG K . -1.64 48.58 9.62
C7 NAG K . 0.73 47.07 15.81
C8 NAG K . 0.97 46.22 17.04
N2 NAG K . -0.32 46.85 14.99
O3 NAG K . -2.89 48.11 14.49
O4 NAG K . -3.81 47.96 11.73
O5 NAG K . -0.12 47.86 11.31
O6 NAG K . -1.21 49.94 9.74
O7 NAG K . 1.53 48.00 15.59
C1 NAG K . -4.68 49.09 11.64
C2 NAG K . -5.90 48.62 10.84
C3 NAG K . -6.94 49.72 10.81
C4 NAG K . -7.28 50.18 12.23
C5 NAG K . -6.01 50.59 12.96
C6 NAG K . -6.24 50.95 14.40
C7 NAG K . -5.22 47.02 9.11
C8 NAG K . -5.93 46.52 7.89
N2 NAG K . -5.53 48.26 9.49
O3 NAG K . -8.11 49.24 10.14
O4 NAG K . -8.17 51.29 12.16
O5 NAG K . -5.05 49.53 12.93
O6 NAG K . -5.45 52.06 14.80
O7 NAG K . -4.39 46.34 9.70
C1 NAG L . 24.09 31.30 18.80
C2 NAG L . 23.84 29.91 19.53
C3 NAG L . 25.16 29.50 20.27
C4 NAG L . 26.33 29.37 19.24
C5 NAG L . 26.50 30.76 18.51
C6 NAG L . 27.49 30.73 17.35
C7 NAG L . 21.79 29.11 20.68
C8 NAG L . 20.68 29.36 21.64
N2 NAG L . 22.70 30.07 20.46
O3 NAG L . 24.98 28.25 20.94
O4 NAG L . 27.56 29.07 19.98
O5 NAG L . 25.21 31.16 17.88
O6 NAG L . 27.87 32.04 16.95
O7 NAG L . 21.86 28.01 20.12
C1 NAG L . 28.35 27.88 19.49
C2 NAG L . 29.88 28.11 19.76
C3 NAG L . 30.65 26.89 19.13
C4 NAG L . 30.16 25.56 19.78
C5 NAG L . 28.61 25.43 19.56
C6 NAG L . 28.02 24.20 20.26
C7 NAG L . 30.64 30.48 19.84
C8 NAG L . 31.06 31.74 19.13
N2 NAG L . 30.33 29.38 19.13
O3 NAG L . 32.07 27.08 19.36
O4 NAG L . 30.76 24.43 19.08
O5 NAG L . 27.91 26.62 20.10
O6 NAG L . 26.61 24.07 20.08
O7 NAG L . 30.59 30.48 21.08
C1 BMA L . 31.82 23.66 19.81
C2 BMA L . 32.08 22.32 19.05
C3 BMA L . 33.14 21.50 19.84
C4 BMA L . 34.44 22.36 19.95
C5 BMA L . 34.10 23.70 20.66
C6 BMA L . 35.32 24.63 20.69
O2 BMA L . 32.50 22.57 17.71
O3 BMA L . 33.42 20.27 19.13
O4 BMA L . 35.39 21.63 20.73
O5 BMA L . 33.05 24.41 19.93
O6 BMA L . 35.68 25.03 19.37
C1 MAN L . 33.17 18.99 19.92
C2 MAN L . 33.65 17.73 19.11
C3 MAN L . 32.67 17.51 17.91
C4 MAN L . 31.20 17.34 18.43
C5 MAN L . 30.81 18.64 19.23
C6 MAN L . 29.43 18.59 19.88
O2 MAN L . 33.71 16.58 19.97
O3 MAN L . 33.07 16.34 17.16
O4 MAN L . 30.31 17.14 17.33
O5 MAN L . 31.78 18.85 20.34
O6 MAN L . 28.36 18.66 18.94
C1 MAN L . 37.03 25.64 19.25
C2 MAN L . 36.95 26.89 18.31
C3 MAN L . 36.61 26.38 16.86
C4 MAN L . 37.70 25.36 16.38
C5 MAN L . 37.75 24.16 17.39
C6 MAN L . 38.84 23.14 17.07
O2 MAN L . 38.17 27.63 18.35
O3 MAN L . 36.53 27.50 15.96
O4 MAN L . 37.37 24.89 15.07
O5 MAN L . 38.02 24.68 18.76
O6 MAN L . 38.71 21.96 17.86
C1 NAG M . -9.02 43.14 20.12
C2 NAG M . -10.20 43.17 19.06
C3 NAG M . -11.36 44.04 19.67
C4 NAG M . -11.85 43.41 21.03
C5 NAG M . -10.62 43.33 22.00
C6 NAG M . -10.88 42.58 23.31
C7 NAG M . -9.30 43.03 16.75
C8 NAG M . -8.76 43.70 15.52
N2 NAG M . -9.69 43.78 17.80
O3 NAG M . -12.46 44.07 18.74
O4 NAG M . -12.83 44.32 21.60
O5 NAG M . -9.52 42.56 21.37
O6 NAG M . -11.48 41.30 23.12
O7 NAG M . -9.36 41.79 16.77
C1 NAG M . -14.06 43.69 22.21
C2 NAG M . -14.61 44.65 23.35
C3 NAG M . -15.88 43.95 23.97
C4 NAG M . -16.95 43.68 22.86
C5 NAG M . -16.31 42.77 21.75
C6 NAG M . -17.24 42.52 20.57
C7 NAG M . -12.73 45.89 24.44
C8 NAG M . -11.70 46.00 25.53
N2 NAG M . -13.57 44.84 24.40
O3 NAG M . -16.44 44.82 24.98
O4 NAG M . -18.08 43.03 23.44
O5 NAG M . -15.10 43.43 21.21
O6 NAG M . -16.72 41.52 19.69
O7 NAG M . -12.80 46.80 23.59
C1 NAG N . 31.00 38.13 27.02
C2 NAG N . 31.19 39.49 27.72
C3 NAG N . 31.97 40.42 26.79
C4 NAG N . 33.28 39.77 26.37
C5 NAG N . 33.01 38.42 25.73
C6 NAG N . 34.27 37.65 25.40
C7 NAG N . 29.30 39.85 29.23
C8 NAG N . 28.30 40.89 29.65
N2 NAG N . 29.92 40.08 28.07
O3 NAG N . 32.20 41.65 27.45
O4 NAG N . 33.96 40.61 25.45
O5 NAG N . 32.25 37.58 26.63
O6 NAG N . 33.96 36.36 24.89
O7 NAG N . 29.51 38.85 29.89
C1 NAG N . 35.17 41.04 26.09
C2 NAG N . 36.31 41.18 25.09
C3 NAG N . 37.58 41.54 25.83
C4 NAG N . 37.37 42.80 26.66
C5 NAG N . 36.19 42.60 27.60
C6 NAG N . 35.82 43.84 28.38
C7 NAG N . 36.24 39.92 23.00
C8 NAG N . 35.98 38.55 22.44
N2 NAG N . 36.50 39.97 24.30
O3 NAG N . 38.65 41.72 24.90
O4 NAG N . 38.53 43.06 27.44
O5 NAG N . 35.01 42.22 26.85
O6 NAG N . 36.98 44.43 28.98
O7 NAG N . 36.20 40.92 22.30
C1 NAG O . 38.79 18.84 33.72
C2 NAG O . 40.14 19.65 33.93
C3 NAG O . 41.22 19.07 32.95
C4 NAG O . 41.41 17.53 33.20
C5 NAG O . 40.02 16.82 33.00
C6 NAG O . 40.05 15.31 33.27
C7 NAG O . 39.55 21.99 34.55
C8 NAG O . 39.28 23.41 34.14
N2 NAG O . 39.87 21.08 33.62
O3 NAG O . 42.47 19.74 33.16
O4 NAG O . 42.32 16.98 32.22
O5 NAG O . 39.02 17.41 33.93
O6 NAG O . 38.92 14.65 32.71
O7 NAG O . 39.45 21.69 35.75
C1 NAG O . 43.49 16.45 32.86
C2 NAG O . 44.19 15.54 31.84
C3 NAG O . 45.48 15.00 32.44
C4 NAG O . 46.37 16.14 32.90
C5 NAG O . 45.60 17.02 33.88
C6 NAG O . 46.37 18.24 34.30
C7 NAG O . 42.55 14.57 30.31
C8 NAG O . 41.76 13.35 29.96
N2 NAG O . 43.33 14.47 31.40
O3 NAG O . 46.14 14.18 31.48
O4 NAG O . 47.52 15.62 33.55
O5 NAG O . 44.38 17.49 33.27
O6 NAG O . 45.94 18.71 35.58
O7 NAG O . 42.50 15.60 29.65
C1 NAG P . 29.90 37.22 35.20
C2 NAG P . 31.07 36.25 34.74
C3 NAG P . 31.84 35.77 36.00
C4 NAG P . 32.39 37.00 36.81
C5 NAG P . 31.17 37.92 37.20
C6 NAG P . 31.58 39.20 37.93
C7 NAG P . 30.41 34.98 32.69
C8 NAG P . 29.73 33.82 32.04
N2 NAG P . 30.43 35.11 34.03
O3 NAG P . 32.94 34.94 35.57
O4 NAG P . 32.98 36.54 38.06
O5 NAG P . 30.46 38.34 35.98
O6 NAG P . 30.47 39.82 38.58
O7 NAG P . 30.97 35.83 31.97
C1 NAG P . 34.49 36.64 38.16
C2 NAG P . 34.88 36.53 39.69
C3 NAG P . 36.44 36.63 39.80
C4 NAG P . 37.11 35.49 38.96
C5 NAG P . 36.64 35.64 37.46
C6 NAG P . 37.16 34.51 36.56
C7 NAG P . 33.34 37.49 41.40
C8 NAG P . 32.75 38.70 42.09
N2 NAG P . 34.25 37.66 40.43
O3 NAG P . 36.82 36.49 41.19
O4 NAG P . 38.53 35.58 39.05
O5 NAG P . 35.16 35.60 37.40
O6 NAG P . 36.88 34.75 35.19
O7 NAG P . 32.98 36.36 41.76
C1 NAG Q . 13.81 34.57 40.37
C2 NAG Q . 12.75 33.56 41.00
C3 NAG Q . 11.69 34.42 41.77
C4 NAG Q . 12.37 35.29 42.89
C5 NAG Q . 13.46 36.19 42.21
C6 NAG Q . 14.27 37.05 43.18
C7 NAG Q . 12.37 31.63 39.48
C8 NAG Q . 11.61 31.03 38.33
N2 NAG Q . 12.05 32.86 39.89
O3 NAG Q . 10.73 33.54 42.38
O4 NAG Q . 11.36 36.22 43.39
O5 NAG Q . 14.43 35.36 41.46
O6 NAG Q . 14.90 36.29 44.20
O7 NAG Q . 13.27 30.98 40.01
C1 NAG Q . 10.64 35.91 44.68
C2 NAG Q . 10.41 37.27 45.44
C3 NAG Q . 9.61 36.97 46.75
C4 NAG Q . 8.25 36.27 46.39
C5 NAG Q . 8.55 34.94 45.61
C6 NAG Q . 7.30 34.24 45.09
C7 NAG Q . 12.02 39.17 45.62
C8 NAG Q . 13.38 39.71 45.94
N2 NAG Q . 11.74 37.86 45.76
O3 NAG Q . 9.34 38.21 47.44
O4 NAG Q . 7.53 36.00 47.60
O5 NAG Q . 9.36 35.25 44.41
O6 NAG Q . 6.49 33.69 46.13
O7 NAG Q . 11.17 39.97 45.21
C1 NAG R . 14.10 45.23 41.79
C2 NAG R . 14.17 44.06 42.88
C3 NAG R . 14.01 44.73 44.29
C4 NAG R . 15.16 45.77 44.54
C5 NAG R . 15.10 46.85 43.38
C6 NAG R . 16.26 47.85 43.45
C7 NAG R . 13.37 41.74 42.47
C8 NAG R . 12.25 40.77 42.18
N2 NAG R . 13.11 43.06 42.61
O3 NAG R . 14.05 43.69 45.28
O4 NAG R . 14.99 46.50 45.79
O5 NAG R . 15.18 46.19 42.06
O6 NAG R . 16.09 48.92 42.52
O7 NAG R . 14.52 41.30 42.56
C1 NAG R . 15.50 45.89 47.09
C2 NAG R . 16.97 46.40 47.42
C3 NAG R . 17.41 45.73 48.78
C4 NAG R . 16.37 46.09 49.91
C5 NAG R . 14.95 45.59 49.48
C6 NAG R . 13.85 45.98 50.47
C7 NAG R . 18.89 46.74 45.85
C8 NAG R . 19.78 46.23 44.77
N2 NAG R . 17.90 45.97 46.34
O3 NAG R . 18.71 46.20 49.16
O4 NAG R . 16.76 45.46 51.13
O5 NAG R . 14.58 46.20 48.18
O6 NAG R . 12.57 45.53 50.05
O7 NAG R . 19.07 47.89 46.29
C1 NAG S . 25.28 -33.03 26.63
C2 NAG S . 25.43 -34.52 26.11
C3 NAG S . 24.19 -35.33 26.61
C4 NAG S . 24.13 -35.30 28.18
C5 NAG S . 24.04 -33.79 28.64
C6 NAG S . 24.12 -33.61 30.15
C7 NAG S . 26.59 -34.59 23.91
C8 NAG S . 26.55 -34.51 22.41
N2 NAG S . 25.46 -34.47 24.63
O3 NAG S . 24.39 -36.70 26.20
O4 NAG S . 22.91 -36.01 28.56
O5 NAG S . 25.20 -33.05 28.10
O6 NAG S . 24.26 -32.24 30.53
O7 NAG S . 27.69 -34.75 24.45
C1 NAG S . 22.97 -36.87 29.80
C2 NAG S . 21.51 -36.96 30.41
C3 NAG S . 21.59 -37.83 31.71
C4 NAG S . 22.18 -39.25 31.39
C5 NAG S . 23.60 -39.07 30.75
C6 NAG S . 24.25 -40.39 30.33
C7 NAG S . 20.23 -34.86 29.96
C8 NAG S . 19.85 -33.48 30.39
N2 NAG S . 21.04 -35.59 30.75
O3 NAG S . 20.27 -37.97 32.28
O4 NAG S . 22.27 -40.01 32.59
O5 NAG S . 23.50 -38.21 29.53
O6 NAG S . 23.47 -41.11 29.36
O7 NAG S . 19.81 -35.30 28.89
C1 NAG T . 33.71 -8.01 22.91
C2 NAG T . 34.76 -6.87 22.58
C3 NAG T . 35.89 -7.47 21.66
C4 NAG T . 36.57 -8.68 22.39
C5 NAG T . 35.49 -9.74 22.74
C6 NAG T . 36.01 -10.94 23.54
C7 NAG T . 33.63 -4.66 22.51
C8 NAG T . 32.97 -3.54 21.75
N2 NAG T . 34.09 -5.75 21.87
O3 NAG T . 36.85 -6.45 21.39
O4 NAG T . 37.53 -9.28 21.46
O5 NAG T . 34.42 -9.13 23.56
O6 NAG T . 36.83 -10.59 24.63
O7 NAG T . 33.74 -4.54 23.75
C1 NAG T . 38.94 -9.48 21.98
C2 NAG T . 39.61 -10.66 21.17
C3 NAG T . 41.08 -10.85 21.73
C4 NAG T . 41.88 -9.51 21.61
C5 NAG T . 41.12 -8.39 22.40
C6 NAG T . 41.78 -7.01 22.28
C7 NAG T . 38.19 -12.60 20.43
C8 NAG T . 37.42 -13.84 20.77
N2 NAG T . 38.84 -11.92 21.41
O3 NAG T . 41.74 -11.89 20.98
O4 NAG T . 43.19 -9.70 22.14
O5 NAG T . 39.73 -8.25 21.88
O6 NAG T . 41.83 -6.53 20.94
O7 NAG T . 38.20 -12.21 19.26
C1 NAG U . 41.75 -3.00 -20.31
C2 NAG U . 43.15 -2.70 -19.63
C3 NAG U . 43.46 -1.18 -19.89
C4 NAG U . 43.47 -0.89 -21.44
C5 NAG U . 42.09 -1.32 -22.06
C6 NAG U . 42.06 -1.22 -23.58
C7 NAG U . 43.36 -4.18 -17.64
C8 NAG U . 43.29 -4.40 -16.16
N2 NAG U . 43.09 -2.97 -18.17
O3 NAG U . 44.74 -0.84 -19.33
O4 NAG U . 43.56 0.55 -21.63
O5 NAG U . 41.82 -2.73 -21.74
O6 NAG U . 40.74 -1.49 -24.07
O7 NAG U . 43.68 -5.13 -18.37
C1 NAG U . 44.85 1.09 -22.20
C2 NAG U . 44.55 2.49 -22.87
C3 NAG U . 45.90 3.03 -23.46
C4 NAG U . 46.98 3.15 -22.32
C5 NAG U . 47.19 1.73 -21.68
C6 NAG U . 48.15 1.74 -20.49
C7 NAG U . 42.28 2.72 -23.89
C8 NAG U . 41.33 2.49 -25.03
N2 NAG U . 43.55 2.30 -23.96
O3 NAG U . 45.69 4.33 -24.04
O4 NAG U . 48.21 3.59 -22.88
O5 NAG U . 45.88 1.21 -21.17
O6 NAG U . 47.76 2.66 -19.47
O7 NAG U . 41.85 3.31 -22.89
C1 NAG V . 25.04 -23.13 -6.90
C2 NAG V . 24.68 -22.93 -5.36
C3 NAG V . 24.28 -24.33 -4.78
C4 NAG V . 23.04 -24.89 -5.56
C5 NAG V . 23.42 -25.01 -7.08
C6 NAG V . 22.25 -25.41 -7.97
C7 NAG V . 25.81 -21.50 -3.67
C8 NAG V . 27.05 -20.99 -3.03
N2 NAG V . 25.88 -22.39 -4.68
O3 NAG V . 23.95 -24.19 -3.39
O4 NAG V . 22.75 -26.22 -5.04
O5 NAG V . 23.87 -23.69 -7.58
O6 NAG V . 22.56 -25.37 -9.35
O7 NAG V . 24.72 -21.09 -3.26
C1 NAG V . 21.29 -26.51 -4.76
C2 NAG V . 21.03 -28.06 -4.85
C3 NAG V . 19.50 -28.29 -4.61
C4 NAG V . 19.10 -27.73 -3.21
C5 NAG V . 19.45 -26.19 -3.16
C6 NAG V . 19.18 -25.55 -1.80
C7 NAG V . 22.52 -29.37 -6.37
C8 NAG V . 22.90 -29.81 -7.75
N2 NAG V . 21.46 -28.55 -6.19
O3 NAG V . 19.21 -29.69 -4.70
O4 NAG V . 17.66 -27.90 -3.00
O5 NAG V . 20.89 -26.00 -3.45
O6 NAG V . 19.98 -26.11 -0.76
O7 NAG V . 23.19 -29.77 -5.42
C1 BMA V . 17.27 -28.74 -1.81
C2 BMA V . 15.84 -28.33 -1.32
C3 BMA V . 15.50 -29.17 -0.06
C4 BMA V . 15.56 -30.68 -0.43
C5 BMA V . 16.98 -31.01 -0.96
C6 BMA V . 17.14 -32.46 -1.40
O2 BMA V . 14.88 -28.54 -2.37
O3 BMA V . 14.16 -28.82 0.39
O4 BMA V . 15.28 -31.46 0.73
O5 BMA V . 17.31 -30.16 -2.11
O6 BMA V . 15.99 -32.96 -2.10
C1 MAN V . 13.97 -28.58 1.88
C2 MAN V . 12.60 -29.21 2.33
C3 MAN V . 11.44 -28.39 1.66
C4 MAN V . 11.56 -26.88 2.06
C5 MAN V . 12.97 -26.33 1.60
C6 MAN V . 13.22 -24.89 2.04
O2 MAN V . 12.49 -29.23 3.76
O3 MAN V . 10.17 -28.93 2.07
O4 MAN V . 10.50 -26.15 1.42
O5 MAN V . 14.03 -27.16 2.23
O6 MAN V . 12.41 -23.95 1.34
C1 MAN V . 16.28 -33.72 -3.38
C2 MAN V . 16.32 -32.70 -4.59
C3 MAN V . 14.86 -32.15 -4.80
C4 MAN V . 13.87 -33.33 -5.06
C5 MAN V . 13.92 -34.31 -3.83
C6 MAN V . 13.05 -35.55 -4.03
O2 MAN V . 16.83 -33.34 -5.76
O3 MAN V . 14.84 -31.23 -5.91
O4 MAN V . 12.54 -32.81 -5.23
O5 MAN V . 15.31 -34.78 -3.62
O6 MAN V . 12.94 -36.33 -2.84
C1 NAG W . 47.99 3.28 -11.24
C2 NAG W . 47.94 4.82 -10.84
C3 NAG W . 49.38 5.42 -11.03
C4 NAG W . 50.40 4.64 -10.13
C5 NAG W . 50.37 3.12 -10.52
C6 NAG W . 51.24 2.23 -9.63
C7 NAG W . 45.99 6.30 -11.28
C8 NAG W . 45.04 6.93 -12.25
N2 NAG W . 46.96 5.49 -11.73
O3 NAG W . 49.37 6.81 -10.64
O4 NAG W . 51.73 5.12 -10.42
O5 NAG W . 48.99 2.60 -10.39
O6 NAG W . 51.04 2.39 -8.23
O7 NAG W . 45.85 6.53 -10.07
C1 NAG W . 52.44 5.84 -9.29
C2 NAG W . 53.98 5.92 -9.65
C3 NAG W . 54.71 6.66 -8.49
C4 NAG W . 54.09 8.09 -8.27
C5 NAG W . 52.56 7.91 -7.94
C6 NAG W . 51.81 9.24 -7.77
C7 NAG W . 55.05 4.00 -10.86
C8 NAG W . 55.52 2.58 -10.85
N2 NAG W . 54.48 4.52 -9.75
O3 NAG W . 56.11 6.81 -8.83
O4 NAG W . 54.75 8.75 -7.19
O5 NAG W . 51.89 7.17 -9.05
O6 NAG W . 52.12 9.89 -6.54
O7 NAG W . 55.18 4.68 -11.88
C1 NAG X . 30.37 -34.45 -6.63
C2 NAG X . 31.68 -35.08 -7.25
C3 NAG X . 31.32 -35.75 -8.61
C4 NAG X . 30.20 -36.85 -8.39
C5 NAG X . 28.95 -36.15 -7.73
C6 NAG X . 27.83 -37.14 -7.39
C7 NAG X . 33.78 -33.80 -6.74
C8 NAG X . 34.71 -32.67 -7.05
N2 NAG X . 32.69 -33.99 -7.49
O3 NAG X . 32.52 -36.34 -9.16
O4 NAG X . 29.77 -37.38 -9.67
O5 NAG X . 29.34 -35.49 -6.46
O6 NAG X . 26.63 -36.46 -7.03
O7 NAG X . 34.04 -34.54 -5.79
C1 NAG X . 30.24 -38.78 -10.00
C2 NAG X . 29.41 -39.34 -11.21
C3 NAG X . 29.91 -40.81 -11.50
C4 NAG X . 31.46 -40.79 -11.81
C5 NAG X . 32.21 -40.16 -10.58
C6 NAG X . 33.72 -39.96 -10.82
C7 NAG X . 27.04 -38.63 -11.51
C8 NAG X . 25.61 -38.70 -11.08
N2 NAG X . 27.97 -39.36 -10.86
O3 NAG X . 29.20 -41.35 -12.63
O4 NAG X . 31.92 -42.11 -12.04
O5 NAG X . 31.66 -38.81 -10.30
O6 NAG X . 34.35 -39.28 -9.74
O7 NAG X . 27.34 -37.91 -12.47
C1 NAG Y . 19.47 -39.14 10.95
C2 NAG Y . 19.44 -40.58 10.28
C3 NAG Y . 17.95 -40.92 9.93
C4 NAG Y . 17.05 -40.87 11.22
C5 NAG Y . 17.17 -39.43 11.83
C6 NAG Y . 16.35 -39.23 13.11
C7 NAG Y . 21.54 -40.87 8.96
C8 NAG Y . 22.28 -40.74 7.66
N2 NAG Y . 20.25 -40.50 9.03
O3 NAG Y . 17.91 -42.26 9.37
O4 NAG Y . 15.67 -41.11 10.86
O5 NAG Y . 18.59 -39.12 12.14
O6 NAG Y . 16.63 -40.19 14.13
O7 NAG Y . 22.14 -41.31 9.95
C1 NAG Y . 15.05 -42.38 11.39
C2 NAG Y . 13.48 -42.30 11.21
C3 NAG Y . 12.86 -43.64 11.75
C4 NAG Y . 13.47 -44.87 10.99
C5 NAG Y . 15.03 -44.86 11.20
C6 NAG Y . 15.76 -45.96 10.43
C7 NAG Y . 12.11 -40.23 11.51
C8 NAG Y . 11.65 -39.10 12.39
N2 NAG Y . 12.97 -41.15 12.00
O3 NAG Y . 11.43 -43.62 11.56
O4 NAG Y . 12.91 -46.08 11.51
O5 NAG Y . 15.59 -43.57 10.71
O6 NAG Y . 15.58 -47.26 11.02
O7 NAG Y . 11.69 -40.29 10.35
C1 NAG Z . 36.38 -35.98 -0.51
C2 NAG Z . 34.93 -36.59 -0.30
C3 NAG Z . 35.00 -37.70 0.81
C4 NAG Z . 36.03 -38.81 0.40
C5 NAG Z . 37.44 -38.12 0.18
C6 NAG Z . 38.52 -39.08 -0.32
C7 NAG Z . 33.18 -34.86 -0.64
C8 NAG Z . 32.36 -33.73 -0.09
N2 NAG Z . 34.04 -35.48 0.16
O3 NAG Z . 33.69 -38.28 0.94
O4 NAG Z . 36.19 -39.76 1.49
O5 NAG Z . 37.31 -37.06 -0.85
O6 NAG Z . 39.82 -38.53 -0.15
O7 NAG Z . 33.04 -35.18 -1.83
C1 NAG Z . 35.57 -41.13 1.32
C2 NAG Z . 36.32 -42.12 2.28
C3 NAG Z . 35.65 -43.54 2.12
C4 NAG Z . 34.12 -43.46 2.46
C5 NAG Z . 33.45 -42.42 1.47
C6 NAG Z . 31.96 -42.20 1.77
C7 NAG Z . 38.77 -41.80 2.64
C8 NAG Z . 40.18 -41.92 2.13
N2 NAG Z . 37.75 -42.22 1.87
O3 NAG Z . 36.28 -44.47 3.03
O4 NAG Z . 33.53 -44.75 2.29
O5 NAG Z . 34.13 -41.10 1.61
O6 NAG Z . 31.32 -41.48 0.71
O7 NAG Z . 38.58 -41.32 3.77
C1 NAG AA . 44.86 -22.89 6.77
C2 NAG AA . 45.12 -21.99 8.06
C3 NAG AA . 46.65 -21.67 8.08
C4 NAG AA . 47.51 -22.99 8.11
C5 NAG AA . 47.13 -23.84 6.86
C6 NAG AA . 47.82 -25.20 6.79
C7 NAG AA . 43.20 -20.51 8.61
C8 NAG AA . 42.46 -19.22 8.40
N2 NAG AA . 44.33 -20.75 7.93
O3 NAG AA . 46.94 -20.88 9.24
O4 NAG AA . 48.92 -22.67 7.90
O5 NAG AA . 45.67 -24.10 6.83
O6 NAG AA . 47.60 -25.99 7.95
O7 NAG AA . 42.74 -21.33 9.41
C1 NAG AA . 49.84 -22.64 9.09
C2 NAG AA . 51.30 -22.95 8.57
C3 NAG AA . 52.29 -22.88 9.78
C4 NAG AA . 52.22 -21.47 10.45
C5 NAG AA . 50.74 -21.21 10.93
C6 NAG AA . 50.54 -19.81 11.51
C7 NAG AA . 52.00 -24.62 6.85
C8 NAG AA . 51.96 -26.01 6.29
N2 NAG AA . 51.30 -24.32 7.97
O3 NAG AA . 53.63 -23.10 9.32
O4 NAG AA . 53.10 -21.40 11.56
O5 NAG AA . 49.80 -21.34 9.77
O6 NAG AA . 51.07 -18.77 10.68
O7 NAG AA . 52.70 -23.76 6.27
C1 NAG BA . 52.61 -26.71 0.06
C2 NAG BA . 52.65 -26.80 1.65
C3 NAG BA . 54.04 -27.44 2.03
C4 NAG BA . 54.13 -28.88 1.40
C5 NAG BA . 53.99 -28.76 -0.16
C6 NAG BA . 53.95 -30.12 -0.86
C7 NAG BA . 51.21 -25.08 2.73
C8 NAG BA . 51.00 -23.73 3.38
N2 NAG BA . 52.44 -25.48 2.30
O3 NAG BA . 54.22 -27.48 3.45
O4 NAG BA . 55.41 -29.53 1.69
O5 NAG BA . 52.72 -28.07 -0.50
O6 NAG BA . 54.00 -29.99 -2.28
O7 NAG BA . 50.22 -25.82 2.59
C1 NAG BA . 55.63 -30.10 3.09
C2 NAG BA . 55.85 -31.67 2.98
C3 NAG BA . 56.08 -32.20 4.44
C4 NAG BA . 57.32 -31.48 5.09
C5 NAG BA . 57.04 -29.92 5.12
C6 NAG BA . 58.24 -29.12 5.64
C7 NAG BA . 54.63 -33.31 1.55
C8 NAG BA . 53.34 -33.87 1.03
N2 NAG BA . 54.62 -32.29 2.42
O3 NAG BA . 56.33 -33.63 4.41
O4 NAG BA . 57.53 -31.96 6.42
O5 NAG BA . 56.76 -29.44 3.73
O6 NAG BA . 57.93 -27.74 5.78
O7 NAG BA . 55.71 -33.81 1.15
C1 NAG CA . -12.44 -11.63 44.45
C2 NAG CA . -13.74 -11.14 45.22
C3 NAG CA . -13.31 -9.98 46.19
C4 NAG CA . -12.21 -10.50 47.19
C5 NAG CA . -10.99 -11.03 46.36
C6 NAG CA . -9.92 -11.69 47.22
C7 NAG CA . -15.74 -11.46 43.76
C8 NAG CA . -16.71 -10.96 42.74
N2 NAG CA . -14.74 -10.67 44.22
O3 NAG CA . -14.46 -9.55 46.92
O4 NAG CA . -11.72 -9.38 47.98
O5 NAG CA . -11.43 -12.07 45.42
O6 NAG CA . -10.42 -12.72 48.05
O7 NAG CA . -15.87 -12.63 44.16
C1 NAG CA . -12.11 -9.37 49.45
C2 NAG CA . -11.07 -8.49 50.23
C3 NAG CA . -11.50 -8.46 51.74
C4 NAG CA . -12.97 -7.91 51.88
C5 NAG CA . -13.92 -8.83 51.04
C6 NAG CA . -15.38 -8.33 51.03
C7 NAG CA . -8.70 -8.56 49.46
C8 NAG CA . -7.38 -9.28 49.42
N2 NAG CA . -9.72 -9.11 50.14
O3 NAG CA . -10.61 -7.61 52.48
O4 NAG CA . -13.36 -7.92 53.25
O5 NAG CA . -13.47 -8.86 49.62
O6 NAG CA . -15.52 -7.01 50.50
O7 NAG CA . -8.81 -7.48 48.87
C1 NAG DA . -2.18 -23.79 23.27
C2 NAG DA . -2.04 -24.94 22.18
C3 NAG DA . -3.48 -25.48 21.84
C4 NAG DA . -4.16 -26.03 23.13
C5 NAG DA . -4.24 -24.85 24.17
C6 NAG DA . -4.85 -25.22 25.52
C7 NAG DA . -0.10 -24.38 20.72
C8 NAG DA . 0.47 -23.74 19.49
N2 NAG DA . -1.43 -24.34 20.96
O3 NAG DA . -3.35 -26.53 20.86
O4 NAG DA . -5.50 -26.50 22.80
O5 NAG DA . -2.88 -24.32 24.45
O6 NAG DA . -4.18 -26.32 26.15
O7 NAG DA . 0.68 -24.94 21.50
C1 NAG DA . -5.86 -27.90 23.25
C2 NAG DA . -7.44 -28.03 23.30
C3 NAG DA . -7.80 -29.47 23.79
C4 NAG DA . -7.15 -30.54 22.83
C5 NAG DA . -5.59 -30.33 22.82
C6 NAG DA . -4.88 -31.27 21.86
C7 NAG DA . -8.71 -25.98 23.96
C8 NAG DA . -9.18 -25.04 25.04
N2 NAG DA . -7.97 -27.04 24.29
O3 NAG DA . -9.22 -29.64 23.78
O4 NAG DA . -7.46 -31.85 23.32
O5 NAG DA . -5.29 -28.92 22.39
O6 NAG DA . -3.46 -31.22 22.02
O7 NAG DA . -9.02 -25.75 22.78
C1 NAG EA . -29.22 -15.23 -10.95
C2 NAG EA . -28.82 -16.77 -10.95
C3 NAG EA . -28.15 -17.07 -12.34
C4 NAG EA . -29.15 -16.76 -13.51
C5 NAG EA . -29.60 -15.26 -13.39
C6 NAG EA . -30.68 -14.87 -14.41
C7 NAG EA . -28.29 -17.67 -8.69
C8 NAG EA . -27.30 -17.92 -7.59
N2 NAG EA . -27.89 -17.05 -9.83
O3 NAG EA . -27.74 -18.45 -12.36
O4 NAG EA . -28.45 -16.86 -14.78
O5 NAG EA . -30.18 -14.99 -12.04
O6 NAG EA . -31.81 -15.75 -14.38
O7 NAG EA . -29.47 -18.02 -8.53
C1 NAG EA . -28.56 -18.14 -15.58
C2 NAG EA . -28.47 -17.76 -17.10
C3 NAG EA . -28.51 -19.09 -17.95
C4 NAG EA . -27.34 -20.03 -17.53
C5 NAG EA . -27.50 -20.35 -16.00
C6 NAG EA . -26.38 -21.24 -15.46
C7 NAG EA . -29.57 -15.80 -18.20
C8 NAG EA . -30.81 -15.00 -18.49
N2 NAG EA . -29.65 -16.91 -17.45
O3 NAG EA . -28.37 -18.76 -19.36
O4 NAG EA . -27.40 -21.24 -18.29
O5 NAG EA . -27.50 -19.09 -15.22
O6 NAG EA . -25.07 -20.75 -15.77
O7 NAG EA . -28.48 -15.40 -18.66
C1 NAG FA . -26.48 -0.72 14.64
C2 NAG FA . -25.22 -0.98 15.60
C3 NAG FA . -25.59 -0.47 17.03
C4 NAG FA . -25.92 1.06 16.97
C5 NAG FA . -27.13 1.25 16.00
C6 NAG FA . -27.45 2.72 15.75
C7 NAG FA . -23.73 -2.96 15.61
C8 NAG FA . -23.54 -4.45 15.65
N2 NAG FA . -24.96 -2.44 15.62
O3 NAG FA . -24.48 -0.67 17.91
O4 NAG FA . -26.32 1.52 18.31
O5 NAG FA . -26.79 0.71 14.67
O6 NAG FA . -28.54 2.90 14.85
O7 NAG FA . -22.72 -2.25 15.57
C1 NAG FA . -25.53 2.69 18.89
C2 NAG FA . -26.45 3.50 19.88
C3 NAG FA . -25.60 4.71 20.42
C4 NAG FA . -24.30 4.20 21.13
C5 NAG FA . -23.48 3.36 20.09
C6 NAG FA . -22.25 2.71 20.69
C7 NAG FA . -28.89 3.71 19.47
C8 NAG FA . -30.01 4.29 18.66
N2 NAG FA . -27.63 4.04 19.16
O3 NAG FA . -26.41 5.45 21.35
O4 NAG FA . -23.53 5.37 21.52
O5 NAG FA . -24.32 2.24 19.56
O6 NAG FA . -22.56 1.80 21.76
O7 NAG FA . -29.16 2.93 20.39
C1 BMA FA . -23.12 5.44 22.98
C2 BMA FA . -21.91 6.43 23.13
C3 BMA FA . -21.48 6.44 24.62
C4 BMA FA . -22.69 6.86 25.49
C5 BMA FA . -23.86 5.86 25.25
C6 BMA FA . -25.12 6.20 26.05
O2 BMA FA . -22.27 7.73 22.67
O3 BMA FA . -20.39 7.40 24.78
O4 BMA FA . -22.32 6.84 26.87
O5 BMA FA . -24.21 5.83 23.82
O6 BMA FA . -25.40 7.60 26.10
C1 MAN FA . -19.18 6.90 25.55
C2 MAN FA . -18.23 8.11 25.90
C3 MAN FA . -17.59 8.63 24.57
C4 MAN FA . -16.80 7.47 23.86
C5 MAN FA . -17.83 6.29 23.56
C6 MAN FA . -17.19 5.06 22.93
O2 MAN FA . -17.24 7.71 26.86
O3 MAN FA . -16.69 9.71 24.87
O4 MAN FA . -16.24 7.95 22.64
O5 MAN FA . -18.45 5.84 24.83
O6 MAN FA . -16.97 5.19 21.52
C1 MAN FA . -26.29 8.15 25.02
C2 MAN FA . -25.52 9.27 24.24
C3 MAN FA . -25.29 10.47 25.22
C4 MAN FA . -26.66 10.98 25.78
C5 MAN FA . -27.38 9.80 26.51
C6 MAN FA . -28.78 10.16 27.02
O2 MAN FA . -26.24 9.68 23.07
O3 MAN FA . -24.55 11.50 24.56
O4 MAN FA . -26.42 12.05 26.70
O5 MAN FA . -27.56 8.65 25.56
O6 MAN FA . -29.66 10.58 25.98
C1 NAG GA . -21.98 -25.83 -9.80
C2 NAG GA . -21.37 -25.56 -11.24
C3 NAG GA . -21.59 -26.84 -12.12
C4 NAG GA . -20.92 -28.08 -11.42
C5 NAG GA . -21.53 -28.26 -10.00
C6 NAG GA . -20.92 -29.40 -9.19
C7 NAG GA . -21.56 -23.16 -11.91
C8 NAG GA . -22.37 -22.05 -12.50
N2 NAG GA . -22.08 -24.40 -11.83
O3 NAG GA . -21.03 -26.62 -13.43
O4 NAG GA . -21.20 -29.29 -12.18
O5 NAG GA . -21.34 -27.02 -9.22
O6 NAG GA . -19.50 -29.34 -9.12
O7 NAG GA . -20.41 -22.93 -11.51
C1 NAG GA . -20.03 -29.91 -12.90
C2 NAG GA . -20.37 -31.43 -13.18
C3 NAG GA . -19.16 -32.06 -13.95
C4 NAG GA . -18.90 -31.28 -15.28
C5 NAG GA . -18.60 -29.77 -14.93
C6 NAG GA . -18.41 -28.87 -16.16
C7 NAG GA . -21.68 -32.78 -11.55
C8 NAG GA . -21.78 -33.46 -10.20
N2 NAG GA . -20.56 -32.14 -11.89
O3 NAG GA . -19.47 -33.43 -14.28
O4 NAG GA . -17.78 -31.85 -15.97
O5 NAG GA . -19.74 -29.21 -14.14
O6 NAG GA . -19.54 -28.90 -17.04
O7 NAG GA . -22.65 -32.85 -12.32
C1 NAG HA . -36.29 -3.42 21.75
C2 NAG HA . -37.73 -4.07 21.95
C3 NAG HA . -38.80 -3.00 21.49
C4 NAG HA . -38.64 -1.67 22.30
C5 NAG HA . -37.17 -1.13 22.08
C6 NAG HA . -36.82 0.10 22.93
C7 NAG HA . -37.49 -6.52 21.54
C8 NAG HA . -37.54 -7.71 20.61
N2 NAG HA . -37.78 -5.29 21.09
O3 NAG HA . -40.10 -3.56 21.71
O4 NAG HA . -39.57 -0.68 21.78
O5 NAG HA . -36.21 -2.16 22.49
O6 NAG HA . -35.49 0.57 22.65
O7 NAG HA . -37.18 -6.71 22.72
C1 NAG HA . -40.53 -0.05 22.77
C2 NAG HA . -40.97 1.37 22.20
C3 NAG HA . -41.96 2.01 23.23
C4 NAG HA . -43.20 1.06 23.46
C5 NAG HA . -42.68 -0.32 23.99
C6 NAG HA . -43.78 -1.37 24.16
C7 NAG HA . -39.24 2.60 20.90
C8 NAG HA . -38.03 3.50 20.87
N2 NAG HA . -39.78 2.26 22.07
O3 NAG HA . -42.43 3.27 22.73
O4 NAG HA . -44.09 1.66 24.41
O5 NAG HA . -41.70 -0.89 23.01
O6 NAG HA . -44.64 -1.09 25.26
O7 NAG HA . -39.71 2.20 19.82
C1 NAG IA . -35.75 -10.06 27.17
C2 NAG IA . -35.46 -8.71 27.93
C3 NAG IA . -35.51 -8.96 29.46
C4 NAG IA . -36.92 -9.56 29.84
C5 NAG IA . -37.14 -10.88 29.03
C6 NAG IA . -38.50 -11.54 29.29
C7 NAG IA . -33.85 -7.23 26.70
C8 NAG IA . -32.45 -6.90 26.26
N2 NAG IA . -34.08 -8.31 27.49
O3 NAG IA . -35.34 -7.70 30.15
O4 NAG IA . -36.90 -9.92 31.25
O5 NAG IA . -37.06 -10.58 27.59
O6 NAG IA . -38.54 -12.86 28.76
O7 NAG IA . -34.78 -6.51 26.35
C1 NAG IA . -37.84 -9.15 32.14
C2 NAG IA . -37.86 -9.87 33.55
C3 NAG IA . -38.82 -9.07 34.49
C4 NAG IA . -38.34 -7.58 34.60
C5 NAG IA . -38.32 -6.95 33.15
C6 NAG IA . -37.79 -5.52 33.12
C7 NAG IA . -37.69 -12.37 33.63
C8 NAG IA . -38.32 -13.71 33.38
N2 NAG IA . -38.39 -11.26 33.35
O3 NAG IA . -38.81 -9.67 35.80
O4 NAG IA . -39.24 -6.85 35.45
O5 NAG IA . -37.43 -7.76 32.29
O6 NAG IA . -38.73 -4.57 33.63
O7 NAG IA . -36.53 -12.32 34.09
C1 NAG JA . -26.78 -23.78 21.78
C2 NAG JA . -25.48 -24.71 21.90
C3 NAG JA . -25.94 -26.16 21.49
C4 NAG JA . -27.09 -26.68 22.42
C5 NAG JA . -28.27 -25.66 22.33
C6 NAG JA . -29.44 -25.95 23.28
C7 NAG JA . -23.42 -23.46 21.32
C8 NAG JA . -22.44 -22.97 20.28
N2 NAG JA . -24.46 -24.20 20.95
O3 NAG JA . -24.81 -27.04 21.59
O4 NAG JA . -27.60 -27.93 21.87
O5 NAG JA . -27.82 -24.30 22.67
O6 NAG JA . -29.08 -25.82 24.65
O7 NAG JA . -23.24 -23.14 22.50
C1 NAG JA . -27.18 -29.22 22.52
C2 NAG JA . -28.39 -30.23 22.39
C3 NAG JA . -27.97 -31.60 23.02
C4 NAG JA . -26.68 -32.14 22.31
C5 NAG JA . -25.53 -31.08 22.47
C6 NAG JA . -24.25 -31.45 21.72
C7 NAG JA . -30.81 -29.76 22.72
C8 NAG JA . -31.92 -29.16 23.54
N2 NAG JA . -29.55 -29.68 23.15
O3 NAG JA . -29.03 -32.56 22.86
O4 NAG JA . -26.29 -33.39 22.90
O5 NAG JA . -25.98 -29.77 21.91
O6 NAG JA . -23.53 -32.51 22.36
O7 NAG JA . -31.10 -30.31 21.66
C1 NAG KA . -36.69 -27.15 19.12
C2 NAG KA . -35.81 -27.54 20.38
C3 NAG KA . -36.46 -28.82 21.03
C4 NAG KA . -37.94 -28.51 21.46
C5 NAG KA . -38.74 -28.03 20.19
C6 NAG KA . -40.15 -27.54 20.52
C7 NAG KA . -33.34 -27.15 20.47
C8 NAG KA . -31.96 -27.44 19.97
N2 NAG KA . -34.40 -27.80 19.94
O3 NAG KA . -35.66 -29.21 22.14
O4 NAG KA . -38.62 -29.73 21.90
O5 NAG KA . -38.06 -26.87 19.56
O6 NAG KA . -40.89 -27.21 19.36
O7 NAG KA . -33.48 -26.31 21.37
C1 NAG KA . -38.48 -30.18 23.35
C2 NAG KA . -39.78 -29.77 24.17
C3 NAG KA . -39.60 -30.31 25.64
C4 NAG KA . -39.37 -31.86 25.62
C5 NAG KA . -38.09 -32.18 24.76
C6 NAG KA . -37.81 -33.68 24.63
C7 NAG KA . -41.04 -27.61 24.18
C8 NAG KA . -41.04 -26.10 24.24
N2 NAG KA . -39.87 -28.28 24.23
O3 NAG KA . -40.80 -30.03 26.40
O4 NAG KA . -39.20 -32.35 26.96
O5 NAG KA . -38.27 -31.63 23.39
O6 NAG KA . -36.54 -33.93 24.03
O7 NAG KA . -42.12 -28.20 24.06
C1 NAG LA . -33.80 -0.41 11.09
C2 NAG LA . -33.05 0.90 11.59
C3 NAG LA . -34.10 2.05 11.67
C4 NAG LA . -34.77 2.29 10.28
C5 NAG LA . -35.42 0.93 9.80
C6 NAG LA . -35.93 0.92 8.35
C7 NAG LA . -31.16 0.67 13.18
C8 NAG LA . -30.66 0.31 14.55
N2 NAG LA . -32.46 0.59 12.92
O3 NAG LA . -33.42 3.24 12.12
O4 NAG LA . -35.83 3.25 10.54
O5 NAG LA . -34.40 -0.14 9.79
O6 NAG LA . -34.95 1.36 7.41
O7 NAG LA . -30.35 1.02 12.30
C1 NAG LA . -36.21 4.22 9.46
C2 NAG LA . -36.91 5.47 10.15
C3 NAG LA . -37.40 6.43 9.01
C4 NAG LA . -36.17 6.87 8.13
C5 NAG LA . -35.50 5.58 7.52
C6 NAG LA . -34.24 5.90 6.71
C7 NAG LA . -38.09 4.93 12.29
C8 NAG LA . -39.30 4.44 13.02
N2 NAG LA . -38.09 5.01 10.95
O3 NAG LA . -38.00 7.60 9.60
O4 NAG LA . -36.64 7.72 7.07
O5 NAG LA . -35.10 4.66 8.62
O6 NAG LA . -33.24 6.54 7.51
O7 NAG LA . -37.08 5.23 12.94
C1 NAG MA . -33.00 4.96 -25.59
C2 NAG MA . -32.51 6.39 -26.06
C3 NAG MA . -33.78 7.26 -26.36
C4 NAG MA . -34.63 6.56 -27.48
C5 NAG MA . -35.03 5.12 -27.01
C6 NAG MA . -35.78 4.32 -28.07
C7 NAG MA . -30.49 7.50 -25.11
C8 NAG MA . -29.73 8.05 -23.95
N2 NAG MA . -31.71 6.96 -24.95
O3 NAG MA . -33.36 8.56 -26.80
O4 NAG MA . -35.88 7.29 -27.70
O5 NAG MA . -33.81 4.35 -26.66
O6 NAG MA . -35.09 4.28 -29.32
O7 NAG MA . -29.96 7.58 -26.23
C1 NAG MA . -36.02 8.01 -29.01
C2 NAG MA . -37.54 8.35 -29.25
C3 NAG MA . -37.66 9.10 -30.63
C4 NAG MA . -36.77 10.40 -30.60
C5 NAG MA . -35.27 9.98 -30.33
C6 NAG MA . -34.33 11.17 -30.19
C7 NAG MA . -39.42 6.83 -28.60
C8 NAG MA . -40.12 5.50 -28.73
N2 NAG MA . -38.30 7.07 -29.31
O3 NAG MA . -39.03 9.48 -30.85
O4 NAG MA . -36.86 11.05 -31.86
O5 NAG MA . -35.20 9.22 -29.05
O6 NAG MA . -34.72 12.11 -29.18
O7 NAG MA . -39.89 7.69 -27.83
C1 NAG NA . -26.76 -39.43 -0.95
C2 NAG NA . -25.70 -38.71 -0.11
C3 NAG NA . -24.33 -38.85 -0.79
C4 NAG NA . -24.01 -40.32 -1.03
C5 NAG NA . -25.14 -40.97 -1.83
C6 NAG NA . -24.96 -42.46 -2.00
C7 NAG NA . -26.56 -36.78 1.12
C8 NAG NA . -27.97 -36.29 0.99
N2 NAG NA . -26.01 -37.30 0.03
O3 NAG NA . -23.35 -38.24 0.02
O4 NAG NA . -22.81 -40.41 -1.80
O5 NAG NA . -26.40 -40.79 -1.16
O6 NAG NA . -25.48 -42.91 -3.25
O7 NAG NA . -25.95 -36.70 2.18
C1 NAG NA . -21.78 -40.99 -0.98
C2 NAG NA . -20.53 -41.18 -1.84
C3 NAG NA . -19.43 -41.81 -1.00
C4 NAG NA . -19.17 -40.97 0.23
C5 NAG NA . -20.47 -40.78 1.02
C6 NAG NA . -20.33 -39.87 2.20
C7 NAG NA . -20.96 -43.32 -2.92
C8 NAG NA . -19.80 -44.15 -3.38
N2 NAG NA . -20.80 -42.01 -3.01
O3 NAG NA . -18.25 -41.95 -1.78
O4 NAG NA . -18.22 -41.62 1.07
O5 NAG NA . -21.49 -40.21 0.17
O6 NAG NA . -19.19 -39.01 2.07
O7 NAG NA . -21.99 -43.84 -2.50
C1 NAG OA . -45.70 -24.44 -5.56
C2 NAG OA . -46.45 -24.50 -6.88
C3 NAG OA . -46.60 -23.09 -7.45
C4 NAG OA . -47.27 -22.19 -6.42
C5 NAG OA . -46.49 -22.21 -5.12
C6 NAG OA . -47.16 -21.44 -4.00
C7 NAG OA . -46.46 -26.08 -8.75
C8 NAG OA . -45.61 -26.84 -9.73
N2 NAG OA . -45.79 -25.37 -7.85
O3 NAG OA . -47.34 -23.13 -8.66
O4 NAG OA . -47.27 -20.86 -6.92
O5 NAG OA . -46.35 -23.57 -4.64
O6 NAG OA . -46.25 -21.19 -2.93
O7 NAG OA . -47.69 -26.12 -8.78
C1 NAG OA . -48.61 -20.42 -7.16
C2 NAG OA . -48.71 -18.94 -6.78
C3 NAG OA . -50.13 -18.44 -7.07
C4 NAG OA . -50.48 -18.70 -8.52
C5 NAG OA . -50.32 -20.18 -8.83
C6 NAG OA . -50.55 -20.50 -10.29
C7 NAG OA . -47.50 -17.75 -5.03
C8 NAG OA . -46.06 -18.11 -5.13
N2 NAG OA . -48.37 -18.69 -5.40
O3 NAG OA . -50.20 -17.05 -6.76
O4 NAG OA . -51.85 -18.32 -8.75
O5 NAG OA . -48.98 -20.61 -8.52
O6 NAG OA . -49.93 -19.53 -11.14
O7 NAG OA . -47.89 -16.65 -4.64
C1 NAG PA . 19.78 17.46 51.65
C2 NAG PA . 20.14 18.14 53.04
C3 NAG PA . 18.84 18.24 53.91
C4 NAG PA . 17.76 19.08 53.13
C5 NAG PA . 17.48 18.41 51.74
C6 NAG PA . 16.49 19.19 50.88
C7 NAG PA . 22.45 17.72 53.87
C8 NAG PA . 23.45 16.81 54.52
N2 NAG PA . 21.18 17.32 53.71
O3 NAG PA . 19.14 18.90 55.15
O4 NAG PA . 16.56 19.13 53.90
O5 NAG PA . 18.76 18.29 50.98
O6 NAG PA . 16.13 18.45 49.71
O7 NAG PA . 22.82 18.84 53.49
C1 NAG QA . 20.94 -3.65 45.29
C2 NAG QA . 20.35 -2.75 46.46
C3 NAG QA . 20.64 -3.48 47.83
C4 NAG QA . 20.01 -4.91 47.83
C5 NAG QA . 20.63 -5.72 46.63
C6 NAG QA . 20.02 -7.12 46.47
C7 NAG QA . 20.58 -0.34 45.88
C8 NAG QA . 21.35 0.94 45.94
N2 NAG QA . 21.05 -1.44 46.47
O3 NAG QA . 20.05 -2.73 48.91
O4 NAG QA . 20.30 -5.57 49.07
O5 NAG QA . 20.37 -4.99 45.37
O6 NAG QA . 20.72 -7.87 45.48
O7 NAG QA . 19.49 -0.34 45.27
C1 NAG RA . 18.54 52.86 33.41
C2 NAG RA . 19.77 53.71 33.93
C3 NAG RA . 19.34 54.42 35.26
C4 NAG RA . 18.08 55.33 34.99
C5 NAG RA . 16.92 54.45 34.41
C6 NAG RA . 15.67 55.25 33.99
C7 NAG RA . 21.90 52.58 33.24
C8 NAG RA . 23.01 51.61 33.49
N2 NAG RA . 20.92 52.77 34.15
O3 NAG RA . 20.43 55.22 35.74
O4 NAG RA . 17.68 55.95 36.22
O5 NAG RA . 17.38 53.75 33.19
O6 NAG RA . 14.99 55.82 35.10
O7 NAG RA . 21.91 53.21 32.16
C1 NAG SA . 25.87 38.97 16.93
C2 NAG SA . 26.60 37.67 16.37
C3 NAG SA . 27.93 38.09 15.67
C4 NAG SA . 27.64 39.10 14.52
C5 NAG SA . 26.91 40.35 15.12
C6 NAG SA . 26.49 41.39 14.07
C7 NAG SA . 26.50 35.48 17.54
C8 NAG SA . 26.80 34.63 18.75
N2 NAG SA . 26.87 36.77 17.51
O3 NAG SA . 28.57 36.91 15.12
O4 NAG SA . 28.87 39.49 13.90
O5 NAG SA . 25.66 39.91 15.81
O6 NAG SA . 27.60 42.11 13.54
O7 NAG SA . 25.92 34.97 16.56
C1 NAG TA . 6.18 51.42 -12.35
C2 NAG TA . 6.65 50.66 -13.65
C3 NAG TA . 7.72 51.55 -14.38
C4 NAG TA . 7.10 52.95 -14.72
C5 NAG TA . 6.60 53.62 -13.40
C6 NAG TA . 5.89 54.96 -13.64
C7 NAG TA . 6.85 48.18 -13.84
C8 NAG TA . 7.40 46.87 -13.36
N2 NAG TA . 7.19 49.34 -13.24
O3 NAG TA . 8.14 50.89 -15.59
O4 NAG TA . 8.10 53.76 -15.33
O5 NAG TA . 5.62 52.73 -12.71
O6 NAG TA . 5.67 55.66 -12.41
O7 NAG TA . 6.06 48.17 -14.80
C1 NAG UA . 5.06 61.44 22.60
C2 NAG UA . 4.12 62.07 21.57
C3 NAG UA . 4.80 62.07 20.20
C4 NAG UA . 6.13 62.79 20.28
C5 NAG UA . 7.00 62.13 21.35
C6 NAG UA . 8.31 62.85 21.57
C7 NAG UA . 1.69 62.13 21.66
C8 NAG UA . 0.63 61.44 22.49
N2 NAG UA . 2.82 61.45 21.50
O3 NAG UA . 3.94 62.69 19.25
O4 NAG UA . 6.80 62.70 19.02
O5 NAG UA . 6.30 62.12 22.62
O6 NAG UA . 8.85 62.57 22.86
O7 NAG UA . 1.52 63.24 21.18
C1 NAG VA . -24.57 39.29 -21.61
C2 NAG VA . -25.42 38.42 -22.63
C3 NAG VA . -26.93 38.54 -22.24
C4 NAG VA . -27.14 38.05 -20.77
C5 NAG VA . -26.25 38.91 -19.81
C6 NAG VA . -26.29 38.42 -18.36
C7 NAG VA . -24.96 38.22 -25.06
C8 NAG VA . -24.70 38.86 -26.39
N2 NAG VA . -25.17 38.98 -23.98
O3 NAG VA . -27.72 37.72 -23.12
O4 NAG VA . -28.52 38.18 -20.41
O5 NAG VA . -24.83 38.82 -20.24
O6 NAG VA . -25.57 39.28 -17.49
O7 NAG VA . -24.96 36.97 -24.99
C1 NAG WA . -18.61 39.24 -7.65
C2 NAG WA . -18.81 40.75 -7.50
C3 NAG WA . -18.76 41.13 -6.03
C4 NAG WA . -19.78 40.31 -5.24
C5 NAG WA . -19.54 38.83 -5.47
C6 NAG WA . -20.58 37.96 -4.81
C7 NAG WA . -17.89 42.82 -8.42
C8 NAG WA . -16.61 43.49 -8.82
N2 NAG WA . -17.84 41.50 -8.25
O3 NAG WA . -19.00 42.52 -5.88
O4 NAG WA . -19.64 40.60 -3.85
O5 NAG WA . -19.57 38.53 -6.88
O6 NAG WA . -21.82 38.02 -5.50
O7 NAG WA . -18.93 43.46 -8.24
C1 NAG XA . 38.47 -28.98 25.90
C2 NAG XA . 39.79 -29.85 25.93
C3 NAG XA . 40.96 -28.97 26.48
C4 NAG XA . 41.14 -27.71 25.55
C5 NAG XA . 39.79 -26.91 25.52
C6 NAG XA . 39.82 -25.70 24.58
C7 NAG XA . 39.33 -32.27 26.33
C8 NAG XA . 39.05 -33.40 27.27
N2 NAG XA . 39.53 -31.02 26.81
O3 NAG XA . 42.17 -29.74 26.46
O4 NAG XA . 42.17 -26.89 26.08
O5 NAG XA . 38.69 -27.80 25.05
O6 NAG XA . 38.66 -24.89 24.71
O7 NAG XA . 39.37 -32.50 25.11
C1 NAG YA . 19.93 -22.03 37.23
C2 NAG YA . 21.50 -22.28 37.13
C3 NAG YA . 21.98 -22.94 38.47
C4 NAG YA . 21.63 -22.02 39.68
C5 NAG YA . 20.08 -21.81 39.71
C6 NAG YA . 19.63 -20.84 40.80
C7 NAG YA . 22.39 -22.93 34.89
C8 NAG YA . 22.61 -23.99 33.86
N2 NAG YA . 21.77 -23.24 36.03
O3 NAG YA . 23.41 -23.13 38.42
O4 NAG YA . 22.05 -22.63 40.90
O5 NAG YA . 19.65 -21.22 38.42
O6 NAG YA . 18.21 -20.75 40.88
O7 NAG YA . 22.80 -21.78 34.66
C1 NAG ZA . 50.73 -28.88 -11.81
C2 NAG ZA . 51.52 -29.87 -12.77
C3 NAG ZA . 53.03 -29.88 -12.35
C4 NAG ZA . 53.62 -28.44 -12.43
C5 NAG ZA . 52.78 -27.48 -11.50
C6 NAG ZA . 53.20 -26.00 -11.61
C7 NAG ZA . 50.10 -31.77 -13.55
C8 NAG ZA . 49.56 -33.16 -13.34
N2 NAG ZA . 50.94 -31.24 -12.65
O3 NAG ZA . 53.75 -30.77 -13.22
O4 NAG ZA . 54.99 -28.48 -12.01
O5 NAG ZA . 51.34 -27.54 -11.91
O6 NAG ZA . 54.59 -25.75 -11.36
O7 NAG ZA . 49.73 -31.13 -14.55
C1 NAG AB . 28.19 -26.01 -13.86
C2 NAG AB . 26.64 -26.08 -13.46
C3 NAG AB . 25.95 -27.20 -14.31
C4 NAG AB . 26.11 -26.88 -15.83
C5 NAG AB . 27.63 -26.78 -16.17
C6 NAG AB . 27.90 -26.37 -17.62
C7 NAG AB . 25.86 -25.68 -11.15
C8 NAG AB . 25.85 -26.07 -9.70
N2 NAG AB . 26.55 -26.41 -12.02
O3 NAG AB . 24.55 -27.25 -13.99
O4 NAG AB . 25.51 -27.93 -16.60
O5 NAG AB . 28.27 -25.75 -15.32
O6 NAG AB . 27.33 -25.10 -17.95
O7 NAG AB . 25.23 -24.67 -11.50
C1 NAG BB . 27.02 0.34 -40.97
C2 NAG BB . 25.50 0.45 -41.44
C3 NAG BB . 25.32 -0.42 -42.73
C4 NAG BB . 26.28 0.10 -43.85
C5 NAG BB . 27.76 0.05 -43.33
C6 NAG BB . 28.75 0.65 -44.33
C7 NAG BB . 23.64 0.71 -39.82
C8 NAG BB . 22.82 0.18 -38.68
N2 NAG BB . 24.65 -0.02 -40.33
O3 NAG BB . 23.96 -0.33 -43.17
O4 NAG BB . 26.14 -0.70 -45.02
O5 NAG BB . 27.89 0.83 -42.07
O6 NAG BB . 30.11 0.39 -43.95
O7 NAG BB . 23.36 1.83 -40.28
C1 NAG CB . 30.02 -42.92 17.83
C2 NAG CB . 31.16 -43.49 18.78
C3 NAG CB . 31.01 -45.05 18.84
C4 NAG CB . 29.57 -45.42 19.38
C5 NAG CB . 28.48 -44.76 18.44
C6 NAG CB . 27.05 -45.00 18.92
C7 NAG CB . 33.56 -42.80 18.96
C8 NAG CB . 34.80 -42.27 18.30
N2 NAG CB . 32.45 -43.00 18.23
O3 NAG CB . 32.00 -45.62 19.73
O4 NAG CB . 29.42 -46.83 19.39
O5 NAG CB . 28.68 -43.29 18.36
O6 NAG CB . 26.82 -44.51 20.25
O7 NAG CB . 33.58 -43.04 20.17
C1 NAG DB . 55.70 -14.37 -23.83
C2 NAG DB . 56.36 -13.52 -25.00
C3 NAG DB . 55.31 -13.36 -26.15
C4 NAG DB . 54.86 -14.76 -26.66
C5 NAG DB . 54.27 -15.58 -25.46
C6 NAG DB . 53.90 -17.02 -25.84
C7 NAG DB . 58.06 -11.83 -24.33
C8 NAG DB . 58.39 -10.48 -23.77
N2 NAG DB . 56.78 -12.19 -24.47
O3 NAG DB . 55.88 -12.61 -27.24
O4 NAG DB . 53.87 -14.61 -27.68
O5 NAG DB . 55.27 -15.67 -24.36
O6 NAG DB . 53.21 -17.69 -24.79
O7 NAG DB . 59.00 -12.59 -24.64
C1 NAG EB . 26.85 34.25 -34.82
C2 NAG EB . 26.04 35.59 -34.51
C3 NAG EB . 27.05 36.67 -33.97
C4 NAG EB . 27.76 36.12 -32.67
C5 NAG EB . 28.51 34.79 -33.02
C6 NAG EB . 29.08 34.08 -31.78
C7 NAG EB . 24.24 36.70 -35.80
C8 NAG EB . 23.66 37.12 -37.11
N2 NAG EB . 25.40 36.04 -35.77
O3 NAG EB . 26.35 37.88 -33.64
O4 NAG EB . 28.69 37.11 -32.20
O5 NAG EB . 27.55 33.82 -33.60
O6 NAG EB . 30.09 34.83 -31.10
O7 NAG EB . 23.63 36.98 -34.74
C1 NAG FB . 32.79 23.23 -25.39
C2 NAG FB . 33.88 23.41 -26.55
C3 NAG FB . 35.18 22.63 -26.16
C4 NAG FB . 35.72 23.15 -24.79
C5 NAG FB . 34.60 22.97 -23.69
C6 NAG FB . 34.99 23.55 -22.34
C7 NAG FB . 33.28 23.55 -28.98
C8 NAG FB . 32.67 22.91 -30.20
N2 NAG FB . 33.32 22.87 -27.82
O3 NAG FB . 36.18 22.84 -27.18
O4 NAG FB . 36.89 22.41 -24.43
O5 NAG FB . 33.37 23.69 -24.12
O6 NAG FB . 35.24 24.95 -22.37
O7 NAG FB . 33.75 24.70 -29.06
C1 NAG GB . -16.24 -24.17 39.84
C2 NAG GB . -15.62 -25.18 40.92
C3 NAG GB . -15.36 -26.55 40.21
C4 NAG GB . -16.70 -27.12 39.63
C5 NAG GB . -17.30 -26.07 38.63
C6 NAG GB . -18.68 -26.45 38.09
C7 NAG GB . -14.20 -24.01 42.61
C8 NAG GB . -12.87 -23.45 43.01
N2 NAG GB . -14.34 -24.60 41.41
O3 NAG GB . -14.83 -27.48 41.17
O4 NAG GB . -16.42 -28.35 38.96
O5 NAG GB . -17.48 -24.76 39.31
O6 NAG GB . -18.64 -27.60 37.23
O7 NAG GB . -15.16 -23.92 43.40
C1 NAG HB . 3.37 -13.68 44.39
C2 NAG HB . 2.58 -15.05 44.49
C3 NAG HB . 2.81 -15.66 45.91
C4 NAG HB . 4.34 -15.85 46.17
C5 NAG HB . 5.04 -14.47 46.05
C6 NAG HB . 6.57 -14.54 46.21
C7 NAG HB . 0.44 -14.90 43.19
C8 NAG HB . -1.02 -14.60 43.15
N2 NAG HB . 1.12 -14.77 44.34
O3 NAG HB . 2.15 -16.95 46.01
O4 NAG HB . 4.55 -16.39 47.49
O5 NAG HB . 4.78 -13.91 44.70
O6 NAG HB . 7.15 -13.25 46.32
O7 NAG HB . 1.00 -15.26 42.15
C1 NAG IB . -23.39 1.06 38.93
C2 NAG IB . -24.78 1.78 38.67
C3 NAG IB . -24.61 3.32 38.92
C4 NAG IB . -24.12 3.57 40.39
C5 NAG IB . -22.76 2.81 40.59
C6 NAG IB . -22.23 2.91 42.03
C7 NAG IB . -26.39 1.14 36.88
C8 NAG IB . -26.71 0.94 35.43
N2 NAG IB . -25.18 1.56 37.25
O3 NAG IB . -25.89 3.97 38.74
O4 NAG IB . -23.95 4.98 40.58
O5 NAG IB . -22.95 1.36 40.31
O6 NAG IB . -21.81 4.22 42.39
O7 NAG IB . -27.28 0.92 37.71
C1 NAG JB . -45.50 -18.78 11.42
C2 NAG JB . -46.62 -19.24 12.46
C3 NAG JB . -47.45 -20.38 11.79
C4 NAG JB . -48.08 -19.87 10.44
C5 NAG JB . -46.93 -19.38 9.49
C6 NAG JB . -47.46 -18.76 8.19
C7 NAG JB . -46.01 -19.12 14.87
C8 NAG JB . -45.29 -19.71 16.05
N2 NAG JB . -45.95 -19.75 13.68
O3 NAG JB . -48.50 -20.78 12.69
O4 NAG JB . -48.80 -20.95 9.83
O5 NAG JB . -46.14 -18.33 10.19
O6 NAG JB . -46.42 -18.20 7.38
O7 NAG JB . -46.64 -18.07 15.02
C1 NAG KB . -25.38 -9.30 46.72
C2 NAG KB . -26.25 -10.24 47.68
C3 NAG KB . -27.11 -9.32 48.61
C4 NAG KB . -26.17 -8.37 49.43
C5 NAG KB . -25.31 -7.51 48.44
C6 NAG KB . -24.30 -6.60 49.15
C7 NAG KB . -26.89 -12.38 46.56
C8 NAG KB . -27.86 -13.14 45.69
N2 NAG KB . -27.14 -11.10 46.85
O3 NAG KB . -27.87 -10.14 49.52
O4 NAG KB . -26.98 -7.50 50.24
O5 NAG KB . -24.53 -8.41 47.54
O6 NAG KB . -23.64 -5.74 48.22
O7 NAG KB . -25.87 -12.96 46.97
C1 NAG LB . -7.55 -5.27 -45.93
C2 NAG LB . -6.50 -4.93 -47.08
C3 NAG LB . -6.12 -6.27 -47.79
C4 NAG LB . -5.50 -7.28 -46.76
C5 NAG LB . -6.56 -7.53 -45.62
C6 NAG LB . -6.05 -8.42 -44.49
C7 NAG LB . -7.05 -2.67 -47.99
C8 NAG LB . -7.77 -1.81 -48.97
N2 NAG LB . -7.18 -4.01 -48.04
O3 NAG LB . -5.14 -6.00 -48.81
O4 NAG LB . -5.19 -8.51 -47.40
O5 NAG LB . -6.93 -6.23 -44.99
O6 NAG LB . -7.10 -8.75 -43.56
O7 NAG LB . -6.34 -2.13 -47.13
C1 NAG MB . -12.14 -11.28 -33.79
C2 NAG MB . -11.27 -12.46 -33.34
C3 NAG MB . -12.16 -13.64 -33.00
C4 NAG MB . -13.19 -13.24 -31.97
C5 NAG MB . -13.99 -12.05 -32.46
C6 NAG MB . -14.96 -11.51 -31.44
C7 NAG MB . -10.52 -12.83 -35.65
C8 NAG MB . -9.50 -12.17 -36.51
N2 NAG MB . -10.27 -12.82 -34.34
O3 NAG MB . -11.36 -14.72 -32.53
O4 NAG MB . -14.09 -14.33 -31.74
O5 NAG MB . -13.11 -10.95 -32.80
O6 NAG MB . -15.36 -12.53 -30.52
O7 NAG MB . -11.53 -13.35 -36.11
#